data_2LWF
#
_entry.id   2LWF
#
_entity_poly.entity_id   1
_entity_poly.type   'polypeptide(L)'
_entity_poly.pdbx_seq_one_letter_code
;MASAVKSLTETELLPITEADSIPSASGVYAVYDKSDELQFVGISRNIAASVSAHLKSVPELCGSVKVGIVEEPDKAVLTQ
AWKLWIEEHIKVTGKVPPGNKSGNNTFVKVTLEHHHHHH
;
_entity_poly.pdbx_strand_id   A
#
# COMPACT_ATOMS: atom_id res chain seq x y z
N MET A 1 15.15 1.71 0.67
CA MET A 1 14.70 3.06 0.93
C MET A 1 15.92 3.93 1.18
N ALA A 2 15.78 5.21 0.93
CA ALA A 2 16.88 6.13 1.10
C ALA A 2 16.99 6.61 2.53
N SER A 3 15.86 6.90 3.13
CA SER A 3 15.80 7.41 4.48
C SER A 3 14.35 7.33 4.94
N ALA A 4 14.01 8.02 6.01
CA ALA A 4 12.65 8.09 6.49
C ALA A 4 11.80 8.75 5.43
N VAL A 5 10.96 7.95 4.84
CA VAL A 5 10.13 8.36 3.75
C VAL A 5 8.92 9.19 4.23
N LYS A 6 8.64 10.27 3.54
CA LYS A 6 7.46 11.04 3.83
C LYS A 6 6.51 10.91 2.66
N SER A 7 7.01 11.21 1.48
CA SER A 7 6.21 11.22 0.28
C SER A 7 6.63 10.11 -0.70
N LEU A 8 5.76 9.84 -1.69
CA LEU A 8 5.98 8.80 -2.72
C LEU A 8 7.19 9.10 -3.55
N THR A 9 7.49 10.36 -3.66
CA THR A 9 8.63 10.85 -4.40
C THR A 9 9.96 10.28 -3.80
N GLU A 10 9.91 9.85 -2.55
CA GLU A 10 11.07 9.31 -1.85
C GLU A 10 10.96 7.79 -1.74
N THR A 11 10.03 7.21 -2.45
CA THR A 11 9.77 5.82 -2.31
C THR A 11 10.32 5.01 -3.50
N GLU A 12 10.83 3.81 -3.21
CA GLU A 12 11.39 2.93 -4.23
C GLU A 12 10.29 2.08 -4.87
N LEU A 13 10.55 1.57 -6.05
CA LEU A 13 9.59 0.83 -6.82
C LEU A 13 9.98 -0.65 -6.85
N LEU A 14 9.00 -1.50 -6.60
CA LEU A 14 9.17 -2.94 -6.70
C LEU A 14 8.06 -3.51 -7.58
N PRO A 15 8.38 -4.47 -8.45
CA PRO A 15 7.38 -5.18 -9.24
C PRO A 15 6.63 -6.19 -8.37
N ILE A 16 5.34 -6.35 -8.62
CA ILE A 16 4.47 -7.22 -7.80
C ILE A 16 4.70 -8.71 -8.10
N THR A 17 5.35 -8.97 -9.20
CA THR A 17 5.61 -10.30 -9.66
C THR A 17 6.66 -10.98 -8.81
N GLU A 18 7.64 -10.22 -8.41
CA GLU A 18 8.70 -10.70 -7.57
C GLU A 18 8.38 -10.46 -6.11
N ALA A 19 7.21 -10.95 -5.71
CA ALA A 19 6.65 -10.79 -4.35
C ALA A 19 7.60 -11.32 -3.26
N ASP A 20 8.55 -12.14 -3.65
CA ASP A 20 9.53 -12.73 -2.72
C ASP A 20 10.52 -11.66 -2.28
N SER A 21 10.70 -10.68 -3.13
CA SER A 21 11.68 -9.65 -2.93
C SER A 21 11.08 -8.42 -2.24
N ILE A 22 9.82 -8.50 -1.89
CA ILE A 22 9.15 -7.41 -1.21
C ILE A 22 9.54 -7.48 0.27
N PRO A 23 10.02 -6.36 0.85
CA PRO A 23 10.41 -6.30 2.27
C PRO A 23 9.29 -6.75 3.23
N SER A 24 9.65 -7.62 4.12
CA SER A 24 8.76 -8.18 5.12
C SER A 24 8.83 -7.34 6.40
N ALA A 25 8.92 -6.07 6.21
CA ALA A 25 9.14 -5.11 7.26
C ALA A 25 7.88 -4.29 7.47
N SER A 26 7.93 -3.41 8.46
CA SER A 26 6.82 -2.58 8.79
C SER A 26 6.95 -1.26 8.05
N GLY A 27 5.85 -0.75 7.57
CA GLY A 27 5.89 0.48 6.87
C GLY A 27 4.62 0.72 6.11
N VAL A 28 4.73 1.49 5.10
CA VAL A 28 3.61 1.86 4.27
C VAL A 28 3.90 1.42 2.84
N TYR A 29 2.89 1.08 2.10
CA TYR A 29 3.07 0.67 0.74
C TYR A 29 2.01 1.29 -0.17
N ALA A 30 2.38 1.52 -1.39
CA ALA A 30 1.52 2.11 -2.38
C ALA A 30 1.40 1.17 -3.55
N VAL A 31 0.19 0.73 -3.81
CA VAL A 31 -0.07 -0.17 -4.89
C VAL A 31 -0.43 0.60 -6.16
N TYR A 32 0.37 0.37 -7.18
CA TYR A 32 0.21 0.95 -8.48
C TYR A 32 -0.25 -0.11 -9.46
N ASP A 33 -1.28 0.19 -10.19
CA ASP A 33 -1.79 -0.76 -11.17
C ASP A 33 -0.90 -0.78 -12.41
N LYS A 34 -1.33 -1.54 -13.40
CA LYS A 34 -0.62 -1.72 -14.65
C LYS A 34 -0.36 -0.40 -15.41
N SER A 35 -1.21 0.59 -15.21
CA SER A 35 -1.08 1.88 -15.89
C SER A 35 -0.25 2.88 -15.06
N ASP A 36 0.26 2.39 -13.93
CA ASP A 36 1.04 3.18 -12.98
C ASP A 36 0.22 4.32 -12.40
N GLU A 37 -0.74 3.92 -11.62
CA GLU A 37 -1.56 4.80 -10.87
C GLU A 37 -1.75 4.27 -9.52
N LEU A 38 -1.83 5.16 -8.60
CA LEU A 38 -1.97 4.82 -7.23
C LEU A 38 -3.41 4.71 -6.92
N GLN A 39 -3.80 3.54 -6.57
CA GLN A 39 -5.16 3.26 -6.25
C GLN A 39 -5.30 2.69 -4.84
N PHE A 40 -4.20 2.24 -4.24
CA PHE A 40 -4.31 1.73 -2.88
C PHE A 40 -3.04 1.96 -2.07
N VAL A 41 -3.15 2.77 -1.05
CA VAL A 41 -2.07 2.94 -0.08
C VAL A 41 -2.52 2.34 1.23
N GLY A 42 -1.62 1.70 1.91
CA GLY A 42 -1.95 1.10 3.17
C GLY A 42 -0.74 0.94 4.02
N ILE A 43 -0.97 0.79 5.30
CA ILE A 43 0.09 0.59 6.25
C ILE A 43 -0.04 -0.80 6.87
N SER A 44 1.07 -1.46 7.07
CA SER A 44 1.06 -2.80 7.60
C SER A 44 2.36 -3.05 8.38
N ARG A 45 2.34 -4.01 9.29
CA ARG A 45 3.53 -4.37 10.05
C ARG A 45 4.39 -5.25 9.16
N ASN A 46 3.77 -5.87 8.19
CA ASN A 46 4.51 -6.62 7.21
C ASN A 46 3.96 -6.32 5.86
N ILE A 47 4.71 -5.53 5.13
CA ILE A 47 4.37 -5.11 3.80
C ILE A 47 4.22 -6.30 2.86
N ALA A 48 5.27 -7.11 2.75
CA ALA A 48 5.33 -8.28 1.85
C ALA A 48 4.12 -9.17 1.99
N ALA A 49 3.81 -9.55 3.22
CA ALA A 49 2.70 -10.43 3.50
C ALA A 49 1.39 -9.84 3.01
N SER A 50 1.13 -8.60 3.41
CA SER A 50 -0.09 -7.92 3.06
C SER A 50 -0.21 -7.77 1.53
N VAL A 51 0.88 -7.30 0.91
CA VAL A 51 0.95 -7.09 -0.53
C VAL A 51 0.65 -8.39 -1.28
N SER A 52 1.38 -9.43 -0.95
CA SER A 52 1.24 -10.72 -1.61
C SER A 52 -0.19 -11.30 -1.42
N ALA A 53 -0.76 -11.07 -0.25
CA ALA A 53 -2.08 -11.55 0.06
C ALA A 53 -3.16 -10.86 -0.80
N HIS A 54 -3.25 -9.54 -0.72
CA HIS A 54 -4.32 -8.84 -1.46
C HIS A 54 -4.10 -8.74 -2.95
N LEU A 55 -2.87 -8.79 -3.41
CA LEU A 55 -2.63 -8.72 -4.85
C LEU A 55 -2.93 -10.02 -5.56
N LYS A 56 -2.85 -11.11 -4.85
CA LYS A 56 -3.22 -12.39 -5.43
C LYS A 56 -4.71 -12.63 -5.31
N SER A 57 -5.33 -11.87 -4.43
CA SER A 57 -6.74 -11.95 -4.24
C SER A 57 -7.43 -11.15 -5.36
N VAL A 58 -6.99 -9.91 -5.53
CA VAL A 58 -7.50 -9.05 -6.57
C VAL A 58 -6.33 -8.50 -7.44
N PRO A 59 -5.91 -9.29 -8.45
CA PRO A 59 -4.76 -8.97 -9.33
C PRO A 59 -5.00 -7.83 -10.32
N GLU A 60 -6.08 -7.10 -10.15
CA GLU A 60 -6.35 -5.98 -11.02
C GLU A 60 -5.30 -4.90 -10.82
N LEU A 61 -4.90 -4.68 -9.59
CA LEU A 61 -3.93 -3.65 -9.28
C LEU A 61 -2.50 -4.17 -9.37
N CYS A 62 -2.31 -5.26 -10.08
CA CYS A 62 -1.00 -5.79 -10.27
C CYS A 62 -0.25 -5.04 -11.35
N GLY A 63 0.59 -4.15 -10.91
CA GLY A 63 1.47 -3.43 -11.79
C GLY A 63 2.79 -3.23 -11.13
N SER A 64 2.80 -2.49 -10.05
CA SER A 64 3.99 -2.24 -9.29
C SER A 64 3.61 -1.75 -7.90
N VAL A 65 4.53 -1.79 -7.00
CA VAL A 65 4.27 -1.36 -5.65
C VAL A 65 5.46 -0.54 -5.14
N LYS A 66 5.15 0.54 -4.49
CA LYS A 66 6.17 1.35 -3.88
C LYS A 66 6.11 1.14 -2.39
N VAL A 67 7.22 0.78 -1.81
CA VAL A 67 7.25 0.44 -0.40
C VAL A 67 8.09 1.41 0.40
N GLY A 68 7.58 1.82 1.52
CA GLY A 68 8.25 2.73 2.36
C GLY A 68 8.49 2.14 3.72
N ILE A 69 9.67 1.61 3.90
CA ILE A 69 10.04 0.98 5.14
C ILE A 69 10.65 2.02 6.05
N VAL A 70 10.07 2.20 7.18
CA VAL A 70 10.61 3.07 8.16
C VAL A 70 10.98 2.24 9.37
N GLU A 71 12.23 2.34 9.78
CA GLU A 71 12.75 1.56 10.90
C GLU A 71 12.22 2.02 12.25
N GLU A 72 11.54 3.14 12.24
CA GLU A 72 10.89 3.65 13.40
C GLU A 72 9.49 3.07 13.43
N PRO A 73 9.11 2.35 14.50
CA PRO A 73 7.81 1.68 14.60
C PRO A 73 6.69 2.61 15.07
N ASP A 74 6.85 3.88 14.80
CA ASP A 74 5.90 4.86 15.21
C ASP A 74 4.70 4.87 14.29
N LYS A 75 3.54 4.80 14.89
CA LYS A 75 2.30 4.70 14.17
C LYS A 75 1.96 5.98 13.43
N ALA A 76 2.36 7.11 13.98
CA ALA A 76 2.04 8.37 13.35
C ALA A 76 2.90 8.57 12.15
N VAL A 77 4.16 8.18 12.22
CA VAL A 77 5.06 8.26 11.06
C VAL A 77 4.51 7.43 9.91
N LEU A 78 4.02 6.23 10.23
CA LEU A 78 3.39 5.35 9.23
C LEU A 78 2.20 6.04 8.59
N THR A 79 1.35 6.60 9.42
CA THR A 79 0.12 7.24 8.99
C THR A 79 0.41 8.57 8.24
N GLN A 80 1.45 9.26 8.67
CA GLN A 80 1.87 10.49 8.07
C GLN A 80 2.38 10.23 6.66
N ALA A 81 3.23 9.22 6.52
CA ALA A 81 3.74 8.83 5.22
C ALA A 81 2.57 8.47 4.31
N TRP A 82 1.68 7.63 4.83
CA TRP A 82 0.45 7.22 4.16
C TRP A 82 -0.30 8.44 3.62
N LYS A 83 -0.38 9.45 4.45
CA LYS A 83 -1.09 10.68 4.15
C LYS A 83 -0.43 11.43 2.99
N LEU A 84 0.89 11.62 3.05
CA LEU A 84 1.62 12.29 1.96
C LEU A 84 1.51 11.50 0.66
N TRP A 85 1.54 10.19 0.79
CA TRP A 85 1.43 9.29 -0.33
C TRP A 85 0.09 9.42 -1.04
N ILE A 86 -0.99 9.30 -0.27
CA ILE A 86 -2.31 9.42 -0.85
C ILE A 86 -2.50 10.82 -1.42
N GLU A 87 -2.03 11.84 -0.66
CA GLU A 87 -2.12 13.21 -1.13
C GLU A 87 -1.39 13.46 -2.43
N GLU A 88 -0.21 12.83 -2.67
CA GLU A 88 0.47 13.00 -3.96
C GLU A 88 -0.46 12.63 -5.10
N HIS A 89 -1.14 11.51 -4.99
CA HIS A 89 -2.03 11.12 -6.06
C HIS A 89 -3.34 11.85 -6.06
N ILE A 90 -3.81 12.26 -4.90
CA ILE A 90 -5.00 13.12 -4.82
C ILE A 90 -4.74 14.44 -5.56
N LYS A 91 -3.58 15.02 -5.33
CA LYS A 91 -3.21 16.27 -5.96
C LYS A 91 -3.00 16.11 -7.47
N VAL A 92 -2.22 15.12 -7.88
CA VAL A 92 -1.89 14.98 -9.30
C VAL A 92 -3.00 14.34 -10.17
N THR A 93 -3.78 13.42 -9.62
CA THR A 93 -4.80 12.75 -10.43
C THR A 93 -6.19 12.73 -9.74
N GLY A 94 -6.20 12.70 -8.43
CA GLY A 94 -7.44 12.78 -7.70
C GLY A 94 -8.04 11.42 -7.41
N LYS A 95 -7.27 10.38 -7.55
CA LYS A 95 -7.76 9.04 -7.31
C LYS A 95 -7.89 8.69 -5.85
N VAL A 96 -9.10 8.38 -5.46
CA VAL A 96 -9.42 7.89 -4.12
C VAL A 96 -10.44 6.75 -4.32
N PRO A 97 -9.96 5.56 -4.66
CA PRO A 97 -10.80 4.39 -4.95
C PRO A 97 -11.37 3.72 -3.68
N PRO A 98 -12.44 2.90 -3.85
CA PRO A 98 -13.13 2.18 -2.73
C PRO A 98 -12.21 1.34 -1.86
N GLY A 99 -11.07 0.95 -2.41
CA GLY A 99 -10.11 0.14 -1.68
C GLY A 99 -9.49 0.88 -0.52
N ASN A 100 -9.37 2.19 -0.64
CA ASN A 100 -8.76 2.99 0.39
C ASN A 100 -9.82 3.58 1.32
N LYS A 101 -11.05 3.41 0.92
CA LYS A 101 -12.18 3.89 1.65
C LYS A 101 -12.76 2.75 2.47
N SER A 102 -13.43 3.06 3.54
CA SER A 102 -14.04 2.04 4.34
C SER A 102 -15.44 1.72 3.80
N GLY A 103 -15.45 0.96 2.73
CA GLY A 103 -16.68 0.51 2.12
C GLY A 103 -16.66 -0.98 2.04
N ASN A 104 -16.43 -1.49 0.86
CA ASN A 104 -16.27 -2.92 0.70
C ASN A 104 -14.80 -3.24 0.81
N ASN A 105 -14.43 -3.90 1.87
CA ASN A 105 -13.04 -4.16 2.13
C ASN A 105 -12.59 -5.42 1.46
N THR A 106 -12.19 -5.26 0.24
CA THR A 106 -11.66 -6.33 -0.57
C THR A 106 -10.19 -6.58 -0.18
N PHE A 107 -9.53 -5.53 0.23
CA PHE A 107 -8.12 -5.58 0.55
C PHE A 107 -7.86 -5.98 1.99
N VAL A 108 -8.88 -5.91 2.83
CA VAL A 108 -8.69 -6.24 4.24
C VAL A 108 -9.03 -7.71 4.50
N LYS A 109 -9.99 -8.22 3.76
CA LYS A 109 -10.36 -9.61 3.86
C LYS A 109 -10.19 -10.20 2.50
N VAL A 110 -9.15 -10.98 2.33
CA VAL A 110 -8.75 -11.44 1.04
C VAL A 110 -8.94 -12.95 0.85
N THR A 111 -9.56 -13.30 -0.28
CA THR A 111 -9.72 -14.69 -0.77
C THR A 111 -10.62 -15.56 0.16
N LEU A 112 -11.15 -14.97 1.21
CA LEU A 112 -11.97 -15.68 2.15
C LEU A 112 -13.41 -15.72 1.69
N GLU A 113 -13.76 -14.71 0.91
CA GLU A 113 -15.08 -14.54 0.34
C GLU A 113 -16.25 -14.77 1.28
N HIS A 114 -16.43 -13.83 2.18
CA HIS A 114 -17.52 -13.85 3.10
C HIS A 114 -17.99 -12.46 3.46
N HIS A 115 -18.17 -11.62 2.46
CA HIS A 115 -18.81 -10.34 2.68
C HIS A 115 -20.27 -10.67 2.85
N HIS A 116 -20.66 -10.79 4.08
CA HIS A 116 -21.91 -11.41 4.43
C HIS A 116 -23.11 -10.53 4.15
N HIS A 117 -23.65 -10.76 2.99
CA HIS A 117 -24.85 -10.15 2.48
C HIS A 117 -25.08 -10.80 1.13
N HIS A 118 -25.79 -11.89 1.13
CA HIS A 118 -26.01 -12.61 -0.11
C HIS A 118 -27.07 -11.91 -0.94
N HIS A 119 -27.08 -12.18 -2.21
CA HIS A 119 -28.05 -11.58 -3.08
C HIS A 119 -29.10 -12.62 -3.44
N MET A 1 18.64 0.23 8.96
CA MET A 1 18.98 1.39 8.14
C MET A 1 17.98 1.57 7.01
N ALA A 2 17.11 2.51 7.18
CA ALA A 2 16.14 2.85 6.17
C ALA A 2 15.99 4.34 6.19
N SER A 3 15.19 4.85 5.33
CA SER A 3 14.96 6.26 5.30
C SER A 3 13.56 6.54 5.79
N ALA A 4 13.42 7.53 6.65
CA ALA A 4 12.14 7.95 7.15
C ALA A 4 11.32 8.42 5.97
N VAL A 5 10.33 7.66 5.64
CA VAL A 5 9.53 7.87 4.48
C VAL A 5 8.81 9.21 4.50
N LYS A 6 9.15 10.02 3.53
CA LYS A 6 8.53 11.30 3.35
C LYS A 6 7.42 11.16 2.35
N SER A 7 7.78 11.19 1.09
CA SER A 7 6.85 11.18 0.01
C SER A 7 7.15 10.00 -0.89
N LEU A 8 6.40 9.83 -1.97
CA LEU A 8 6.59 8.73 -2.91
C LEU A 8 7.87 8.87 -3.71
N THR A 9 8.39 10.08 -3.73
CA THR A 9 9.63 10.38 -4.38
C THR A 9 10.81 9.62 -3.71
N GLU A 10 10.66 9.31 -2.42
CA GLU A 10 11.74 8.66 -1.67
C GLU A 10 11.69 7.16 -1.89
N THR A 11 10.56 6.70 -2.32
CA THR A 11 10.24 5.31 -2.37
C THR A 11 10.90 4.57 -3.56
N GLU A 12 11.10 3.27 -3.40
CA GLU A 12 11.64 2.39 -4.41
C GLU A 12 10.49 1.61 -5.07
N LEU A 13 10.72 1.12 -6.27
CA LEU A 13 9.68 0.46 -7.05
C LEU A 13 9.96 -1.04 -7.13
N LEU A 14 8.97 -1.82 -6.79
CA LEU A 14 9.03 -3.26 -6.90
C LEU A 14 7.90 -3.73 -7.77
N PRO A 15 8.18 -4.55 -8.78
CA PRO A 15 7.15 -5.22 -9.53
C PRO A 15 6.42 -6.20 -8.61
N ILE A 16 5.14 -6.35 -8.80
CA ILE A 16 4.30 -7.21 -7.91
C ILE A 16 4.69 -8.69 -8.02
N THR A 17 5.46 -9.01 -9.03
CA THR A 17 5.91 -10.35 -9.26
C THR A 17 7.03 -10.73 -8.30
N GLU A 18 7.62 -9.73 -7.66
CA GLU A 18 8.73 -9.94 -6.77
C GLU A 18 8.21 -10.10 -5.34
N ALA A 19 7.01 -10.65 -5.22
CA ALA A 19 6.30 -10.83 -3.94
C ALA A 19 7.16 -11.50 -2.85
N ASP A 20 7.95 -12.49 -3.23
CA ASP A 20 8.81 -13.23 -2.28
C ASP A 20 9.99 -12.36 -1.84
N SER A 21 10.27 -11.33 -2.60
CA SER A 21 11.42 -10.48 -2.34
C SER A 21 10.98 -9.15 -1.71
N ILE A 22 9.68 -8.98 -1.51
CA ILE A 22 9.16 -7.77 -0.90
C ILE A 22 9.64 -7.69 0.56
N PRO A 23 10.12 -6.52 0.98
CA PRO A 23 10.55 -6.30 2.37
C PRO A 23 9.48 -6.72 3.38
N SER A 24 9.89 -7.49 4.34
CA SER A 24 9.02 -8.04 5.34
C SER A 24 9.12 -7.22 6.61
N ALA A 25 9.00 -5.93 6.43
CA ALA A 25 9.15 -4.98 7.49
C ALA A 25 7.91 -4.12 7.54
N SER A 26 7.88 -3.18 8.45
CA SER A 26 6.75 -2.33 8.63
C SER A 26 6.96 -1.04 7.84
N GLY A 27 5.90 -0.52 7.31
CA GLY A 27 5.98 0.69 6.59
C GLY A 27 4.76 0.91 5.76
N VAL A 28 4.93 1.70 4.75
CA VAL A 28 3.88 2.10 3.84
C VAL A 28 4.11 1.46 2.49
N TYR A 29 3.05 1.21 1.77
CA TYR A 29 3.16 0.67 0.43
C TYR A 29 2.12 1.29 -0.47
N ALA A 30 2.48 1.45 -1.71
CA ALA A 30 1.61 2.03 -2.70
C ALA A 30 1.42 1.09 -3.86
N VAL A 31 0.19 0.74 -4.13
CA VAL A 31 -0.16 -0.20 -5.18
C VAL A 31 -0.55 0.55 -6.46
N TYR A 32 0.24 0.33 -7.49
CA TYR A 32 0.03 0.90 -8.81
C TYR A 32 -0.47 -0.19 -9.73
N ASP A 33 -1.48 0.10 -10.50
CA ASP A 33 -2.12 -0.90 -11.34
C ASP A 33 -1.33 -1.16 -12.63
N LYS A 34 -1.98 -1.88 -13.55
CA LYS A 34 -1.43 -2.28 -14.85
C LYS A 34 -0.98 -1.03 -15.64
N SER A 35 -1.68 0.06 -15.45
CA SER A 35 -1.44 1.28 -16.16
C SER A 35 -0.44 2.17 -15.40
N ASP A 36 0.15 1.61 -14.33
CA ASP A 36 1.18 2.29 -13.50
C ASP A 36 0.56 3.46 -12.68
N GLU A 37 -0.75 3.46 -12.57
CA GLU A 37 -1.41 4.50 -11.83
C GLU A 37 -1.60 4.08 -10.40
N LEU A 38 -1.41 5.00 -9.50
CA LEU A 38 -1.58 4.75 -8.09
C LEU A 38 -3.03 4.86 -7.73
N GLN A 39 -3.54 3.87 -7.06
CA GLN A 39 -4.89 3.90 -6.54
C GLN A 39 -4.91 3.64 -5.05
N PHE A 40 -4.16 2.67 -4.61
CA PHE A 40 -4.29 2.26 -3.24
C PHE A 40 -2.98 2.33 -2.51
N VAL A 41 -3.00 2.94 -1.37
CA VAL A 41 -1.87 3.00 -0.48
C VAL A 41 -2.29 2.41 0.84
N GLY A 42 -1.38 1.86 1.56
CA GLY A 42 -1.71 1.26 2.81
C GLY A 42 -0.53 1.14 3.72
N ILE A 43 -0.81 0.81 4.96
CA ILE A 43 0.20 0.63 5.97
C ILE A 43 0.14 -0.78 6.52
N SER A 44 1.28 -1.33 6.85
CA SER A 44 1.34 -2.70 7.36
C SER A 44 2.51 -2.89 8.32
N ARG A 45 2.38 -3.87 9.22
CA ARG A 45 3.43 -4.25 10.14
C ARG A 45 4.45 -5.11 9.39
N ASN A 46 3.97 -5.79 8.38
CA ASN A 46 4.80 -6.55 7.48
C ASN A 46 4.22 -6.40 6.10
N ILE A 47 4.87 -5.56 5.32
CA ILE A 47 4.47 -5.23 3.98
C ILE A 47 4.32 -6.49 3.11
N ALA A 48 5.37 -7.30 3.05
CA ALA A 48 5.42 -8.52 2.23
C ALA A 48 4.23 -9.44 2.46
N ALA A 49 3.89 -9.63 3.73
CA ALA A 49 2.80 -10.52 4.10
C ALA A 49 1.45 -10.01 3.60
N SER A 50 1.13 -8.77 3.95
CA SER A 50 -0.16 -8.20 3.61
C SER A 50 -0.28 -7.90 2.10
N VAL A 51 0.79 -7.37 1.50
CA VAL A 51 0.77 -7.02 0.09
C VAL A 51 0.49 -8.22 -0.79
N SER A 52 1.29 -9.26 -0.66
CA SER A 52 1.15 -10.47 -1.45
C SER A 52 -0.23 -11.09 -1.25
N ALA A 53 -0.72 -11.09 -0.01
CA ALA A 53 -2.02 -11.65 0.33
C ALA A 53 -3.14 -11.03 -0.52
N HIS A 54 -3.25 -9.72 -0.48
CA HIS A 54 -4.32 -9.08 -1.23
C HIS A 54 -4.05 -9.03 -2.73
N LEU A 55 -2.79 -9.02 -3.13
CA LEU A 55 -2.48 -8.97 -4.57
C LEU A 55 -2.70 -10.33 -5.25
N LYS A 56 -2.62 -11.40 -4.48
CA LYS A 56 -2.91 -12.71 -5.03
C LYS A 56 -4.40 -13.02 -4.91
N SER A 57 -5.10 -12.20 -4.15
CA SER A 57 -6.52 -12.33 -4.04
C SER A 57 -7.22 -11.47 -5.11
N VAL A 58 -6.72 -10.25 -5.30
CA VAL A 58 -7.27 -9.35 -6.29
C VAL A 58 -6.13 -8.72 -7.14
N PRO A 59 -5.81 -9.34 -8.29
CA PRO A 59 -4.73 -8.88 -9.18
C PRO A 59 -5.11 -7.66 -10.05
N GLU A 60 -6.24 -7.06 -9.72
CA GLU A 60 -6.79 -5.93 -10.45
C GLU A 60 -5.82 -4.74 -10.51
N LEU A 61 -5.19 -4.46 -9.40
CA LEU A 61 -4.26 -3.34 -9.33
C LEU A 61 -2.82 -3.83 -9.32
N CYS A 62 -2.62 -5.04 -9.77
CA CYS A 62 -1.29 -5.62 -9.80
C CYS A 62 -0.47 -5.17 -11.00
N GLY A 63 0.24 -4.08 -10.82
CA GLY A 63 1.15 -3.59 -11.82
C GLY A 63 2.51 -3.37 -11.22
N SER A 64 2.57 -2.59 -10.18
CA SER A 64 3.78 -2.33 -9.45
C SER A 64 3.44 -1.86 -8.05
N VAL A 65 4.39 -1.91 -7.17
CA VAL A 65 4.22 -1.47 -5.83
C VAL A 65 5.45 -0.71 -5.36
N LYS A 66 5.24 0.39 -4.71
CA LYS A 66 6.33 1.13 -4.12
C LYS A 66 6.25 0.93 -2.64
N VAL A 67 7.33 0.48 -2.05
CA VAL A 67 7.33 0.18 -0.63
C VAL A 67 8.26 1.12 0.13
N GLY A 68 7.77 1.65 1.22
CA GLY A 68 8.55 2.55 2.02
C GLY A 68 8.70 1.99 3.40
N ILE A 69 9.87 1.48 3.68
CA ILE A 69 10.17 0.88 4.96
C ILE A 69 10.65 1.94 5.92
N VAL A 70 10.10 1.91 7.10
CA VAL A 70 10.46 2.84 8.11
C VAL A 70 10.95 2.04 9.33
N GLU A 71 11.83 2.61 10.11
CA GLU A 71 12.39 1.90 11.25
C GLU A 71 11.62 2.22 12.52
N GLU A 72 10.53 2.94 12.34
CA GLU A 72 9.66 3.35 13.39
C GLU A 72 8.23 2.94 13.04
N PRO A 73 7.75 1.82 13.62
CA PRO A 73 6.44 1.23 13.27
C PRO A 73 5.26 1.86 14.04
N ASP A 74 5.34 3.13 14.30
CA ASP A 74 4.30 3.82 15.04
C ASP A 74 3.20 4.26 14.07
N LYS A 75 1.95 4.13 14.50
CA LYS A 75 0.80 4.46 13.65
C LYS A 75 0.80 5.91 13.17
N ALA A 76 1.38 6.81 13.93
CA ALA A 76 1.44 8.21 13.53
C ALA A 76 2.44 8.37 12.42
N VAL A 77 3.58 7.72 12.55
CA VAL A 77 4.63 7.76 11.53
C VAL A 77 4.14 7.09 10.25
N LEU A 78 3.46 5.97 10.43
CA LEU A 78 2.88 5.23 9.31
C LEU A 78 1.83 6.08 8.60
N THR A 79 0.95 6.71 9.35
CA THR A 79 -0.10 7.53 8.77
C THR A 79 0.50 8.83 8.20
N GLN A 80 1.60 9.28 8.77
CA GLN A 80 2.29 10.46 8.28
C GLN A 80 2.74 10.23 6.86
N ALA A 81 3.48 9.15 6.67
CA ALA A 81 3.97 8.77 5.35
C ALA A 81 2.79 8.48 4.41
N TRP A 82 1.77 7.79 4.96
CA TRP A 82 0.54 7.46 4.23
C TRP A 82 -0.07 8.75 3.66
N LYS A 83 -0.14 9.78 4.50
CA LYS A 83 -0.66 11.10 4.13
C LYS A 83 0.07 11.72 2.98
N LEU A 84 1.40 11.79 3.03
CA LEU A 84 2.16 12.37 1.93
C LEU A 84 1.87 11.64 0.65
N TRP A 85 1.95 10.32 0.72
CA TRP A 85 1.72 9.43 -0.40
C TRP A 85 0.33 9.61 -1.00
N ILE A 86 -0.68 9.55 -0.16
CA ILE A 86 -2.03 9.67 -0.63
C ILE A 86 -2.32 11.09 -1.11
N GLU A 87 -2.04 12.10 -0.28
CA GLU A 87 -2.40 13.46 -0.62
C GLU A 87 -1.70 13.97 -1.88
N GLU A 88 -0.46 13.54 -2.14
CA GLU A 88 0.19 13.96 -3.37
C GLU A 88 -0.57 13.44 -4.58
N HIS A 89 -0.98 12.17 -4.52
CA HIS A 89 -1.75 11.60 -5.62
C HIS A 89 -3.19 12.07 -5.66
N ILE A 90 -3.74 12.45 -4.52
CA ILE A 90 -5.08 13.05 -4.48
C ILE A 90 -5.11 14.34 -5.28
N LYS A 91 -4.10 15.16 -5.07
CA LYS A 91 -4.02 16.45 -5.72
C LYS A 91 -3.77 16.33 -7.22
N VAL A 92 -2.95 15.37 -7.63
CA VAL A 92 -2.67 15.20 -9.06
C VAL A 92 -3.66 14.26 -9.78
N THR A 93 -3.74 13.03 -9.35
CA THR A 93 -4.55 12.05 -10.03
C THR A 93 -5.98 11.98 -9.50
N GLY A 94 -6.13 12.31 -8.23
CA GLY A 94 -7.47 12.32 -7.62
C GLY A 94 -8.05 10.93 -7.44
N LYS A 95 -7.20 9.99 -7.15
CA LYS A 95 -7.60 8.59 -7.02
C LYS A 95 -8.05 8.30 -5.59
N VAL A 96 -9.31 7.98 -5.43
CA VAL A 96 -9.83 7.60 -4.12
C VAL A 96 -10.68 6.33 -4.29
N PRO A 97 -10.06 5.16 -4.22
CA PRO A 97 -10.75 3.89 -4.41
C PRO A 97 -11.36 3.33 -3.10
N PRO A 98 -12.44 2.52 -3.20
CA PRO A 98 -13.14 1.93 -2.02
C PRO A 98 -12.19 1.21 -1.04
N GLY A 99 -11.07 0.69 -1.57
CA GLY A 99 -10.08 0.02 -0.76
C GLY A 99 -9.43 0.94 0.25
N ASN A 100 -9.22 2.16 -0.15
CA ASN A 100 -8.55 3.14 0.69
C ASN A 100 -9.57 3.94 1.46
N LYS A 101 -10.76 4.00 0.90
CA LYS A 101 -11.87 4.73 1.47
C LYS A 101 -12.40 4.05 2.73
N SER A 102 -13.28 4.73 3.40
CA SER A 102 -13.91 4.19 4.55
C SER A 102 -15.08 3.30 4.11
N GLY A 103 -14.76 2.07 3.84
CA GLY A 103 -15.69 1.10 3.39
C GLY A 103 -14.98 -0.21 3.27
N ASN A 104 -15.50 -1.12 2.51
CA ASN A 104 -14.86 -2.41 2.39
C ASN A 104 -14.61 -2.77 0.96
N ASN A 105 -13.40 -3.13 0.67
CA ASN A 105 -13.02 -3.61 -0.64
C ASN A 105 -11.99 -4.69 -0.40
N THR A 106 -11.71 -5.50 -1.40
CA THR A 106 -10.87 -6.70 -1.34
C THR A 106 -9.41 -6.47 -0.81
N PHE A 107 -9.03 -5.24 -0.56
CA PHE A 107 -7.71 -4.95 -0.03
C PHE A 107 -7.71 -5.00 1.51
N VAL A 108 -8.84 -4.65 2.10
CA VAL A 108 -8.97 -4.60 3.55
C VAL A 108 -10.07 -5.56 4.04
N LYS A 109 -10.71 -6.21 3.10
CA LYS A 109 -11.78 -7.14 3.34
C LYS A 109 -11.73 -8.16 2.24
N VAL A 110 -11.32 -9.35 2.56
CA VAL A 110 -11.18 -10.36 1.54
C VAL A 110 -11.78 -11.70 1.98
N THR A 111 -12.80 -12.15 1.23
CA THR A 111 -13.44 -13.45 1.37
C THR A 111 -14.24 -13.67 2.68
N LEU A 112 -13.58 -13.57 3.81
CA LEU A 112 -14.21 -13.83 5.10
C LEU A 112 -14.91 -12.59 5.62
N GLU A 113 -16.13 -12.40 5.14
CA GLU A 113 -17.02 -11.31 5.53
C GLU A 113 -18.29 -11.48 4.71
N HIS A 114 -19.31 -10.70 5.00
CA HIS A 114 -20.56 -10.76 4.25
C HIS A 114 -20.76 -9.57 3.34
N HIS A 115 -20.06 -8.46 3.64
CA HIS A 115 -20.11 -7.29 2.76
C HIS A 115 -19.52 -7.64 1.43
N HIS A 116 -20.31 -7.57 0.41
CA HIS A 116 -19.90 -7.99 -0.90
C HIS A 116 -20.30 -6.96 -1.93
N HIS A 117 -19.57 -6.89 -3.00
CA HIS A 117 -19.91 -6.01 -4.10
C HIS A 117 -20.60 -6.85 -5.15
N HIS A 118 -21.17 -6.21 -6.13
CA HIS A 118 -21.84 -6.90 -7.20
C HIS A 118 -21.93 -5.96 -8.39
N HIS A 119 -21.73 -6.49 -9.56
CA HIS A 119 -21.82 -5.70 -10.77
C HIS A 119 -23.22 -5.78 -11.31
N MET A 1 19.16 3.89 10.48
CA MET A 1 18.57 4.27 11.76
C MET A 1 17.72 5.51 11.55
N ALA A 2 16.45 5.41 11.97
CA ALA A 2 15.46 6.50 11.88
C ALA A 2 15.14 6.90 10.43
N SER A 3 15.29 5.98 9.50
CA SER A 3 14.94 6.27 8.13
C SER A 3 13.43 6.27 7.98
N ALA A 4 12.93 7.24 7.25
CA ALA A 4 11.51 7.37 7.05
C ALA A 4 11.26 7.89 5.66
N VAL A 5 10.30 7.29 5.00
CA VAL A 5 9.90 7.68 3.68
C VAL A 5 8.69 8.58 3.84
N LYS A 6 8.69 9.74 3.21
CA LYS A 6 7.62 10.69 3.45
C LYS A 6 6.69 10.83 2.27
N SER A 7 7.23 10.77 1.07
CA SER A 7 6.41 10.87 -0.09
C SER A 7 6.77 9.80 -1.12
N LEU A 8 5.93 9.67 -2.16
CA LEU A 8 6.09 8.68 -3.24
C LEU A 8 7.42 8.83 -3.97
N THR A 9 7.97 10.01 -3.89
CA THR A 9 9.21 10.36 -4.52
C THR A 9 10.38 9.50 -4.00
N GLU A 10 10.44 9.30 -2.70
CA GLU A 10 11.55 8.56 -2.10
C GLU A 10 11.23 7.07 -2.04
N THR A 11 10.10 6.71 -2.59
CA THR A 11 9.63 5.36 -2.52
C THR A 11 10.10 4.56 -3.77
N GLU A 12 10.71 3.43 -3.54
CA GLU A 12 11.22 2.57 -4.61
C GLU A 12 10.08 1.76 -5.25
N LEU A 13 10.29 1.29 -6.47
CA LEU A 13 9.26 0.60 -7.24
C LEU A 13 9.62 -0.87 -7.44
N LEU A 14 8.71 -1.73 -7.05
CA LEU A 14 8.85 -3.17 -7.28
C LEU A 14 7.62 -3.65 -8.03
N PRO A 15 7.80 -4.41 -9.11
CA PRO A 15 6.68 -5.04 -9.81
C PRO A 15 6.00 -6.08 -8.91
N ILE A 16 4.70 -6.30 -9.06
CA ILE A 16 3.98 -7.23 -8.17
C ILE A 16 4.35 -8.69 -8.46
N THR A 17 5.02 -8.91 -9.57
CA THR A 17 5.49 -10.22 -9.95
C THR A 17 6.74 -10.56 -9.16
N GLU A 18 7.36 -9.54 -8.60
CA GLU A 18 8.54 -9.67 -7.78
C GLU A 18 8.11 -9.75 -6.31
N ALA A 19 7.00 -10.46 -6.08
CA ALA A 19 6.38 -10.61 -4.75
C ALA A 19 7.35 -11.20 -3.72
N ASP A 20 8.27 -12.02 -4.18
CA ASP A 20 9.25 -12.65 -3.31
C ASP A 20 10.31 -11.63 -2.88
N SER A 21 10.42 -10.57 -3.64
CA SER A 21 11.39 -9.53 -3.38
C SER A 21 10.76 -8.35 -2.61
N ILE A 22 9.52 -8.51 -2.20
CA ILE A 22 8.88 -7.48 -1.41
C ILE A 22 9.41 -7.57 0.02
N PRO A 23 9.98 -6.49 0.55
CA PRO A 23 10.55 -6.47 1.90
C PRO A 23 9.57 -6.87 3.00
N SER A 24 10.00 -7.77 3.82
CA SER A 24 9.24 -8.20 4.94
C SER A 24 9.60 -7.35 6.16
N ALA A 25 9.08 -6.15 6.16
CA ALA A 25 9.38 -5.22 7.22
C ALA A 25 8.16 -4.39 7.51
N SER A 26 8.27 -3.53 8.48
CA SER A 26 7.18 -2.67 8.86
C SER A 26 7.26 -1.38 8.08
N GLY A 27 6.13 -0.90 7.61
CA GLY A 27 6.13 0.32 6.91
C GLY A 27 4.88 0.54 6.13
N VAL A 28 5.04 1.24 5.06
CA VAL A 28 3.93 1.65 4.24
C VAL A 28 4.22 1.25 2.79
N TYR A 29 3.19 0.97 2.04
CA TYR A 29 3.33 0.60 0.66
C TYR A 29 2.29 1.32 -0.19
N ALA A 30 2.58 1.45 -1.44
CA ALA A 30 1.73 2.11 -2.39
C ALA A 30 1.49 1.20 -3.58
N VAL A 31 0.26 0.81 -3.76
CA VAL A 31 -0.10 -0.10 -4.82
C VAL A 31 -0.45 0.67 -6.10
N TYR A 32 0.30 0.40 -7.14
CA TYR A 32 0.14 0.98 -8.45
C TYR A 32 -0.52 -0.02 -9.36
N ASP A 33 -1.59 0.39 -9.98
CA ASP A 33 -2.41 -0.51 -10.78
C ASP A 33 -1.81 -0.75 -12.17
N LYS A 34 -2.62 -1.36 -13.03
CA LYS A 34 -2.27 -1.72 -14.39
C LYS A 34 -1.84 -0.48 -15.15
N SER A 35 -2.57 0.61 -14.95
CA SER A 35 -2.35 1.85 -15.64
C SER A 35 -1.24 2.69 -14.95
N ASP A 36 -0.53 2.06 -14.01
CA ASP A 36 0.64 2.64 -13.31
C ASP A 36 0.29 3.73 -12.34
N GLU A 37 -0.93 3.77 -11.90
CA GLU A 37 -1.29 4.79 -10.97
C GLU A 37 -1.40 4.26 -9.58
N LEU A 38 -1.10 5.11 -8.65
CA LEU A 38 -1.26 4.81 -7.27
C LEU A 38 -2.71 5.00 -6.89
N GLN A 39 -3.34 3.95 -6.46
CA GLN A 39 -4.67 4.06 -5.95
C GLN A 39 -4.71 3.72 -4.49
N PHE A 40 -3.97 2.74 -4.07
CA PHE A 40 -4.11 2.29 -2.72
C PHE A 40 -2.82 2.32 -1.97
N VAL A 41 -2.78 3.14 -0.97
CA VAL A 41 -1.67 3.16 -0.06
C VAL A 41 -2.06 2.38 1.17
N GLY A 42 -1.14 1.74 1.78
CA GLY A 42 -1.48 0.96 2.93
C GLY A 42 -0.35 0.83 3.88
N ILE A 43 -0.68 0.75 5.13
CA ILE A 43 0.28 0.55 6.17
C ILE A 43 0.06 -0.81 6.79
N SER A 44 1.13 -1.50 7.07
CA SER A 44 1.08 -2.82 7.63
C SER A 44 2.34 -3.07 8.45
N ARG A 45 2.30 -4.07 9.33
CA ARG A 45 3.44 -4.33 10.19
C ARG A 45 4.48 -5.16 9.43
N ASN A 46 4.02 -5.84 8.41
CA ASN A 46 4.90 -6.57 7.57
C ASN A 46 4.43 -6.45 6.13
N ILE A 47 5.06 -5.56 5.40
CA ILE A 47 4.72 -5.20 4.03
C ILE A 47 4.50 -6.41 3.11
N ALA A 48 5.52 -7.26 2.98
CA ALA A 48 5.47 -8.46 2.10
C ALA A 48 4.19 -9.27 2.28
N ALA A 49 3.91 -9.65 3.52
CA ALA A 49 2.76 -10.49 3.86
C ALA A 49 1.44 -9.85 3.45
N SER A 50 1.37 -8.56 3.59
CA SER A 50 0.18 -7.84 3.25
C SER A 50 0.06 -7.72 1.73
N VAL A 51 1.14 -7.23 1.09
CA VAL A 51 1.19 -7.00 -0.34
C VAL A 51 0.86 -8.26 -1.13
N SER A 52 1.56 -9.35 -0.85
CA SER A 52 1.36 -10.59 -1.56
C SER A 52 -0.07 -11.11 -1.39
N ALA A 53 -0.56 -11.12 -0.15
CA ALA A 53 -1.85 -11.66 0.17
C ALA A 53 -2.99 -10.95 -0.54
N HIS A 54 -3.09 -9.63 -0.41
CA HIS A 54 -4.24 -8.95 -1.01
C HIS A 54 -4.12 -8.76 -2.51
N LEU A 55 -2.91 -8.72 -3.03
CA LEU A 55 -2.76 -8.54 -4.48
C LEU A 55 -3.04 -9.80 -5.25
N LYS A 56 -2.65 -10.94 -4.70
CA LYS A 56 -2.92 -12.19 -5.38
C LYS A 56 -4.40 -12.57 -5.22
N SER A 57 -5.04 -11.98 -4.23
CA SER A 57 -6.45 -12.20 -4.02
C SER A 57 -7.29 -11.33 -4.97
N VAL A 58 -6.89 -10.07 -5.14
CA VAL A 58 -7.58 -9.17 -6.04
C VAL A 58 -6.58 -8.38 -6.91
N PRO A 59 -6.33 -8.89 -8.13
CA PRO A 59 -5.32 -8.34 -9.03
C PRO A 59 -5.77 -7.11 -9.84
N GLU A 60 -6.75 -6.41 -9.31
CA GLU A 60 -7.29 -5.21 -9.96
C GLU A 60 -6.24 -4.08 -9.96
N LEU A 61 -5.45 -4.03 -8.92
CA LEU A 61 -4.43 -3.00 -8.81
C LEU A 61 -3.03 -3.60 -9.00
N CYS A 62 -2.98 -4.75 -9.61
CA CYS A 62 -1.71 -5.44 -9.83
C CYS A 62 -0.91 -4.91 -11.02
N GLY A 63 -0.18 -3.86 -10.78
CA GLY A 63 0.72 -3.34 -11.76
C GLY A 63 2.11 -3.31 -11.21
N SER A 64 2.26 -2.61 -10.12
CA SER A 64 3.51 -2.50 -9.42
C SER A 64 3.24 -1.97 -8.01
N VAL A 65 4.21 -2.01 -7.15
CA VAL A 65 4.03 -1.54 -5.82
C VAL A 65 5.27 -0.78 -5.38
N LYS A 66 5.07 0.29 -4.70
CA LYS A 66 6.14 1.04 -4.12
C LYS A 66 6.14 0.79 -2.63
N VAL A 67 7.28 0.50 -2.07
CA VAL A 67 7.35 0.21 -0.65
C VAL A 67 8.22 1.22 0.08
N GLY A 68 7.77 1.62 1.24
CA GLY A 68 8.50 2.54 2.05
C GLY A 68 8.72 1.98 3.42
N ILE A 69 9.89 1.47 3.65
CA ILE A 69 10.24 0.92 4.93
C ILE A 69 10.67 2.02 5.87
N VAL A 70 9.98 2.15 6.95
CA VAL A 70 10.28 3.15 7.93
C VAL A 70 10.83 2.46 9.17
N GLU A 71 11.94 2.96 9.66
CA GLU A 71 12.62 2.33 10.77
C GLU A 71 11.96 2.68 12.10
N GLU A 72 11.19 3.74 12.10
CA GLU A 72 10.40 4.10 13.25
C GLU A 72 8.93 3.76 12.94
N PRO A 73 8.43 2.63 13.47
CA PRO A 73 7.10 2.11 13.16
C PRO A 73 6.02 2.72 14.04
N ASP A 74 6.19 3.99 14.35
CA ASP A 74 5.23 4.70 15.15
C ASP A 74 3.97 4.86 14.32
N LYS A 75 2.82 4.66 14.94
CA LYS A 75 1.56 4.66 14.22
C LYS A 75 1.28 6.01 13.56
N ALA A 76 1.77 7.09 14.16
CA ALA A 76 1.54 8.42 13.63
C ALA A 76 2.39 8.63 12.40
N VAL A 77 3.59 8.06 12.42
CA VAL A 77 4.50 8.16 11.31
C VAL A 77 3.96 7.35 10.14
N LEU A 78 3.43 6.17 10.44
CA LEU A 78 2.79 5.32 9.44
C LEU A 78 1.62 6.06 8.79
N THR A 79 0.78 6.66 9.62
CA THR A 79 -0.39 7.39 9.16
C THR A 79 0.05 8.63 8.33
N GLN A 80 1.14 9.25 8.75
CA GLN A 80 1.70 10.42 8.09
C GLN A 80 2.14 10.06 6.68
N ALA A 81 2.94 9.00 6.57
CA ALA A 81 3.43 8.55 5.29
C ALA A 81 2.28 8.16 4.38
N TRP A 82 1.33 7.40 4.94
CA TRP A 82 0.11 6.99 4.25
C TRP A 82 -0.56 8.21 3.63
N LYS A 83 -0.71 9.23 4.45
CA LYS A 83 -1.37 10.46 4.08
C LYS A 83 -0.64 11.19 2.96
N LEU A 84 0.63 11.51 3.15
CA LEU A 84 1.39 12.27 2.15
C LEU A 84 1.44 11.54 0.80
N TRP A 85 1.63 10.24 0.84
CA TRP A 85 1.64 9.41 -0.37
C TRP A 85 0.34 9.55 -1.16
N ILE A 86 -0.78 9.34 -0.48
CA ILE A 86 -2.06 9.40 -1.15
C ILE A 86 -2.36 10.83 -1.63
N GLU A 87 -2.00 11.83 -0.81
CA GLU A 87 -2.24 13.23 -1.15
C GLU A 87 -1.51 13.62 -2.43
N GLU A 88 -0.27 13.12 -2.58
CA GLU A 88 0.51 13.38 -3.80
C GLU A 88 -0.24 12.95 -5.04
N HIS A 89 -0.84 11.78 -4.99
CA HIS A 89 -1.53 11.31 -6.16
C HIS A 89 -2.89 12.02 -6.32
N ILE A 90 -3.49 12.41 -5.19
CA ILE A 90 -4.76 13.14 -5.21
C ILE A 90 -4.60 14.54 -5.82
N LYS A 91 -3.57 15.26 -5.42
CA LYS A 91 -3.36 16.61 -5.93
C LYS A 91 -3.14 16.63 -7.43
N VAL A 92 -2.42 15.65 -7.95
CA VAL A 92 -2.17 15.60 -9.37
C VAL A 92 -3.34 14.99 -10.17
N THR A 93 -3.78 13.80 -9.82
CA THR A 93 -4.79 13.13 -10.65
C THR A 93 -6.17 13.15 -9.99
N GLY A 94 -6.18 13.02 -8.68
CA GLY A 94 -7.43 13.00 -7.95
C GLY A 94 -8.02 11.60 -7.85
N LYS A 95 -7.21 10.57 -8.09
CA LYS A 95 -7.68 9.20 -8.01
C LYS A 95 -7.85 8.79 -6.55
N VAL A 96 -9.09 8.67 -6.10
CA VAL A 96 -9.38 8.26 -4.73
C VAL A 96 -10.28 7.02 -4.77
N PRO A 97 -9.75 5.85 -4.45
CA PRO A 97 -10.48 4.59 -4.50
C PRO A 97 -11.19 4.26 -3.16
N PRO A 98 -12.19 3.33 -3.20
CA PRO A 98 -12.93 2.90 -1.99
C PRO A 98 -12.01 2.25 -0.93
N GLY A 99 -10.89 1.70 -1.39
CA GLY A 99 -9.95 1.02 -0.51
C GLY A 99 -9.28 1.92 0.52
N ASN A 100 -9.05 3.16 0.15
CA ASN A 100 -8.39 4.10 1.08
C ASN A 100 -9.41 4.89 1.88
N LYS A 101 -10.59 4.91 1.37
CA LYS A 101 -11.72 5.50 2.06
C LYS A 101 -12.06 4.57 3.23
N SER A 102 -12.20 5.15 4.41
CA SER A 102 -12.39 4.40 5.65
C SER A 102 -13.58 3.43 5.60
N GLY A 103 -13.27 2.16 5.58
CA GLY A 103 -14.25 1.13 5.54
C GLY A 103 -13.58 -0.20 5.26
N ASN A 104 -14.32 -1.27 5.28
CA ASN A 104 -13.74 -2.57 5.00
C ASN A 104 -13.79 -2.81 3.53
N ASN A 105 -12.65 -2.81 2.92
CA ASN A 105 -12.51 -3.03 1.50
C ASN A 105 -11.61 -4.21 1.26
N THR A 106 -11.75 -4.86 0.11
CA THR A 106 -11.03 -6.09 -0.23
C THR A 106 -9.50 -5.99 -0.01
N PHE A 107 -8.94 -4.81 -0.20
CA PHE A 107 -7.51 -4.63 -0.04
C PHE A 107 -7.06 -4.62 1.42
N VAL A 108 -7.99 -4.37 2.32
CA VAL A 108 -7.67 -4.38 3.73
C VAL A 108 -8.30 -5.60 4.43
N LYS A 109 -9.21 -6.28 3.76
CA LYS A 109 -9.81 -7.49 4.32
C LYS A 109 -9.27 -8.74 3.65
N VAL A 110 -8.15 -9.19 4.13
CA VAL A 110 -7.50 -10.35 3.61
C VAL A 110 -7.20 -11.33 4.79
N THR A 111 -6.01 -11.95 4.86
CA THR A 111 -5.59 -12.91 5.88
C THR A 111 -6.02 -12.51 7.31
N LEU A 112 -5.81 -11.25 7.64
CA LEU A 112 -6.12 -10.71 8.96
C LEU A 112 -7.62 -10.74 9.32
N GLU A 113 -8.51 -10.79 8.32
CA GLU A 113 -9.93 -10.91 8.60
C GLU A 113 -10.45 -12.26 8.17
N HIS A 114 -9.55 -13.11 7.76
CA HIS A 114 -9.86 -14.51 7.50
C HIS A 114 -9.82 -15.22 8.85
N HIS A 115 -9.02 -14.65 9.72
CA HIS A 115 -8.91 -15.04 11.09
C HIS A 115 -10.02 -14.32 11.84
N HIS A 116 -10.74 -15.02 12.69
CA HIS A 116 -11.79 -14.38 13.46
C HIS A 116 -11.14 -13.58 14.55
N HIS A 117 -11.28 -12.27 14.47
CA HIS A 117 -10.58 -11.34 15.36
C HIS A 117 -10.97 -11.56 16.82
N HIS A 118 -12.19 -12.05 17.03
CA HIS A 118 -12.71 -12.44 18.35
C HIS A 118 -12.68 -11.25 19.32
N HIS A 119 -12.83 -10.09 18.76
CA HIS A 119 -12.80 -8.84 19.47
C HIS A 119 -13.34 -7.81 18.49
N MET A 1 17.21 4.49 -1.46
CA MET A 1 16.91 4.40 -0.03
C MET A 1 15.44 4.20 0.18
N ALA A 2 15.04 3.02 0.58
CA ALA A 2 13.63 2.72 0.86
C ALA A 2 13.41 2.57 2.34
N SER A 3 14.38 2.98 3.10
CA SER A 3 14.29 2.97 4.54
C SER A 3 14.25 4.41 5.04
N ALA A 4 13.48 4.64 6.11
CA ALA A 4 13.29 5.98 6.71
C ALA A 4 12.69 6.92 5.66
N VAL A 5 11.57 6.50 5.13
CA VAL A 5 10.92 7.20 4.04
C VAL A 5 9.92 8.17 4.60
N LYS A 6 9.88 9.36 4.04
CA LYS A 6 8.91 10.34 4.46
C LYS A 6 7.98 10.61 3.29
N SER A 7 8.57 10.90 2.15
CA SER A 7 7.81 11.27 1.00
C SER A 7 7.81 10.17 -0.05
N LEU A 8 6.78 10.19 -0.90
CA LEU A 8 6.57 9.21 -1.97
C LEU A 8 7.69 9.34 -3.02
N THR A 9 8.28 10.50 -3.07
CA THR A 9 9.37 10.82 -3.96
C THR A 9 10.59 9.90 -3.69
N GLU A 10 10.69 9.41 -2.47
CA GLU A 10 11.81 8.60 -2.03
C GLU A 10 11.52 7.10 -2.20
N THR A 11 10.28 6.76 -2.49
CA THR A 11 9.86 5.39 -2.52
C THR A 11 10.21 4.66 -3.85
N GLU A 12 10.89 3.51 -3.73
CA GLU A 12 11.29 2.74 -4.90
C GLU A 12 10.14 1.89 -5.45
N LEU A 13 10.22 1.58 -6.73
CA LEU A 13 9.17 0.88 -7.45
C LEU A 13 9.56 -0.60 -7.65
N LEU A 14 8.67 -1.48 -7.28
CA LEU A 14 8.83 -2.90 -7.42
C LEU A 14 7.68 -3.46 -8.27
N PRO A 15 7.96 -4.35 -9.23
CA PRO A 15 6.92 -5.06 -9.98
C PRO A 15 6.27 -6.14 -9.08
N ILE A 16 4.95 -6.29 -9.16
CA ILE A 16 4.22 -7.20 -8.24
C ILE A 16 4.47 -8.69 -8.56
N THR A 17 5.08 -8.96 -9.69
CA THR A 17 5.40 -10.31 -10.08
C THR A 17 6.54 -10.86 -9.20
N GLU A 18 7.34 -9.98 -8.65
CA GLU A 18 8.42 -10.36 -7.79
C GLU A 18 8.10 -10.00 -6.35
N ALA A 19 6.93 -10.49 -5.92
CA ALA A 19 6.42 -10.25 -4.57
C ALA A 19 7.36 -10.86 -3.51
N ASP A 20 8.14 -11.82 -3.93
CA ASP A 20 9.11 -12.46 -3.05
C ASP A 20 10.32 -11.54 -2.81
N SER A 21 10.46 -10.54 -3.63
CA SER A 21 11.55 -9.60 -3.53
C SER A 21 11.14 -8.38 -2.70
N ILE A 22 9.88 -8.37 -2.28
CA ILE A 22 9.36 -7.29 -1.48
C ILE A 22 9.86 -7.47 -0.05
N PRO A 23 10.42 -6.42 0.56
CA PRO A 23 10.91 -6.45 1.94
C PRO A 23 9.84 -6.92 2.94
N SER A 24 10.21 -7.86 3.75
CA SER A 24 9.35 -8.37 4.77
C SER A 24 9.58 -7.57 6.06
N ALA A 25 9.22 -6.32 6.01
CA ALA A 25 9.43 -5.40 7.11
C ALA A 25 8.18 -4.59 7.31
N SER A 26 8.21 -3.68 8.23
CA SER A 26 7.06 -2.90 8.57
C SER A 26 7.16 -1.54 7.87
N GLY A 27 6.04 -1.04 7.43
CA GLY A 27 6.05 0.25 6.83
C GLY A 27 4.81 0.51 6.03
N VAL A 28 4.99 1.27 5.00
CA VAL A 28 3.93 1.73 4.17
C VAL A 28 4.23 1.38 2.72
N TYR A 29 3.21 1.15 1.95
CA TYR A 29 3.37 0.82 0.56
C TYR A 29 2.29 1.48 -0.26
N ALA A 30 2.58 1.67 -1.52
CA ALA A 30 1.69 2.29 -2.45
C ALA A 30 1.48 1.36 -3.64
N VAL A 31 0.25 0.99 -3.88
CA VAL A 31 -0.10 0.06 -4.94
C VAL A 31 -0.55 0.83 -6.20
N TYR A 32 0.18 0.63 -7.27
CA TYR A 32 -0.06 1.26 -8.55
C TYR A 32 -0.54 0.23 -9.53
N ASP A 33 -1.53 0.55 -10.32
CA ASP A 33 -1.97 -0.37 -11.33
C ASP A 33 -1.07 -0.31 -12.57
N LYS A 34 -1.50 -0.96 -13.64
CA LYS A 34 -0.75 -1.09 -14.90
C LYS A 34 -0.37 0.28 -15.51
N SER A 35 -1.13 1.30 -15.18
CA SER A 35 -0.94 2.60 -15.78
C SER A 35 -0.32 3.60 -14.76
N ASP A 36 0.27 3.06 -13.67
CA ASP A 36 0.95 3.90 -12.61
C ASP A 36 -0.06 4.77 -11.85
N GLU A 37 -1.30 4.37 -11.93
CA GLU A 37 -2.32 5.03 -11.18
C GLU A 37 -2.34 4.48 -9.78
N LEU A 38 -1.80 5.26 -8.87
CA LEU A 38 -1.84 4.93 -7.48
C LEU A 38 -3.27 4.98 -7.04
N GLN A 39 -3.78 3.86 -6.65
CA GLN A 39 -5.14 3.77 -6.23
C GLN A 39 -5.31 3.23 -4.82
N PHE A 40 -4.25 2.69 -4.26
CA PHE A 40 -4.34 2.22 -2.91
C PHE A 40 -3.00 2.34 -2.19
N VAL A 41 -3.02 3.00 -1.06
CA VAL A 41 -1.87 3.04 -0.18
C VAL A 41 -2.25 2.40 1.14
N GLY A 42 -1.33 1.70 1.73
CA GLY A 42 -1.64 1.03 2.96
C GLY A 42 -0.45 0.89 3.84
N ILE A 43 -0.70 0.72 5.10
CA ILE A 43 0.33 0.53 6.10
C ILE A 43 0.17 -0.84 6.73
N SER A 44 1.24 -1.55 6.88
CA SER A 44 1.16 -2.90 7.38
C SER A 44 2.38 -3.26 8.23
N ARG A 45 2.25 -4.30 9.02
CA ARG A 45 3.33 -4.75 9.87
C ARG A 45 4.36 -5.50 9.05
N ASN A 46 3.92 -6.22 8.06
CA ASN A 46 4.85 -6.85 7.14
C ASN A 46 4.39 -6.57 5.74
N ILE A 47 5.16 -5.74 5.08
CA ILE A 47 4.88 -5.30 3.73
C ILE A 47 4.72 -6.47 2.77
N ALA A 48 5.76 -7.30 2.65
CA ALA A 48 5.77 -8.45 1.73
C ALA A 48 4.57 -9.35 1.91
N ALA A 49 4.30 -9.72 3.15
CA ALA A 49 3.19 -10.59 3.46
C ALA A 49 1.86 -9.95 3.09
N SER A 50 1.67 -8.72 3.53
CA SER A 50 0.44 -7.99 3.30
C SER A 50 0.21 -7.75 1.80
N VAL A 51 1.22 -7.19 1.13
CA VAL A 51 1.15 -6.86 -0.29
C VAL A 51 0.78 -8.08 -1.10
N SER A 52 1.54 -9.14 -0.92
CA SER A 52 1.31 -10.39 -1.63
C SER A 52 -0.10 -10.93 -1.36
N ALA A 53 -0.49 -10.95 -0.08
CA ALA A 53 -1.77 -11.50 0.34
C ALA A 53 -2.92 -10.81 -0.39
N HIS A 54 -3.03 -9.49 -0.26
CA HIS A 54 -4.16 -8.81 -0.87
C HIS A 54 -4.07 -8.72 -2.38
N LEU A 55 -2.88 -8.74 -2.95
CA LEU A 55 -2.79 -8.71 -4.41
C LEU A 55 -3.17 -10.04 -5.03
N LYS A 56 -2.96 -11.10 -4.28
CA LYS A 56 -3.37 -12.43 -4.73
C LYS A 56 -4.82 -12.70 -4.33
N SER A 57 -5.39 -11.76 -3.62
CA SER A 57 -6.79 -11.82 -3.29
C SER A 57 -7.58 -11.01 -4.31
N VAL A 58 -7.14 -9.78 -4.52
CA VAL A 58 -7.78 -8.89 -5.42
C VAL A 58 -6.77 -8.28 -6.43
N PRO A 59 -6.69 -8.85 -7.66
CA PRO A 59 -5.75 -8.40 -8.71
C PRO A 59 -6.23 -7.13 -9.43
N GLU A 60 -7.03 -6.35 -8.74
CA GLU A 60 -7.62 -5.12 -9.25
C GLU A 60 -6.53 -4.10 -9.59
N LEU A 61 -5.54 -4.01 -8.74
CA LEU A 61 -4.52 -2.98 -8.85
C LEU A 61 -3.12 -3.56 -9.03
N CYS A 62 -3.04 -4.79 -9.47
CA CYS A 62 -1.77 -5.45 -9.62
C CYS A 62 -0.99 -4.93 -10.84
N GLY A 63 -0.20 -3.90 -10.63
CA GLY A 63 0.63 -3.38 -11.69
C GLY A 63 2.05 -3.20 -11.22
N SER A 64 2.19 -2.45 -10.16
CA SER A 64 3.46 -2.20 -9.53
C SER A 64 3.24 -1.69 -8.11
N VAL A 65 4.23 -1.76 -7.29
CA VAL A 65 4.10 -1.34 -5.92
C VAL A 65 5.34 -0.58 -5.47
N LYS A 66 5.15 0.47 -4.75
CA LYS A 66 6.22 1.21 -4.15
C LYS A 66 6.21 0.95 -2.67
N VAL A 67 7.35 0.59 -2.10
CA VAL A 67 7.37 0.26 -0.68
C VAL A 67 8.32 1.16 0.11
N GLY A 68 7.90 1.55 1.28
CA GLY A 68 8.72 2.37 2.12
C GLY A 68 8.79 1.81 3.50
N ILE A 69 9.96 1.39 3.88
CA ILE A 69 10.19 0.81 5.17
C ILE A 69 10.56 1.89 6.14
N VAL A 70 9.72 2.13 7.08
CA VAL A 70 9.99 3.12 8.07
C VAL A 70 10.47 2.41 9.33
N GLU A 71 11.41 3.00 10.01
CA GLU A 71 12.06 2.33 11.12
C GLU A 71 11.33 2.56 12.43
N GLU A 72 10.33 3.39 12.38
CA GLU A 72 9.47 3.60 13.51
C GLU A 72 8.01 3.36 13.08
N PRO A 73 7.52 2.12 13.26
CA PRO A 73 6.15 1.74 12.88
C PRO A 73 5.12 2.24 13.87
N ASP A 74 5.24 3.48 14.21
CA ASP A 74 4.32 4.14 15.10
C ASP A 74 3.09 4.54 14.31
N LYS A 75 1.93 4.41 14.91
CA LYS A 75 0.66 4.70 14.25
C LYS A 75 0.59 6.09 13.61
N ALA A 76 1.15 7.09 14.28
CA ALA A 76 1.11 8.45 13.76
C ALA A 76 2.06 8.59 12.59
N VAL A 77 3.22 7.96 12.69
CA VAL A 77 4.23 8.04 11.64
C VAL A 77 3.77 7.26 10.41
N LEU A 78 3.14 6.10 10.65
CA LEU A 78 2.60 5.28 9.57
C LEU A 78 1.51 6.06 8.83
N THR A 79 0.61 6.65 9.57
CA THR A 79 -0.47 7.42 9.00
C THR A 79 0.05 8.70 8.32
N GLN A 80 1.15 9.25 8.84
CA GLN A 80 1.77 10.44 8.29
C GLN A 80 2.26 10.15 6.88
N ALA A 81 3.07 9.10 6.76
CA ALA A 81 3.61 8.70 5.48
C ALA A 81 2.49 8.34 4.53
N TRP A 82 1.52 7.57 5.06
CA TRP A 82 0.33 7.17 4.31
C TRP A 82 -0.34 8.40 3.70
N LYS A 83 -0.54 9.40 4.55
CA LYS A 83 -1.18 10.65 4.17
C LYS A 83 -0.38 11.38 3.10
N LEU A 84 0.92 11.50 3.31
CA LEU A 84 1.79 12.19 2.38
C LEU A 84 1.73 11.56 1.01
N TRP A 85 1.88 10.25 0.97
CA TRP A 85 1.89 9.48 -0.26
C TRP A 85 0.55 9.57 -1.00
N ILE A 86 -0.56 9.37 -0.28
CA ILE A 86 -1.85 9.43 -0.91
C ILE A 86 -2.11 10.82 -1.46
N GLU A 87 -1.78 11.86 -0.67
CA GLU A 87 -1.98 13.23 -1.09
C GLU A 87 -1.23 13.59 -2.35
N GLU A 88 -0.09 12.96 -2.59
CA GLU A 88 0.66 13.20 -3.82
C GLU A 88 -0.22 12.83 -4.99
N HIS A 89 -0.80 11.65 -4.92
CA HIS A 89 -1.63 11.18 -5.99
C HIS A 89 -3.01 11.78 -6.02
N ILE A 90 -3.48 12.26 -4.89
CA ILE A 90 -4.74 13.01 -4.84
C ILE A 90 -4.62 14.24 -5.73
N LYS A 91 -3.48 14.89 -5.65
CA LYS A 91 -3.26 16.11 -6.38
C LYS A 91 -2.85 15.81 -7.85
N VAL A 92 -1.92 14.89 -8.05
CA VAL A 92 -1.43 14.63 -9.41
C VAL A 92 -2.36 13.77 -10.29
N THR A 93 -2.88 12.65 -9.79
CA THR A 93 -3.70 11.81 -10.65
C THR A 93 -5.17 11.83 -10.25
N GLY A 94 -5.47 12.47 -9.11
CA GLY A 94 -6.83 12.62 -8.63
C GLY A 94 -7.50 11.32 -8.28
N LYS A 95 -6.72 10.34 -7.92
CA LYS A 95 -7.25 9.03 -7.63
C LYS A 95 -7.57 8.87 -6.18
N VAL A 96 -8.86 8.83 -5.90
CA VAL A 96 -9.34 8.58 -4.56
C VAL A 96 -10.41 7.49 -4.70
N PRO A 97 -10.00 6.24 -4.84
CA PRO A 97 -10.91 5.12 -5.04
C PRO A 97 -11.36 4.49 -3.71
N PRO A 98 -12.50 3.73 -3.74
CA PRO A 98 -13.10 3.09 -2.55
C PRO A 98 -12.10 2.31 -1.65
N GLY A 99 -11.10 1.69 -2.27
CA GLY A 99 -10.13 0.91 -1.53
C GLY A 99 -9.24 1.76 -0.66
N ASN A 100 -9.04 2.98 -1.06
CA ASN A 100 -8.16 3.87 -0.35
C ASN A 100 -8.98 4.87 0.48
N LYS A 101 -10.23 5.04 0.11
CA LYS A 101 -11.16 5.89 0.85
C LYS A 101 -11.60 5.17 2.10
N SER A 102 -12.36 4.14 1.91
CA SER A 102 -12.84 3.35 2.98
C SER A 102 -11.90 2.20 3.20
N GLY A 103 -11.87 1.66 4.38
CA GLY A 103 -11.01 0.56 4.65
C GLY A 103 -11.60 -0.74 4.13
N ASN A 104 -11.49 -0.95 2.84
CA ASN A 104 -11.98 -2.19 2.23
C ASN A 104 -11.17 -3.35 2.77
N ASN A 105 -11.87 -4.27 3.41
CA ASN A 105 -11.29 -5.41 4.12
C ASN A 105 -10.40 -6.25 3.22
N THR A 106 -10.73 -6.36 1.96
CA THR A 106 -9.95 -7.14 1.02
C THR A 106 -8.53 -6.53 0.85
N PHE A 107 -8.43 -5.21 0.91
CA PHE A 107 -7.15 -4.53 0.75
C PHE A 107 -6.40 -4.36 2.06
N VAL A 108 -7.02 -3.72 3.04
CA VAL A 108 -6.34 -3.38 4.30
C VAL A 108 -6.30 -4.54 5.29
N LYS A 109 -7.35 -5.36 5.26
CA LYS A 109 -7.53 -6.52 6.17
C LYS A 109 -7.59 -6.14 7.67
N VAL A 110 -7.72 -4.86 7.96
CA VAL A 110 -7.83 -4.40 9.35
C VAL A 110 -9.31 -4.16 9.69
N THR A 111 -10.13 -4.43 8.72
CA THR A 111 -11.53 -4.25 8.84
C THR A 111 -12.18 -5.61 9.12
N LEU A 112 -11.88 -6.13 10.29
CA LEU A 112 -12.41 -7.41 10.72
C LEU A 112 -13.94 -7.40 10.78
N GLU A 113 -14.53 -8.14 9.83
CA GLU A 113 -15.98 -8.26 9.63
C GLU A 113 -16.57 -6.95 9.08
N HIS A 114 -16.44 -5.92 9.86
CA HIS A 114 -17.05 -4.64 9.66
C HIS A 114 -16.04 -3.59 10.07
N HIS A 115 -16.41 -2.33 9.91
CA HIS A 115 -15.58 -1.23 10.36
C HIS A 115 -15.45 -1.32 11.88
N HIS A 116 -14.26 -1.54 12.35
CA HIS A 116 -14.06 -1.74 13.77
C HIS A 116 -14.07 -0.42 14.52
N HIS A 117 -14.70 -0.43 15.65
CA HIS A 117 -14.81 0.70 16.50
C HIS A 117 -13.99 0.47 17.76
N HIS A 118 -12.83 1.09 17.81
CA HIS A 118 -11.93 1.05 18.96
C HIS A 118 -11.35 -0.35 19.19
N HIS A 119 -10.24 -0.61 18.54
CA HIS A 119 -9.53 -1.86 18.66
C HIS A 119 -8.20 -1.69 17.96
N MET A 1 9.77 12.58 11.37
CA MET A 1 10.59 13.50 12.15
C MET A 1 12.00 12.95 12.38
N ALA A 2 12.17 11.64 12.20
CA ALA A 2 13.47 11.02 12.34
C ALA A 2 13.83 10.23 11.10
N SER A 3 12.82 9.86 10.34
CA SER A 3 13.00 9.14 9.13
C SER A 3 12.00 9.70 8.10
N ALA A 4 10.69 9.43 8.36
CA ALA A 4 9.54 9.86 7.53
C ALA A 4 9.78 9.82 6.01
N VAL A 5 9.34 8.72 5.37
CA VAL A 5 9.47 8.63 3.91
C VAL A 5 8.53 9.67 3.30
N LYS A 6 9.15 10.68 2.72
CA LYS A 6 8.49 11.91 2.28
C LYS A 6 7.33 11.71 1.31
N SER A 7 7.59 11.13 0.17
CA SER A 7 6.56 10.98 -0.79
C SER A 7 6.77 9.75 -1.64
N LEU A 8 5.77 9.41 -2.43
CA LEU A 8 5.83 8.28 -3.34
C LEU A 8 6.74 8.57 -4.49
N THR A 9 6.92 9.84 -4.73
CA THR A 9 7.85 10.34 -5.71
C THR A 9 9.30 9.93 -5.27
N GLU A 10 9.47 9.73 -3.96
CA GLU A 10 10.75 9.37 -3.37
C GLU A 10 10.79 7.88 -3.02
N THR A 11 9.80 7.14 -3.43
CA THR A 11 9.71 5.76 -3.07
C THR A 11 10.12 4.85 -4.26
N GLU A 12 10.84 3.77 -3.97
CA GLU A 12 11.29 2.85 -5.01
C GLU A 12 10.14 1.96 -5.48
N LEU A 13 10.23 1.54 -6.73
CA LEU A 13 9.18 0.81 -7.39
C LEU A 13 9.59 -0.66 -7.54
N LEU A 14 8.70 -1.56 -7.20
CA LEU A 14 8.89 -2.98 -7.37
C LEU A 14 7.81 -3.55 -8.27
N PRO A 15 8.16 -4.36 -9.26
CA PRO A 15 7.19 -5.09 -10.07
C PRO A 15 6.55 -6.20 -9.22
N ILE A 16 5.24 -6.42 -9.35
CA ILE A 16 4.56 -7.40 -8.49
C ILE A 16 4.86 -8.84 -8.87
N THR A 17 5.55 -9.03 -9.99
CA THR A 17 5.92 -10.35 -10.43
C THR A 17 6.98 -10.93 -9.48
N GLU A 18 7.81 -10.06 -8.93
CA GLU A 18 8.85 -10.48 -8.02
C GLU A 18 8.39 -10.29 -6.58
N ALA A 19 7.23 -10.87 -6.28
CA ALA A 19 6.60 -10.79 -4.96
C ALA A 19 7.55 -11.29 -3.87
N ASP A 20 8.41 -12.20 -4.27
CA ASP A 20 9.48 -12.74 -3.42
C ASP A 20 10.38 -11.63 -2.85
N SER A 21 10.56 -10.60 -3.63
CA SER A 21 11.50 -9.56 -3.30
C SER A 21 10.84 -8.35 -2.61
N ILE A 22 9.59 -8.51 -2.19
CA ILE A 22 8.91 -7.47 -1.45
C ILE A 22 9.38 -7.54 0.01
N PRO A 23 9.83 -6.40 0.59
CA PRO A 23 10.32 -6.35 1.98
C PRO A 23 9.30 -6.81 3.03
N SER A 24 9.73 -7.67 3.90
CA SER A 24 8.91 -8.22 4.97
C SER A 24 9.08 -7.39 6.26
N ALA A 25 9.32 -6.12 6.07
CA ALA A 25 9.56 -5.20 7.15
C ALA A 25 8.33 -4.34 7.37
N SER A 26 8.41 -3.44 8.32
CA SER A 26 7.31 -2.59 8.64
C SER A 26 7.42 -1.28 7.87
N GLY A 27 6.29 -0.70 7.52
CA GLY A 27 6.32 0.56 6.86
C GLY A 27 5.09 0.81 6.06
N VAL A 28 5.28 1.57 5.02
CA VAL A 28 4.23 2.01 4.14
C VAL A 28 4.44 1.42 2.76
N TYR A 29 3.38 1.18 2.05
CA TYR A 29 3.48 0.67 0.71
C TYR A 29 2.39 1.26 -0.15
N ALA A 30 2.57 1.22 -1.44
CA ALA A 30 1.61 1.78 -2.36
C ALA A 30 1.48 0.90 -3.58
N VAL A 31 0.27 0.61 -3.96
CA VAL A 31 0.00 -0.26 -5.06
C VAL A 31 -0.51 0.54 -6.27
N TYR A 32 0.15 0.33 -7.39
CA TYR A 32 -0.16 0.99 -8.66
C TYR A 32 -0.66 -0.05 -9.62
N ASP A 33 -1.72 0.24 -10.33
CA ASP A 33 -2.29 -0.72 -11.25
C ASP A 33 -1.59 -0.66 -12.61
N LYS A 34 -2.15 -1.36 -13.59
CA LYS A 34 -1.60 -1.46 -14.92
C LYS A 34 -1.56 -0.09 -15.62
N SER A 35 -2.43 0.82 -15.20
CA SER A 35 -2.47 2.16 -15.76
C SER A 35 -1.41 3.07 -15.10
N ASP A 36 -0.58 2.47 -14.23
CA ASP A 36 0.58 3.13 -13.58
C ASP A 36 0.12 4.19 -12.55
N GLU A 37 -1.11 4.10 -12.11
CA GLU A 37 -1.57 5.06 -11.17
C GLU A 37 -1.81 4.44 -9.81
N LEU A 38 -1.57 5.24 -8.81
CA LEU A 38 -1.71 4.83 -7.44
C LEU A 38 -3.16 4.84 -7.07
N GLN A 39 -3.62 3.74 -6.57
CA GLN A 39 -4.98 3.60 -6.14
C GLN A 39 -5.11 3.07 -4.72
N PHE A 40 -4.03 2.54 -4.18
CA PHE A 40 -4.07 2.08 -2.80
C PHE A 40 -2.74 2.23 -2.08
N VAL A 41 -2.74 2.99 -1.02
CA VAL A 41 -1.60 3.07 -0.12
C VAL A 41 -1.95 2.38 1.18
N GLY A 42 -1.02 1.70 1.76
CA GLY A 42 -1.31 0.98 2.97
C GLY A 42 -0.13 0.92 3.89
N ILE A 43 -0.39 0.51 5.10
CA ILE A 43 0.62 0.39 6.12
C ILE A 43 0.58 -1.01 6.67
N SER A 44 1.71 -1.52 7.09
CA SER A 44 1.77 -2.85 7.64
C SER A 44 3.00 -2.99 8.53
N ARG A 45 3.01 -4.02 9.34
CA ARG A 45 4.13 -4.32 10.19
C ARG A 45 5.04 -5.29 9.43
N ASN A 46 4.47 -5.91 8.42
CA ASN A 46 5.20 -6.81 7.54
C ASN A 46 4.66 -6.59 6.12
N ILE A 47 5.23 -5.63 5.40
CA ILE A 47 4.76 -5.18 4.07
C ILE A 47 4.48 -6.35 3.11
N ALA A 48 5.47 -7.20 2.91
CA ALA A 48 5.40 -8.36 2.00
C ALA A 48 4.17 -9.24 2.22
N ALA A 49 3.68 -9.29 3.43
CA ALA A 49 2.56 -10.14 3.75
C ALA A 49 1.29 -9.54 3.19
N SER A 50 1.01 -8.32 3.60
CA SER A 50 -0.20 -7.63 3.20
C SER A 50 -0.25 -7.44 1.67
N VAL A 51 0.88 -7.04 1.08
CA VAL A 51 0.97 -6.81 -0.36
C VAL A 51 0.61 -8.07 -1.13
N SER A 52 1.36 -9.13 -0.91
CA SER A 52 1.20 -10.38 -1.63
C SER A 52 -0.20 -10.95 -1.41
N ALA A 53 -0.65 -10.93 -0.17
CA ALA A 53 -1.93 -11.48 0.19
C ALA A 53 -3.09 -10.79 -0.54
N HIS A 54 -3.13 -9.46 -0.51
CA HIS A 54 -4.25 -8.79 -1.13
C HIS A 54 -4.13 -8.75 -2.65
N LEU A 55 -2.92 -8.81 -3.17
CA LEU A 55 -2.73 -8.84 -4.62
C LEU A 55 -3.10 -10.18 -5.21
N LYS A 56 -2.96 -11.22 -4.42
CA LYS A 56 -3.41 -12.52 -4.88
C LYS A 56 -4.89 -12.69 -4.60
N SER A 57 -5.47 -11.75 -3.90
CA SER A 57 -6.89 -11.70 -3.75
C SER A 57 -7.47 -10.86 -4.89
N VAL A 58 -6.95 -9.65 -5.07
CA VAL A 58 -7.33 -8.78 -6.15
C VAL A 58 -6.19 -8.46 -7.09
N PRO A 59 -6.16 -9.12 -8.26
CA PRO A 59 -5.20 -8.81 -9.32
C PRO A 59 -5.56 -7.48 -10.01
N GLU A 60 -6.59 -6.84 -9.47
CA GLU A 60 -7.13 -5.60 -9.95
C GLU A 60 -6.05 -4.52 -9.98
N LEU A 61 -5.25 -4.45 -8.94
CA LEU A 61 -4.24 -3.42 -8.86
C LEU A 61 -2.87 -3.99 -9.12
N CYS A 62 -2.82 -5.21 -9.59
CA CYS A 62 -1.54 -5.81 -9.93
C CYS A 62 -0.89 -5.14 -11.13
N GLY A 63 0.00 -4.23 -10.85
CA GLY A 63 0.79 -3.56 -11.84
C GLY A 63 2.17 -3.34 -11.31
N SER A 64 2.27 -2.56 -10.27
CA SER A 64 3.51 -2.29 -9.61
C SER A 64 3.24 -1.88 -8.16
N VAL A 65 4.24 -1.94 -7.34
CA VAL A 65 4.09 -1.60 -5.94
C VAL A 65 5.33 -0.85 -5.45
N LYS A 66 5.12 0.16 -4.69
CA LYS A 66 6.20 0.91 -4.08
C LYS A 66 6.22 0.61 -2.61
N VAL A 67 7.38 0.51 -2.04
CA VAL A 67 7.50 0.19 -0.63
C VAL A 67 8.43 1.17 0.07
N GLY A 68 8.03 1.60 1.22
CA GLY A 68 8.82 2.52 1.98
C GLY A 68 8.96 2.05 3.41
N ILE A 69 10.12 1.60 3.75
CA ILE A 69 10.37 1.16 5.09
C ILE A 69 10.73 2.36 5.91
N VAL A 70 9.90 2.68 6.84
CA VAL A 70 10.13 3.82 7.67
C VAL A 70 10.68 3.37 9.01
N GLU A 71 11.74 4.02 9.44
CA GLU A 71 12.44 3.67 10.68
C GLU A 71 11.58 3.99 11.88
N GLU A 72 10.71 4.97 11.73
CA GLU A 72 9.77 5.36 12.75
C GLU A 72 8.55 4.42 12.63
N PRO A 73 8.32 3.52 13.59
CA PRO A 73 7.23 2.55 13.53
C PRO A 73 5.98 2.99 14.31
N ASP A 74 5.87 4.25 14.59
CA ASP A 74 4.76 4.79 15.36
C ASP A 74 3.50 4.79 14.49
N LYS A 75 2.36 4.45 15.07
CA LYS A 75 1.10 4.37 14.33
C LYS A 75 0.73 5.70 13.65
N ALA A 76 1.08 6.81 14.27
CA ALA A 76 0.73 8.10 13.71
C ALA A 76 1.66 8.45 12.58
N VAL A 77 2.93 8.11 12.73
CA VAL A 77 3.91 8.44 11.70
C VAL A 77 3.70 7.55 10.46
N LEU A 78 3.23 6.31 10.69
CA LEU A 78 2.88 5.41 9.59
C LEU A 78 1.76 6.03 8.79
N THR A 79 0.76 6.52 9.51
CA THR A 79 -0.39 7.14 8.91
C THR A 79 0.00 8.50 8.26
N GLN A 80 1.00 9.16 8.82
CA GLN A 80 1.49 10.42 8.31
C GLN A 80 2.15 10.23 6.95
N ALA A 81 3.01 9.22 6.85
CA ALA A 81 3.64 8.91 5.58
C ALA A 81 2.59 8.48 4.58
N TRP A 82 1.69 7.61 5.04
CA TRP A 82 0.53 7.13 4.28
C TRP A 82 -0.25 8.33 3.69
N LYS A 83 -0.46 9.32 4.53
CA LYS A 83 -1.16 10.55 4.20
C LYS A 83 -0.47 11.30 3.07
N LEU A 84 0.83 11.47 3.19
CA LEU A 84 1.61 12.21 2.20
C LEU A 84 1.58 11.51 0.85
N TRP A 85 1.69 10.20 0.91
CA TRP A 85 1.66 9.34 -0.26
C TRP A 85 0.33 9.42 -1.00
N ILE A 86 -0.77 9.27 -0.28
CA ILE A 86 -2.07 9.34 -0.92
C ILE A 86 -2.33 10.76 -1.44
N GLU A 87 -1.95 11.77 -0.66
CA GLU A 87 -2.19 13.15 -1.03
C GLU A 87 -1.42 13.60 -2.26
N GLU A 88 -0.18 13.09 -2.48
CA GLU A 88 0.50 13.47 -3.72
C GLU A 88 -0.29 12.97 -4.90
N HIS A 89 -0.86 11.79 -4.77
CA HIS A 89 -1.66 11.27 -5.83
C HIS A 89 -3.00 11.95 -5.97
N ILE A 90 -3.57 12.39 -4.89
CA ILE A 90 -4.80 13.15 -4.92
C ILE A 90 -4.61 14.46 -5.71
N LYS A 91 -3.45 15.10 -5.57
CA LYS A 91 -3.22 16.35 -6.27
C LYS A 91 -2.75 16.18 -7.73
N VAL A 92 -2.21 15.03 -8.08
CA VAL A 92 -1.76 14.82 -9.47
C VAL A 92 -2.74 13.97 -10.33
N THR A 93 -3.31 12.92 -9.76
CA THR A 93 -4.23 12.08 -10.51
C THR A 93 -5.67 12.17 -9.95
N GLY A 94 -5.79 12.63 -8.72
CA GLY A 94 -7.12 12.81 -8.12
C GLY A 94 -7.65 11.54 -7.51
N LYS A 95 -6.80 10.53 -7.44
CA LYS A 95 -7.20 9.24 -6.94
C LYS A 95 -7.31 9.18 -5.45
N VAL A 96 -8.44 8.71 -5.03
CA VAL A 96 -8.79 8.43 -3.67
C VAL A 96 -9.96 7.40 -3.71
N PRO A 97 -9.62 6.13 -3.98
CA PRO A 97 -10.60 5.05 -4.15
C PRO A 97 -11.07 4.42 -2.82
N PRO A 98 -12.18 3.59 -2.89
CA PRO A 98 -12.79 2.89 -1.71
C PRO A 98 -11.83 2.03 -0.88
N GLY A 99 -10.66 1.76 -1.41
CA GLY A 99 -9.65 1.04 -0.67
C GLY A 99 -9.08 1.88 0.46
N ASN A 100 -8.83 3.14 0.16
CA ASN A 100 -8.29 4.05 1.17
C ASN A 100 -9.41 4.76 1.88
N LYS A 101 -10.49 4.98 1.17
CA LYS A 101 -11.70 5.52 1.76
C LYS A 101 -12.31 4.42 2.59
N SER A 102 -13.17 4.76 3.48
CA SER A 102 -13.86 3.74 4.22
C SER A 102 -14.93 3.14 3.30
N GLY A 103 -14.66 1.98 2.75
CA GLY A 103 -15.56 1.39 1.83
C GLY A 103 -15.30 -0.07 1.60
N ASN A 104 -14.13 -0.40 1.11
CA ASN A 104 -13.83 -1.79 0.74
C ASN A 104 -12.56 -2.29 1.43
N ASN A 105 -12.66 -3.43 2.09
CA ASN A 105 -11.54 -4.00 2.86
C ASN A 105 -10.71 -4.96 2.03
N THR A 106 -11.21 -5.36 0.87
CA THR A 106 -10.54 -6.32 -0.01
C THR A 106 -9.13 -5.80 -0.49
N PHE A 107 -8.90 -4.51 -0.34
CA PHE A 107 -7.61 -3.94 -0.71
C PHE A 107 -6.58 -4.11 0.41
N VAL A 108 -7.05 -4.46 1.58
CA VAL A 108 -6.17 -4.71 2.72
C VAL A 108 -6.15 -6.21 2.99
N LYS A 109 -7.31 -6.83 2.74
CA LYS A 109 -7.60 -8.25 2.98
C LYS A 109 -7.86 -8.49 4.46
N VAL A 110 -8.88 -9.25 4.78
CA VAL A 110 -9.24 -9.47 6.15
C VAL A 110 -8.39 -10.59 6.74
N THR A 111 -7.19 -10.21 7.11
CA THR A 111 -6.24 -11.07 7.76
C THR A 111 -5.97 -10.58 9.18
N LEU A 112 -5.73 -9.27 9.30
CA LEU A 112 -5.46 -8.56 10.57
C LEU A 112 -4.04 -8.81 11.08
N GLU A 113 -3.72 -8.21 12.22
CA GLU A 113 -2.39 -8.33 12.82
C GLU A 113 -2.00 -9.77 13.16
N HIS A 114 -2.93 -10.52 13.70
CA HIS A 114 -2.72 -11.94 13.82
C HIS A 114 -3.40 -12.53 12.62
N HIS A 115 -2.60 -12.75 11.59
CA HIS A 115 -3.07 -13.08 10.24
C HIS A 115 -3.96 -14.31 10.17
N HIS A 116 -5.24 -14.05 10.11
CA HIS A 116 -6.27 -15.05 9.99
C HIS A 116 -6.73 -15.12 8.56
N HIS A 117 -7.50 -16.12 8.25
CA HIS A 117 -8.05 -16.28 6.93
C HIS A 117 -9.53 -15.99 7.00
N HIS A 118 -9.94 -14.86 6.50
CA HIS A 118 -11.36 -14.52 6.44
C HIS A 118 -11.75 -14.19 5.03
N HIS A 119 -11.29 -13.06 4.55
CA HIS A 119 -11.57 -12.63 3.22
C HIS A 119 -10.36 -11.97 2.66
N MET A 1 18.37 14.17 4.00
CA MET A 1 18.30 13.02 4.91
C MET A 1 17.31 13.31 5.98
N ALA A 2 16.16 12.72 5.85
CA ALA A 2 15.09 12.91 6.78
C ALA A 2 14.73 11.58 7.39
N SER A 3 14.28 11.62 8.60
CA SER A 3 13.91 10.41 9.30
C SER A 3 12.55 9.94 8.78
N ALA A 4 12.56 8.76 8.16
CA ALA A 4 11.40 8.12 7.52
C ALA A 4 11.12 8.72 6.13
N VAL A 5 10.64 7.87 5.23
CA VAL A 5 10.36 8.23 3.83
C VAL A 5 9.33 9.35 3.75
N LYS A 6 9.57 10.33 2.89
CA LYS A 6 8.65 11.43 2.73
C LYS A 6 7.54 11.14 1.73
N SER A 7 7.83 11.20 0.44
CA SER A 7 6.80 10.98 -0.56
C SER A 7 7.12 9.80 -1.49
N LEU A 8 6.16 9.51 -2.37
CA LEU A 8 6.22 8.41 -3.36
C LEU A 8 7.39 8.54 -4.30
N THR A 9 7.75 9.77 -4.61
CA THR A 9 8.84 10.07 -5.51
C THR A 9 10.18 9.64 -4.90
N GLU A 10 10.17 9.41 -3.61
CA GLU A 10 11.36 9.04 -2.87
C GLU A 10 11.25 7.58 -2.44
N THR A 11 10.30 6.89 -3.03
CA THR A 11 10.06 5.52 -2.72
C THR A 11 10.59 4.63 -3.88
N GLU A 12 10.91 3.37 -3.57
CA GLU A 12 11.43 2.44 -4.57
C GLU A 12 10.29 1.60 -5.16
N LEU A 13 10.45 1.17 -6.40
CA LEU A 13 9.41 0.47 -7.13
C LEU A 13 9.73 -1.02 -7.20
N LEU A 14 8.73 -1.82 -6.91
CA LEU A 14 8.79 -3.25 -6.98
C LEU A 14 7.61 -3.75 -7.83
N PRO A 15 7.84 -4.68 -8.74
CA PRO A 15 6.76 -5.33 -9.47
C PRO A 15 5.99 -6.26 -8.52
N ILE A 16 4.66 -6.31 -8.66
CA ILE A 16 3.85 -7.10 -7.70
C ILE A 16 3.91 -8.59 -8.00
N THR A 17 4.46 -8.92 -9.15
CA THR A 17 4.54 -10.27 -9.59
C THR A 17 5.54 -11.03 -8.72
N GLU A 18 6.61 -10.36 -8.39
CA GLU A 18 7.65 -10.87 -7.56
C GLU A 18 7.44 -10.42 -6.12
N ALA A 19 6.25 -10.69 -5.62
CA ALA A 19 5.84 -10.32 -4.27
C ALA A 19 6.72 -10.96 -3.20
N ASP A 20 7.44 -12.00 -3.59
CA ASP A 20 8.40 -12.67 -2.73
C ASP A 20 9.61 -11.75 -2.46
N SER A 21 9.84 -10.82 -3.36
CA SER A 21 10.96 -9.90 -3.28
C SER A 21 10.59 -8.66 -2.45
N ILE A 22 9.37 -8.60 -1.97
CA ILE A 22 8.91 -7.46 -1.20
C ILE A 22 9.45 -7.57 0.22
N PRO A 23 9.99 -6.48 0.79
CA PRO A 23 10.48 -6.48 2.18
C PRO A 23 9.41 -6.90 3.17
N SER A 24 9.74 -7.83 4.01
CA SER A 24 8.86 -8.27 5.04
C SER A 24 9.17 -7.51 6.32
N ALA A 25 8.82 -6.25 6.31
CA ALA A 25 9.13 -5.35 7.39
C ALA A 25 8.02 -4.35 7.55
N SER A 26 8.20 -3.43 8.46
CA SER A 26 7.15 -2.50 8.82
C SER A 26 7.34 -1.19 8.07
N GLY A 27 6.27 -0.68 7.53
CA GLY A 27 6.32 0.56 6.82
C GLY A 27 5.06 0.80 6.06
N VAL A 28 5.18 1.53 5.00
CA VAL A 28 4.06 1.90 4.18
C VAL A 28 4.30 1.46 2.74
N TYR A 29 3.26 1.10 2.04
CA TYR A 29 3.39 0.68 0.66
C TYR A 29 2.30 1.33 -0.18
N ALA A 30 2.60 1.51 -1.43
CA ALA A 30 1.69 2.10 -2.38
C ALA A 30 1.42 1.14 -3.52
N VAL A 31 0.17 0.84 -3.72
CA VAL A 31 -0.27 -0.08 -4.75
C VAL A 31 -0.67 0.68 -6.01
N TYR A 32 0.03 0.41 -7.06
CA TYR A 32 -0.21 1.00 -8.33
C TYR A 32 -0.84 -0.02 -9.24
N ASP A 33 -1.87 0.39 -9.95
CA ASP A 33 -2.65 -0.50 -10.80
C ASP A 33 -1.93 -0.77 -12.12
N LYS A 34 -2.68 -1.34 -13.07
CA LYS A 34 -2.19 -1.67 -14.41
C LYS A 34 -1.55 -0.45 -15.10
N SER A 35 -2.10 0.70 -14.82
CA SER A 35 -1.66 1.96 -15.42
C SER A 35 -0.43 2.52 -14.69
N ASP A 36 -0.01 1.84 -13.62
CA ASP A 36 1.11 2.25 -12.73
C ASP A 36 0.67 3.52 -11.98
N GLU A 37 -0.64 3.68 -11.87
CA GLU A 37 -1.24 4.82 -11.23
C GLU A 37 -1.64 4.40 -9.81
N LEU A 38 -1.80 5.35 -8.92
CA LEU A 38 -1.96 5.06 -7.52
C LEU A 38 -3.41 5.06 -7.12
N GLN A 39 -3.82 3.97 -6.54
CA GLN A 39 -5.14 3.87 -5.98
C GLN A 39 -5.11 3.57 -4.48
N PHE A 40 -4.29 2.65 -4.07
CA PHE A 40 -4.33 2.24 -2.69
C PHE A 40 -2.98 2.35 -2.06
N VAL A 41 -2.96 2.89 -0.88
CA VAL A 41 -1.77 2.96 -0.07
C VAL A 41 -2.11 2.36 1.26
N GLY A 42 -1.18 1.69 1.85
CA GLY A 42 -1.45 1.05 3.10
C GLY A 42 -0.24 0.95 3.95
N ILE A 43 -0.46 0.85 5.22
CA ILE A 43 0.59 0.71 6.18
C ILE A 43 0.55 -0.68 6.76
N SER A 44 1.68 -1.28 6.94
CA SER A 44 1.73 -2.63 7.41
C SER A 44 2.90 -2.82 8.36
N ARG A 45 2.78 -3.81 9.21
CA ARG A 45 3.79 -4.17 10.15
C ARG A 45 4.74 -5.15 9.46
N ASN A 46 4.23 -5.86 8.47
CA ASN A 46 5.02 -6.76 7.67
C ASN A 46 4.51 -6.69 6.21
N ILE A 47 5.02 -5.71 5.49
CA ILE A 47 4.58 -5.34 4.13
C ILE A 47 4.36 -6.53 3.18
N ALA A 48 5.41 -7.33 2.95
CA ALA A 48 5.37 -8.48 2.02
C ALA A 48 4.15 -9.37 2.18
N ALA A 49 3.80 -9.68 3.40
CA ALA A 49 2.71 -10.61 3.69
C ALA A 49 1.36 -10.04 3.31
N SER A 50 1.20 -8.74 3.46
CA SER A 50 -0.04 -8.09 3.14
C SER A 50 -0.12 -7.89 1.63
N VAL A 51 0.98 -7.40 1.05
CA VAL A 51 1.07 -7.12 -0.38
C VAL A 51 0.75 -8.36 -1.21
N SER A 52 1.44 -9.45 -0.91
CA SER A 52 1.23 -10.69 -1.64
C SER A 52 -0.20 -11.20 -1.48
N ALA A 53 -0.70 -11.18 -0.24
CA ALA A 53 -2.02 -11.69 0.10
C ALA A 53 -3.12 -11.03 -0.70
N HIS A 54 -3.29 -9.72 -0.57
CA HIS A 54 -4.42 -9.07 -1.22
C HIS A 54 -4.23 -8.84 -2.71
N LEU A 55 -3.00 -8.77 -3.17
CA LEU A 55 -2.77 -8.54 -4.59
C LEU A 55 -2.88 -9.80 -5.41
N LYS A 56 -2.54 -10.93 -4.83
CA LYS A 56 -2.71 -12.17 -5.56
C LYS A 56 -4.12 -12.72 -5.34
N SER A 57 -4.82 -12.11 -4.41
CA SER A 57 -6.20 -12.45 -4.15
C SER A 57 -7.08 -11.70 -5.15
N VAL A 58 -6.82 -10.42 -5.32
CA VAL A 58 -7.53 -9.60 -6.28
C VAL A 58 -6.54 -8.75 -7.11
N PRO A 59 -6.14 -9.25 -8.30
CA PRO A 59 -5.15 -8.59 -9.18
C PRO A 59 -5.68 -7.37 -9.96
N GLU A 60 -6.73 -6.76 -9.44
CA GLU A 60 -7.36 -5.62 -10.09
C GLU A 60 -6.44 -4.40 -10.10
N LEU A 61 -5.78 -4.18 -8.99
CA LEU A 61 -4.89 -3.03 -8.85
C LEU A 61 -3.45 -3.48 -8.96
N CYS A 62 -3.24 -4.60 -9.56
CA CYS A 62 -1.91 -5.13 -9.71
C CYS A 62 -1.20 -4.59 -10.93
N GLY A 63 -0.28 -3.71 -10.68
CA GLY A 63 0.60 -3.18 -11.70
C GLY A 63 2.00 -3.09 -11.15
N SER A 64 2.15 -2.34 -10.08
CA SER A 64 3.40 -2.21 -9.39
C SER A 64 3.15 -1.79 -7.94
N VAL A 65 4.17 -1.84 -7.13
CA VAL A 65 4.05 -1.44 -5.75
C VAL A 65 5.31 -0.70 -5.30
N LYS A 66 5.15 0.39 -4.64
CA LYS A 66 6.27 1.10 -4.09
C LYS A 66 6.26 0.91 -2.58
N VAL A 67 7.34 0.45 -2.03
CA VAL A 67 7.39 0.19 -0.59
C VAL A 67 8.34 1.14 0.11
N GLY A 68 7.91 1.67 1.21
CA GLY A 68 8.71 2.56 1.95
C GLY A 68 8.96 2.06 3.34
N ILE A 69 10.11 1.45 3.54
CA ILE A 69 10.50 1.04 4.86
C ILE A 69 10.94 2.26 5.60
N VAL A 70 10.18 2.62 6.58
CA VAL A 70 10.41 3.81 7.30
C VAL A 70 11.15 3.54 8.59
N GLU A 71 12.00 4.46 8.97
CA GLU A 71 12.80 4.36 10.18
C GLU A 71 11.93 4.51 11.44
N GLU A 72 10.95 5.39 11.34
CA GLU A 72 10.03 5.67 12.43
C GLU A 72 8.81 4.76 12.28
N PRO A 73 8.70 3.71 13.10
CA PRO A 73 7.64 2.71 12.96
C PRO A 73 6.41 3.01 13.82
N ASP A 74 6.18 4.26 14.09
CA ASP A 74 5.05 4.64 14.93
C ASP A 74 3.82 4.88 14.08
N LYS A 75 2.68 4.50 14.61
CA LYS A 75 1.40 4.64 13.92
C LYS A 75 1.11 6.04 13.42
N ALA A 76 1.55 7.07 14.14
CA ALA A 76 1.34 8.44 13.70
C ALA A 76 2.11 8.67 12.44
N VAL A 77 3.37 8.29 12.47
CA VAL A 77 4.29 8.51 11.37
C VAL A 77 3.93 7.62 10.17
N LEU A 78 3.45 6.42 10.45
CA LEU A 78 2.98 5.50 9.42
C LEU A 78 1.80 6.11 8.68
N THR A 79 0.78 6.52 9.43
CA THR A 79 -0.41 7.10 8.85
C THR A 79 -0.09 8.46 8.21
N GLN A 80 0.89 9.13 8.77
CA GLN A 80 1.37 10.41 8.27
C GLN A 80 1.98 10.23 6.88
N ALA A 81 2.89 9.26 6.76
CA ALA A 81 3.53 8.94 5.48
C ALA A 81 2.48 8.51 4.49
N TRP A 82 1.58 7.67 4.98
CA TRP A 82 0.42 7.18 4.23
C TRP A 82 -0.36 8.36 3.63
N LYS A 83 -0.59 9.36 4.47
CA LYS A 83 -1.36 10.51 4.11
C LYS A 83 -0.63 11.35 3.05
N LEU A 84 0.66 11.57 3.24
CA LEU A 84 1.44 12.30 2.27
C LEU A 84 1.45 11.59 0.92
N TRP A 85 1.58 10.27 0.96
CA TRP A 85 1.59 9.45 -0.24
C TRP A 85 0.27 9.53 -1.01
N ILE A 86 -0.85 9.33 -0.32
CA ILE A 86 -2.15 9.39 -0.99
C ILE A 86 -2.39 10.80 -1.55
N GLU A 87 -2.01 11.82 -0.79
CA GLU A 87 -2.18 13.19 -1.21
C GLU A 87 -1.33 13.54 -2.42
N GLU A 88 -0.15 12.92 -2.56
CA GLU A 88 0.69 13.13 -3.76
C GLU A 88 -0.11 12.76 -5.01
N HIS A 89 -0.86 11.69 -4.94
CA HIS A 89 -1.68 11.37 -6.06
C HIS A 89 -3.00 12.10 -6.08
N ILE A 90 -3.50 12.50 -4.93
CA ILE A 90 -4.71 13.34 -4.89
C ILE A 90 -4.45 14.68 -5.63
N LYS A 91 -3.29 15.27 -5.39
CA LYS A 91 -2.96 16.55 -6.01
C LYS A 91 -2.73 16.43 -7.54
N VAL A 92 -2.18 15.32 -8.00
CA VAL A 92 -1.93 15.19 -9.44
C VAL A 92 -3.09 14.52 -10.21
N THR A 93 -3.69 13.48 -9.66
CA THR A 93 -4.74 12.76 -10.37
C THR A 93 -6.10 12.81 -9.63
N GLY A 94 -6.09 12.79 -8.30
CA GLY A 94 -7.34 12.93 -7.53
C GLY A 94 -8.22 11.69 -7.53
N LYS A 95 -7.60 10.54 -7.55
CA LYS A 95 -8.31 9.25 -7.59
C LYS A 95 -9.15 9.00 -6.32
N VAL A 96 -8.46 8.82 -5.19
CA VAL A 96 -9.07 8.52 -3.87
C VAL A 96 -10.25 7.49 -3.92
N PRO A 97 -9.92 6.20 -4.07
CA PRO A 97 -10.91 5.14 -4.23
C PRO A 97 -11.35 4.47 -2.89
N PRO A 98 -12.52 3.77 -2.90
CA PRO A 98 -13.10 3.09 -1.72
C PRO A 98 -12.12 2.20 -0.95
N GLY A 99 -11.21 1.55 -1.65
CA GLY A 99 -10.22 0.68 -1.03
C GLY A 99 -9.36 1.41 -0.04
N ASN A 100 -8.91 2.56 -0.44
CA ASN A 100 -7.98 3.35 0.36
C ASN A 100 -8.75 4.03 1.49
N LYS A 101 -10.02 4.23 1.24
CA LYS A 101 -10.93 4.84 2.19
C LYS A 101 -11.48 3.81 3.21
N SER A 102 -11.01 2.55 3.08
CA SER A 102 -11.41 1.41 3.95
C SER A 102 -12.88 1.01 3.73
N GLY A 103 -13.47 1.49 2.65
CA GLY A 103 -14.84 1.18 2.33
C GLY A 103 -14.93 -0.18 1.67
N ASN A 104 -13.83 -0.60 1.09
CA ASN A 104 -13.72 -1.90 0.50
C ASN A 104 -12.87 -2.75 1.42
N ASN A 105 -13.48 -3.74 2.01
CA ASN A 105 -12.83 -4.58 3.02
C ASN A 105 -11.81 -5.52 2.39
N THR A 106 -12.00 -5.87 1.12
CA THR A 106 -11.22 -6.92 0.43
C THR A 106 -9.68 -6.79 0.59
N PHE A 107 -9.18 -5.58 0.65
CA PHE A 107 -7.74 -5.37 0.72
C PHE A 107 -7.17 -5.76 2.08
N VAL A 108 -8.01 -5.78 3.08
CA VAL A 108 -7.61 -6.14 4.41
C VAL A 108 -8.46 -7.30 4.93
N LYS A 109 -9.18 -7.93 4.02
CA LYS A 109 -10.12 -9.00 4.35
C LYS A 109 -9.40 -10.35 4.35
N VAL A 110 -8.15 -10.33 4.75
CA VAL A 110 -7.38 -11.54 4.83
C VAL A 110 -7.68 -12.21 6.17
N THR A 111 -8.66 -13.06 6.17
CA THR A 111 -9.08 -13.76 7.35
C THR A 111 -9.53 -15.16 6.92
N LEU A 112 -8.93 -16.17 7.48
CA LEU A 112 -9.25 -17.54 7.10
C LEU A 112 -10.52 -17.98 7.79
N GLU A 113 -10.45 -18.17 9.10
CA GLU A 113 -11.62 -18.56 9.85
C GLU A 113 -12.32 -17.28 10.23
N HIS A 114 -13.60 -17.32 10.41
CA HIS A 114 -14.35 -16.13 10.72
C HIS A 114 -14.24 -15.78 12.18
N HIS A 115 -14.21 -14.48 12.47
CA HIS A 115 -14.14 -14.04 13.86
C HIS A 115 -15.47 -14.33 14.53
N HIS A 116 -15.47 -15.26 15.42
CA HIS A 116 -16.69 -15.66 16.09
C HIS A 116 -16.88 -14.88 17.37
N HIS A 117 -18.09 -15.02 17.95
CA HIS A 117 -18.55 -14.25 19.12
C HIS A 117 -18.94 -12.85 18.67
N HIS A 118 -19.38 -12.05 19.58
CA HIS A 118 -19.67 -10.68 19.29
C HIS A 118 -18.49 -9.83 19.68
N HIS A 119 -17.61 -9.66 18.73
CA HIS A 119 -16.39 -8.91 18.85
C HIS A 119 -15.80 -8.84 17.46
N MET A 1 19.14 11.74 10.37
CA MET A 1 18.20 12.83 10.60
C MET A 1 17.18 12.84 9.51
N ALA A 2 16.01 12.33 9.82
CA ALA A 2 14.91 12.26 8.91
C ALA A 2 13.66 12.11 9.72
N SER A 3 12.54 12.01 9.07
CA SER A 3 11.28 11.78 9.72
C SER A 3 10.43 10.89 8.83
N ALA A 4 10.82 9.61 8.79
CA ALA A 4 10.18 8.59 7.97
C ALA A 4 10.35 8.89 6.47
N VAL A 5 9.71 8.11 5.63
CA VAL A 5 9.80 8.29 4.20
C VAL A 5 8.92 9.47 3.82
N LYS A 6 9.49 10.44 3.13
CA LYS A 6 8.80 11.68 2.79
C LYS A 6 7.56 11.43 1.93
N SER A 7 7.77 11.18 0.66
CA SER A 7 6.71 10.92 -0.24
C SER A 7 7.16 9.93 -1.33
N LEU A 8 6.24 9.64 -2.24
CA LEU A 8 6.40 8.66 -3.33
C LEU A 8 7.62 8.91 -4.21
N THR A 9 8.08 10.13 -4.25
CA THR A 9 9.21 10.53 -5.04
C THR A 9 10.51 9.88 -4.52
N GLU A 10 10.56 9.61 -3.24
CA GLU A 10 11.76 9.02 -2.64
C GLU A 10 11.53 7.57 -2.27
N THR A 11 10.43 7.05 -2.74
CA THR A 11 10.06 5.70 -2.45
C THR A 11 10.48 4.77 -3.62
N GLU A 12 11.05 3.62 -3.29
CA GLU A 12 11.49 2.67 -4.31
C GLU A 12 10.29 1.93 -4.93
N LEU A 13 10.43 1.56 -6.18
CA LEU A 13 9.37 0.92 -6.94
C LEU A 13 9.76 -0.51 -7.25
N LEU A 14 8.89 -1.43 -6.90
CA LEU A 14 9.09 -2.83 -7.18
C LEU A 14 7.94 -3.35 -8.03
N PRO A 15 8.23 -4.13 -9.07
CA PRO A 15 7.18 -4.80 -9.86
C PRO A 15 6.57 -5.93 -9.03
N ILE A 16 5.25 -6.11 -9.06
CA ILE A 16 4.62 -7.14 -8.21
C ILE A 16 4.80 -8.54 -8.81
N THR A 17 5.30 -8.59 -10.04
CA THR A 17 5.57 -9.87 -10.69
C THR A 17 6.73 -10.58 -9.96
N GLU A 18 7.54 -9.80 -9.26
CA GLU A 18 8.61 -10.31 -8.42
C GLU A 18 8.26 -10.01 -6.96
N ALA A 19 7.06 -10.43 -6.58
CA ALA A 19 6.47 -10.19 -5.24
C ALA A 19 7.34 -10.75 -4.11
N ASP A 20 8.15 -11.71 -4.45
CA ASP A 20 9.11 -12.27 -3.50
C ASP A 20 10.14 -11.22 -3.06
N SER A 21 10.39 -10.28 -3.93
CA SER A 21 11.42 -9.31 -3.70
C SER A 21 10.86 -8.09 -2.93
N ILE A 22 9.65 -8.20 -2.44
CA ILE A 22 9.08 -7.13 -1.65
C ILE A 22 9.63 -7.26 -0.22
N PRO A 23 10.17 -6.17 0.35
CA PRO A 23 10.73 -6.17 1.71
C PRO A 23 9.73 -6.65 2.76
N SER A 24 10.18 -7.56 3.57
CA SER A 24 9.41 -8.06 4.64
C SER A 24 9.69 -7.26 5.92
N ALA A 25 9.07 -6.11 6.03
CA ALA A 25 9.26 -5.23 7.16
C ALA A 25 7.99 -4.46 7.42
N SER A 26 7.99 -3.61 8.42
CA SER A 26 6.81 -2.86 8.76
C SER A 26 6.97 -1.46 8.19
N GLY A 27 5.93 -0.98 7.59
CA GLY A 27 5.98 0.31 6.99
C GLY A 27 4.77 0.56 6.15
N VAL A 28 4.96 1.34 5.14
CA VAL A 28 3.88 1.76 4.27
C VAL A 28 4.21 1.37 2.82
N TYR A 29 3.21 1.11 2.04
CA TYR A 29 3.38 0.75 0.67
C TYR A 29 2.33 1.47 -0.19
N ALA A 30 2.64 1.66 -1.43
CA ALA A 30 1.77 2.31 -2.37
C ALA A 30 1.57 1.40 -3.58
N VAL A 31 0.35 0.97 -3.78
CA VAL A 31 0.02 0.05 -4.87
C VAL A 31 -0.40 0.83 -6.12
N TYR A 32 0.32 0.60 -7.19
CA TYR A 32 0.08 1.19 -8.48
C TYR A 32 -0.44 0.12 -9.41
N ASP A 33 -1.51 0.38 -10.12
CA ASP A 33 -2.00 -0.61 -11.08
C ASP A 33 -1.14 -0.53 -12.36
N LYS A 34 -1.60 -1.17 -13.41
CA LYS A 34 -0.87 -1.27 -14.65
C LYS A 34 -0.70 0.13 -15.30
N SER A 35 -1.60 1.04 -14.96
CA SER A 35 -1.62 2.39 -15.51
C SER A 35 -0.63 3.31 -14.77
N ASP A 36 0.12 2.76 -13.78
CA ASP A 36 1.07 3.55 -12.93
C ASP A 36 0.27 4.48 -12.01
N GLU A 37 -0.94 4.08 -11.78
CA GLU A 37 -1.84 4.82 -10.95
C GLU A 37 -1.85 4.29 -9.55
N LEU A 38 -1.40 5.12 -8.63
CA LEU A 38 -1.48 4.84 -7.23
C LEU A 38 -2.92 4.89 -6.86
N GLN A 39 -3.45 3.76 -6.49
CA GLN A 39 -4.84 3.66 -6.19
C GLN A 39 -5.10 3.07 -4.80
N PHE A 40 -4.08 2.49 -4.20
CA PHE A 40 -4.22 1.98 -2.85
C PHE A 40 -2.94 2.11 -2.06
N VAL A 41 -2.98 2.92 -1.04
CA VAL A 41 -1.88 3.01 -0.10
C VAL A 41 -2.25 2.26 1.15
N GLY A 42 -1.29 1.72 1.83
CA GLY A 42 -1.58 1.00 3.02
C GLY A 42 -0.38 0.84 3.91
N ILE A 43 -0.64 0.72 5.18
CA ILE A 43 0.39 0.50 6.17
C ILE A 43 0.19 -0.88 6.74
N SER A 44 1.25 -1.58 6.98
CA SER A 44 1.14 -2.96 7.43
C SER A 44 2.32 -3.39 8.32
N ARG A 45 2.17 -4.55 8.93
CA ARG A 45 3.16 -5.11 9.80
C ARG A 45 4.28 -5.72 9.00
N ASN A 46 3.95 -6.41 7.96
CA ASN A 46 4.97 -7.00 7.13
C ASN A 46 4.56 -6.82 5.68
N ILE A 47 5.14 -5.80 5.06
CA ILE A 47 4.81 -5.34 3.71
C ILE A 47 4.64 -6.47 2.68
N ALA A 48 5.66 -7.30 2.49
CA ALA A 48 5.61 -8.42 1.51
C ALA A 48 4.39 -9.31 1.71
N ALA A 49 4.07 -9.61 2.96
CA ALA A 49 2.95 -10.46 3.28
C ALA A 49 1.65 -9.77 2.96
N SER A 50 1.58 -8.51 3.28
CA SER A 50 0.41 -7.69 3.05
C SER A 50 0.16 -7.52 1.55
N VAL A 51 1.21 -7.15 0.82
CA VAL A 51 1.16 -6.94 -0.60
C VAL A 51 0.68 -8.21 -1.30
N SER A 52 1.34 -9.32 -1.02
CA SER A 52 0.99 -10.59 -1.62
C SER A 52 -0.44 -11.02 -1.21
N ALA A 53 -0.85 -10.74 0.03
CA ALA A 53 -2.16 -11.15 0.52
C ALA A 53 -3.29 -10.53 -0.31
N HIS A 54 -3.38 -9.21 -0.32
CA HIS A 54 -4.52 -8.59 -0.98
C HIS A 54 -4.39 -8.51 -2.49
N LEU A 55 -3.17 -8.55 -3.03
CA LEU A 55 -3.04 -8.50 -4.49
C LEU A 55 -3.38 -9.83 -5.12
N LYS A 56 -3.25 -10.90 -4.37
CA LYS A 56 -3.65 -12.19 -4.89
C LYS A 56 -5.12 -12.44 -4.59
N SER A 57 -5.66 -11.68 -3.64
CA SER A 57 -7.07 -11.74 -3.34
C SER A 57 -7.84 -11.01 -4.45
N VAL A 58 -7.37 -9.82 -4.81
CA VAL A 58 -7.94 -9.02 -5.87
C VAL A 58 -6.83 -8.37 -6.73
N PRO A 59 -6.46 -9.02 -7.85
CA PRO A 59 -5.37 -8.57 -8.74
C PRO A 59 -5.71 -7.34 -9.62
N GLU A 60 -6.66 -6.53 -9.18
CA GLU A 60 -7.06 -5.37 -9.94
C GLU A 60 -5.90 -4.36 -10.02
N LEU A 61 -5.25 -4.17 -8.91
CA LEU A 61 -4.19 -3.17 -8.83
C LEU A 61 -2.82 -3.78 -8.96
N CYS A 62 -2.73 -4.97 -9.52
CA CYS A 62 -1.45 -5.59 -9.74
C CYS A 62 -0.69 -4.94 -10.89
N GLY A 63 0.15 -4.00 -10.55
CA GLY A 63 1.02 -3.37 -11.50
C GLY A 63 2.41 -3.25 -10.92
N SER A 64 2.53 -2.42 -9.93
CA SER A 64 3.77 -2.22 -9.25
C SER A 64 3.51 -1.62 -7.88
N VAL A 65 4.46 -1.68 -7.01
CA VAL A 65 4.27 -1.18 -5.68
C VAL A 65 5.51 -0.39 -5.23
N LYS A 66 5.28 0.69 -4.53
CA LYS A 66 6.36 1.44 -3.94
C LYS A 66 6.33 1.18 -2.46
N VAL A 67 7.44 0.76 -1.90
CA VAL A 67 7.48 0.41 -0.51
C VAL A 67 8.35 1.36 0.29
N GLY A 68 7.84 1.79 1.40
CA GLY A 68 8.55 2.69 2.23
C GLY A 68 8.69 2.14 3.62
N ILE A 69 9.85 1.63 3.92
CA ILE A 69 10.13 1.11 5.22
C ILE A 69 10.57 2.27 6.05
N VAL A 70 9.74 2.64 6.96
CA VAL A 70 9.98 3.80 7.75
C VAL A 70 10.90 3.50 8.92
N GLU A 71 11.45 4.55 9.52
CA GLU A 71 12.38 4.44 10.63
C GLU A 71 11.75 3.69 11.80
N GLU A 72 10.71 4.28 12.34
CA GLU A 72 10.03 3.73 13.49
C GLU A 72 8.79 3.01 13.00
N PRO A 73 8.38 1.92 13.66
CA PRO A 73 7.10 1.25 13.35
C PRO A 73 5.94 1.98 14.08
N ASP A 74 6.11 3.28 14.22
CA ASP A 74 5.22 4.13 14.98
C ASP A 74 3.94 4.42 14.21
N LYS A 75 2.82 4.34 14.89
CA LYS A 75 1.51 4.57 14.29
C LYS A 75 1.37 5.96 13.68
N ALA A 76 2.04 6.94 14.25
CA ALA A 76 1.94 8.30 13.73
C ALA A 76 2.70 8.42 12.43
N VAL A 77 3.92 7.89 12.40
CA VAL A 77 4.77 7.98 11.22
C VAL A 77 4.20 7.15 10.06
N LEU A 78 3.55 6.04 10.41
CA LEU A 78 2.90 5.18 9.43
C LEU A 78 1.75 5.92 8.79
N THR A 79 0.88 6.49 9.61
CA THR A 79 -0.28 7.20 9.14
C THR A 79 0.13 8.47 8.36
N GLN A 80 1.22 9.10 8.81
CA GLN A 80 1.74 10.30 8.18
C GLN A 80 2.17 10.00 6.75
N ALA A 81 3.00 8.97 6.59
CA ALA A 81 3.50 8.59 5.28
C ALA A 81 2.35 8.16 4.37
N TRP A 82 1.41 7.39 4.95
CA TRP A 82 0.19 6.94 4.26
C TRP A 82 -0.55 8.15 3.68
N LYS A 83 -0.76 9.13 4.55
CA LYS A 83 -1.45 10.36 4.24
C LYS A 83 -0.75 11.13 3.13
N LEU A 84 0.54 11.36 3.29
CA LEU A 84 1.32 12.11 2.33
C LEU A 84 1.27 11.47 0.96
N TRP A 85 1.54 10.17 0.91
CA TRP A 85 1.57 9.42 -0.34
C TRP A 85 0.25 9.46 -1.10
N ILE A 86 -0.86 9.21 -0.40
CA ILE A 86 -2.15 9.20 -1.07
C ILE A 86 -2.49 10.58 -1.63
N GLU A 87 -2.21 11.63 -0.82
CA GLU A 87 -2.51 12.98 -1.24
C GLU A 87 -1.71 13.39 -2.47
N GLU A 88 -0.49 12.87 -2.59
CA GLU A 88 0.36 13.15 -3.76
C GLU A 88 -0.37 12.76 -5.05
N HIS A 89 -0.89 11.55 -5.10
CA HIS A 89 -1.53 11.07 -6.30
C HIS A 89 -2.94 11.66 -6.47
N ILE A 90 -3.52 12.11 -5.36
CA ILE A 90 -4.83 12.80 -5.39
C ILE A 90 -4.69 14.17 -6.07
N LYS A 91 -3.53 14.78 -5.91
CA LYS A 91 -3.30 16.09 -6.50
C LYS A 91 -3.01 15.99 -7.98
N VAL A 92 -2.11 15.08 -8.32
CA VAL A 92 -1.71 14.93 -9.71
C VAL A 92 -2.79 14.30 -10.63
N THR A 93 -3.29 13.11 -10.30
CA THR A 93 -4.27 12.51 -11.18
C THR A 93 -5.66 12.58 -10.57
N GLY A 94 -5.73 12.60 -9.26
CA GLY A 94 -7.00 12.70 -8.58
C GLY A 94 -7.49 11.36 -8.12
N LYS A 95 -6.58 10.49 -7.78
CA LYS A 95 -6.96 9.15 -7.40
C LYS A 95 -7.13 8.95 -5.94
N VAL A 96 -8.35 8.94 -5.54
CA VAL A 96 -8.77 8.53 -4.24
C VAL A 96 -9.91 7.50 -4.47
N PRO A 97 -9.53 6.26 -4.80
CA PRO A 97 -10.45 5.21 -5.20
C PRO A 97 -11.08 4.45 -4.01
N PRO A 98 -12.17 3.68 -4.28
CA PRO A 98 -12.92 2.88 -3.27
C PRO A 98 -12.05 2.04 -2.33
N GLY A 99 -10.87 1.63 -2.81
CA GLY A 99 -9.96 0.85 -2.00
C GLY A 99 -9.45 1.60 -0.78
N ASN A 100 -9.16 2.88 -0.95
CA ASN A 100 -8.69 3.72 0.15
C ASN A 100 -9.83 4.45 0.80
N LYS A 101 -10.92 4.59 0.08
CA LYS A 101 -12.11 5.16 0.62
C LYS A 101 -12.81 4.16 1.53
N SER A 102 -13.81 4.61 2.22
CA SER A 102 -14.53 3.79 3.13
C SER A 102 -15.51 2.89 2.36
N GLY A 103 -15.67 1.65 2.78
CA GLY A 103 -16.65 0.79 2.17
C GLY A 103 -16.06 -0.46 1.53
N ASN A 104 -14.76 -0.51 1.38
CA ASN A 104 -14.13 -1.66 0.75
C ASN A 104 -13.27 -2.41 1.74
N ASN A 105 -13.46 -3.71 1.81
CA ASN A 105 -12.63 -4.55 2.67
C ASN A 105 -11.79 -5.49 1.81
N THR A 106 -12.08 -5.52 0.53
CA THR A 106 -11.42 -6.42 -0.41
C THR A 106 -9.89 -6.17 -0.45
N PHE A 107 -9.48 -4.91 -0.47
CA PHE A 107 -8.08 -4.55 -0.49
C PHE A 107 -7.51 -4.45 0.93
N VAL A 108 -8.41 -4.41 1.89
CA VAL A 108 -8.03 -4.23 3.29
C VAL A 108 -7.91 -5.61 3.99
N LYS A 109 -8.35 -6.64 3.30
CA LYS A 109 -8.28 -7.98 3.85
C LYS A 109 -6.87 -8.53 3.76
N VAL A 110 -6.06 -8.11 4.68
CA VAL A 110 -4.73 -8.63 4.84
C VAL A 110 -4.70 -9.57 6.03
N THR A 111 -5.51 -9.24 7.00
CA THR A 111 -5.57 -9.95 8.23
C THR A 111 -7.05 -10.29 8.48
N LEU A 112 -7.30 -11.44 9.12
CA LEU A 112 -8.66 -11.94 9.40
C LEU A 112 -9.40 -12.33 8.12
N GLU A 113 -10.47 -13.07 8.29
CA GLU A 113 -11.31 -13.42 7.17
C GLU A 113 -12.41 -12.42 6.99
N HIS A 114 -12.68 -11.66 8.07
CA HIS A 114 -13.69 -10.58 8.13
C HIS A 114 -15.14 -11.10 8.08
N HIS A 115 -15.40 -12.05 7.21
CA HIS A 115 -16.71 -12.65 7.09
C HIS A 115 -16.97 -13.56 8.28
N HIS A 116 -17.86 -13.14 9.13
CA HIS A 116 -18.22 -13.91 10.31
C HIS A 116 -19.03 -15.08 9.85
N HIS A 117 -18.71 -16.25 10.38
CA HIS A 117 -19.21 -17.50 9.84
C HIS A 117 -18.76 -17.63 8.42
N HIS A 118 -17.46 -17.79 8.25
CA HIS A 118 -16.90 -17.89 6.92
C HIS A 118 -16.94 -19.32 6.45
N HIS A 119 -18.11 -19.71 6.08
CA HIS A 119 -18.36 -21.02 5.63
C HIS A 119 -18.94 -20.90 4.25
N MET A 1 10.02 9.61 16.26
CA MET A 1 11.00 10.34 15.47
C MET A 1 12.34 9.64 15.50
N ALA A 2 12.62 8.91 14.46
CA ALA A 2 13.89 8.24 14.29
C ALA A 2 14.29 8.36 12.83
N SER A 3 13.44 7.85 11.96
CA SER A 3 13.64 7.89 10.53
C SER A 3 12.32 7.59 9.83
N ALA A 4 11.65 8.64 9.41
CA ALA A 4 10.40 8.52 8.70
C ALA A 4 10.70 8.36 7.22
N VAL A 5 9.69 8.07 6.44
CA VAL A 5 9.90 7.87 5.03
C VAL A 5 9.45 9.14 4.27
N LYS A 6 9.97 9.32 3.08
CA LYS A 6 9.64 10.46 2.24
C LYS A 6 8.33 10.21 1.49
N SER A 7 8.01 11.13 0.60
CA SER A 7 6.81 11.05 -0.20
C SER A 7 6.99 10.07 -1.37
N LEU A 8 5.87 9.65 -1.97
CA LEU A 8 5.84 8.66 -3.08
C LEU A 8 6.77 8.97 -4.22
N THR A 9 6.96 10.23 -4.51
CA THR A 9 7.84 10.63 -5.57
C THR A 9 9.30 10.17 -5.28
N GLU A 10 9.62 10.01 -4.02
CA GLU A 10 10.98 9.66 -3.62
C GLU A 10 11.09 8.14 -3.40
N THR A 11 9.97 7.49 -3.36
CA THR A 11 9.89 6.09 -3.06
C THR A 11 10.27 5.22 -4.27
N GLU A 12 10.90 4.07 -3.99
CA GLU A 12 11.31 3.14 -5.01
C GLU A 12 10.15 2.21 -5.41
N LEU A 13 10.22 1.72 -6.63
CA LEU A 13 9.18 0.93 -7.26
C LEU A 13 9.64 -0.52 -7.39
N LEU A 14 8.77 -1.43 -7.04
CA LEU A 14 9.02 -2.85 -7.14
C LEU A 14 7.93 -3.49 -7.97
N PRO A 15 8.28 -4.44 -8.86
CA PRO A 15 7.29 -5.22 -9.62
C PRO A 15 6.59 -6.25 -8.70
N ILE A 16 5.29 -6.46 -8.90
CA ILE A 16 4.55 -7.37 -8.00
C ILE A 16 4.79 -8.84 -8.37
N THR A 17 5.36 -9.06 -9.55
CA THR A 17 5.67 -10.40 -10.02
C THR A 17 6.77 -11.02 -9.14
N GLU A 18 7.62 -10.19 -8.59
CA GLU A 18 8.66 -10.63 -7.71
C GLU A 18 8.27 -10.33 -6.27
N ALA A 19 7.09 -10.80 -5.90
CA ALA A 19 6.48 -10.61 -4.57
C ALA A 19 7.38 -11.13 -3.44
N ASP A 20 8.32 -11.99 -3.77
CA ASP A 20 9.27 -12.50 -2.78
C ASP A 20 10.34 -11.46 -2.50
N SER A 21 10.57 -10.58 -3.45
CA SER A 21 11.61 -9.59 -3.33
C SER A 21 11.10 -8.33 -2.64
N ILE A 22 9.83 -8.33 -2.29
CA ILE A 22 9.22 -7.22 -1.60
C ILE A 22 9.74 -7.20 -0.16
N PRO A 23 10.25 -6.04 0.30
CA PRO A 23 10.75 -5.86 1.67
C PRO A 23 9.75 -6.31 2.74
N SER A 24 10.25 -7.07 3.69
CA SER A 24 9.47 -7.64 4.76
C SER A 24 9.53 -6.75 6.00
N ALA A 25 9.72 -5.49 5.76
CA ALA A 25 9.89 -4.52 6.82
C ALA A 25 8.57 -3.82 7.09
N SER A 26 8.58 -2.87 7.99
CA SER A 26 7.39 -2.15 8.36
C SER A 26 7.34 -0.84 7.60
N GLY A 27 6.16 -0.41 7.25
CA GLY A 27 6.02 0.84 6.59
C GLY A 27 4.75 0.95 5.85
N VAL A 28 4.82 1.69 4.78
CA VAL A 28 3.69 1.99 3.97
C VAL A 28 4.00 1.56 2.55
N TYR A 29 2.99 1.20 1.81
CA TYR A 29 3.18 0.80 0.45
C TYR A 29 2.08 1.39 -0.40
N ALA A 30 2.37 1.55 -1.65
CA ALA A 30 1.44 2.11 -2.59
C ALA A 30 1.28 1.16 -3.75
N VAL A 31 0.06 0.75 -3.98
CA VAL A 31 -0.25 -0.19 -5.02
C VAL A 31 -0.68 0.56 -6.29
N TYR A 32 0.02 0.26 -7.36
CA TYR A 32 -0.21 0.83 -8.67
C TYR A 32 -0.65 -0.28 -9.61
N ASP A 33 -1.57 0.01 -10.49
CA ASP A 33 -2.06 -0.98 -11.44
C ASP A 33 -1.21 -0.91 -12.73
N LYS A 34 -1.71 -1.51 -13.80
CA LYS A 34 -1.00 -1.54 -15.09
C LYS A 34 -0.95 -0.15 -15.74
N SER A 35 -1.73 0.79 -15.23
CA SER A 35 -1.76 2.14 -15.77
C SER A 35 -0.80 3.03 -14.97
N ASP A 36 -0.18 2.44 -13.93
CA ASP A 36 0.67 3.15 -12.97
C ASP A 36 -0.16 4.11 -12.15
N GLU A 37 -1.43 3.80 -12.00
CA GLU A 37 -2.30 4.62 -11.23
C GLU A 37 -2.32 4.17 -9.80
N LEU A 38 -2.09 5.10 -8.93
CA LEU A 38 -2.17 4.85 -7.53
C LEU A 38 -3.61 4.78 -7.17
N GLN A 39 -3.98 3.66 -6.67
CA GLN A 39 -5.34 3.42 -6.32
C GLN A 39 -5.47 2.90 -4.90
N PHE A 40 -4.39 2.40 -4.33
CA PHE A 40 -4.45 1.93 -2.97
C PHE A 40 -3.14 2.13 -2.22
N VAL A 41 -3.19 2.90 -1.19
CA VAL A 41 -2.07 3.04 -0.27
C VAL A 41 -2.44 2.36 1.03
N GLY A 42 -1.51 1.66 1.61
CA GLY A 42 -1.79 0.96 2.83
C GLY A 42 -0.58 0.86 3.70
N ILE A 43 -0.79 0.66 4.97
CA ILE A 43 0.29 0.53 5.93
C ILE A 43 0.27 -0.86 6.53
N SER A 44 1.44 -1.38 6.87
CA SER A 44 1.56 -2.71 7.43
C SER A 44 2.83 -2.80 8.29
N ARG A 45 2.84 -3.74 9.22
CA ARG A 45 4.00 -3.96 10.06
C ARG A 45 4.97 -4.85 9.27
N ASN A 46 4.39 -5.65 8.41
CA ASN A 46 5.15 -6.45 7.47
C ASN A 46 4.58 -6.17 6.10
N ILE A 47 5.31 -5.42 5.32
CA ILE A 47 4.87 -5.02 3.99
C ILE A 47 4.64 -6.23 3.06
N ALA A 48 5.70 -7.01 2.83
CA ALA A 48 5.68 -8.16 1.89
C ALA A 48 4.46 -9.06 2.01
N ALA A 49 4.24 -9.62 3.18
CA ALA A 49 3.16 -10.58 3.36
C ALA A 49 1.80 -9.96 3.16
N SER A 50 1.64 -8.72 3.60
CA SER A 50 0.38 -8.03 3.49
C SER A 50 0.09 -7.65 2.03
N VAL A 51 1.10 -7.10 1.35
CA VAL A 51 0.97 -6.70 -0.05
C VAL A 51 0.60 -7.90 -0.89
N SER A 52 1.43 -8.94 -0.80
CA SER A 52 1.25 -10.15 -1.55
C SER A 52 -0.13 -10.78 -1.27
N ALA A 53 -0.55 -10.80 0.00
CA ALA A 53 -1.82 -11.41 0.40
C ALA A 53 -3.00 -10.84 -0.39
N HIS A 54 -3.20 -9.53 -0.30
CA HIS A 54 -4.36 -8.93 -0.95
C HIS A 54 -4.22 -8.87 -2.46
N LEU A 55 -3.01 -8.86 -2.96
CA LEU A 55 -2.82 -8.85 -4.41
C LEU A 55 -3.16 -10.19 -5.01
N LYS A 56 -2.89 -11.25 -4.27
CA LYS A 56 -3.25 -12.58 -4.73
C LYS A 56 -4.73 -12.83 -4.52
N SER A 57 -5.32 -12.07 -3.63
CA SER A 57 -6.74 -12.16 -3.37
C SER A 57 -7.52 -11.38 -4.44
N VAL A 58 -7.07 -10.18 -4.73
CA VAL A 58 -7.67 -9.37 -5.76
C VAL A 58 -6.58 -8.77 -6.69
N PRO A 59 -6.27 -9.49 -7.80
CA PRO A 59 -5.19 -9.12 -8.75
C PRO A 59 -5.53 -7.96 -9.68
N GLU A 60 -6.56 -7.23 -9.33
CA GLU A 60 -7.03 -6.12 -10.13
C GLU A 60 -5.98 -5.00 -10.18
N LEU A 61 -5.32 -4.79 -9.07
CA LEU A 61 -4.31 -3.74 -8.99
C LEU A 61 -2.90 -4.30 -9.10
N CYS A 62 -2.77 -5.48 -9.65
CA CYS A 62 -1.46 -6.06 -9.88
C CYS A 62 -0.77 -5.40 -11.04
N GLY A 63 0.01 -4.38 -10.74
CA GLY A 63 0.82 -3.72 -11.71
C GLY A 63 2.20 -3.50 -11.17
N SER A 64 2.30 -2.68 -10.15
CA SER A 64 3.55 -2.40 -9.50
C SER A 64 3.28 -1.87 -8.09
N VAL A 65 4.29 -1.80 -7.26
CA VAL A 65 4.09 -1.33 -5.91
C VAL A 65 5.31 -0.53 -5.44
N LYS A 66 5.08 0.55 -4.75
CA LYS A 66 6.16 1.30 -4.13
C LYS A 66 6.12 1.05 -2.66
N VAL A 67 7.26 0.85 -2.05
CA VAL A 67 7.29 0.52 -0.63
C VAL A 67 8.20 1.47 0.14
N GLY A 68 7.70 1.95 1.24
CA GLY A 68 8.43 2.84 2.06
C GLY A 68 8.77 2.22 3.37
N ILE A 69 10.02 1.80 3.48
CA ILE A 69 10.51 1.16 4.68
C ILE A 69 10.79 2.23 5.73
N VAL A 70 10.06 2.19 6.79
CA VAL A 70 10.24 3.13 7.85
C VAL A 70 10.89 2.42 9.03
N GLU A 71 11.84 3.06 9.66
CA GLU A 71 12.53 2.48 10.81
C GLU A 71 11.59 2.32 11.97
N GLU A 72 10.84 3.34 12.21
CA GLU A 72 9.95 3.39 13.32
C GLU A 72 8.54 2.94 12.90
N PRO A 73 8.07 1.80 13.43
CA PRO A 73 6.75 1.25 13.09
C PRO A 73 5.62 1.91 13.91
N ASP A 74 5.82 3.17 14.22
CA ASP A 74 4.89 3.94 15.01
C ASP A 74 3.65 4.25 14.20
N LYS A 75 2.49 4.10 14.82
CA LYS A 75 1.22 4.27 14.14
C LYS A 75 1.03 5.69 13.57
N ALA A 76 1.63 6.69 14.21
CA ALA A 76 1.50 8.06 13.73
C ALA A 76 2.28 8.18 12.47
N VAL A 77 3.54 7.74 12.52
CA VAL A 77 4.45 7.82 11.40
C VAL A 77 3.91 7.04 10.20
N LEU A 78 3.33 5.87 10.47
CA LEU A 78 2.70 5.06 9.44
C LEU A 78 1.55 5.83 8.78
N THR A 79 0.60 6.29 9.59
CA THR A 79 -0.54 7.05 9.09
C THR A 79 -0.08 8.36 8.39
N GLN A 80 0.92 8.97 8.94
CA GLN A 80 1.52 10.19 8.42
C GLN A 80 2.07 9.95 7.02
N ALA A 81 2.88 8.92 6.86
CA ALA A 81 3.46 8.57 5.57
C ALA A 81 2.35 8.26 4.58
N TRP A 82 1.35 7.52 5.05
CA TRP A 82 0.17 7.16 4.29
C TRP A 82 -0.51 8.43 3.76
N LYS A 83 -0.63 9.40 4.65
CA LYS A 83 -1.28 10.67 4.37
C LYS A 83 -0.50 11.44 3.29
N LEU A 84 0.83 11.46 3.40
CA LEU A 84 1.67 12.10 2.38
C LEU A 84 1.50 11.42 1.03
N TRP A 85 1.54 10.11 1.05
CA TRP A 85 1.46 9.29 -0.14
C TRP A 85 0.13 9.42 -0.88
N ILE A 86 -0.97 9.36 -0.17
CA ILE A 86 -2.27 9.53 -0.82
C ILE A 86 -2.35 10.94 -1.43
N GLU A 87 -1.89 11.94 -0.67
CA GLU A 87 -1.90 13.31 -1.13
C GLU A 87 -1.00 13.55 -2.33
N GLU A 88 0.09 12.79 -2.43
CA GLU A 88 0.96 12.79 -3.61
C GLU A 88 0.12 12.59 -4.86
N HIS A 89 -0.72 11.57 -4.84
CA HIS A 89 -1.53 11.28 -5.99
C HIS A 89 -2.78 12.11 -6.09
N ILE A 90 -3.30 12.56 -4.96
CA ILE A 90 -4.42 13.50 -4.95
C ILE A 90 -4.05 14.78 -5.73
N LYS A 91 -2.82 15.23 -5.56
CA LYS A 91 -2.37 16.44 -6.25
C LYS A 91 -2.08 16.20 -7.74
N VAL A 92 -1.36 15.13 -8.05
CA VAL A 92 -0.97 14.90 -9.44
C VAL A 92 -2.08 14.33 -10.32
N THR A 93 -2.88 13.41 -9.81
CA THR A 93 -3.91 12.82 -10.61
C THR A 93 -5.30 13.08 -10.04
N GLY A 94 -5.40 13.11 -8.72
CA GLY A 94 -6.67 13.31 -8.08
C GLY A 94 -7.41 12.00 -7.89
N LYS A 95 -6.67 10.92 -8.00
CA LYS A 95 -7.25 9.61 -7.89
C LYS A 95 -7.37 9.16 -6.45
N VAL A 96 -8.58 9.13 -5.98
CA VAL A 96 -8.91 8.60 -4.68
C VAL A 96 -10.03 7.60 -4.88
N PRO A 97 -9.70 6.37 -5.24
CA PRO A 97 -10.69 5.34 -5.51
C PRO A 97 -11.28 4.76 -4.21
N PRO A 98 -12.42 4.04 -4.31
CA PRO A 98 -13.07 3.40 -3.15
C PRO A 98 -12.10 2.51 -2.35
N GLY A 99 -11.12 1.93 -3.04
CA GLY A 99 -10.13 1.10 -2.39
C GLY A 99 -9.23 1.86 -1.44
N ASN A 100 -9.09 3.15 -1.65
CA ASN A 100 -8.22 3.96 -0.82
C ASN A 100 -9.04 4.55 0.34
N LYS A 101 -10.35 4.38 0.27
CA LYS A 101 -11.25 4.85 1.30
C LYS A 101 -11.25 3.87 2.47
N SER A 102 -11.86 4.25 3.55
CA SER A 102 -11.89 3.44 4.72
C SER A 102 -13.30 2.90 4.94
N GLY A 103 -13.39 1.64 5.30
CA GLY A 103 -14.65 0.99 5.52
C GLY A 103 -14.55 -0.44 5.08
N ASN A 104 -15.59 -0.98 4.46
CA ASN A 104 -15.50 -2.32 3.90
C ASN A 104 -14.61 -2.24 2.69
N ASN A 105 -13.47 -2.85 2.78
CA ASN A 105 -12.49 -2.76 1.74
C ASN A 105 -11.94 -4.13 1.43
N THR A 106 -11.82 -4.42 0.15
CA THR A 106 -11.37 -5.71 -0.36
C THR A 106 -9.85 -5.96 -0.09
N PHE A 107 -9.10 -4.90 0.12
CA PHE A 107 -7.65 -5.01 0.28
C PHE A 107 -7.26 -5.24 1.73
N VAL A 108 -7.81 -4.44 2.63
CA VAL A 108 -7.50 -4.60 4.05
C VAL A 108 -8.36 -5.70 4.69
N LYS A 109 -9.57 -5.87 4.14
CA LYS A 109 -10.58 -6.84 4.61
C LYS A 109 -11.15 -6.51 5.98
N VAL A 110 -12.45 -6.62 6.09
CA VAL A 110 -13.11 -6.52 7.38
C VAL A 110 -13.11 -7.93 7.92
N THR A 111 -13.51 -8.84 7.08
CA THR A 111 -13.42 -10.23 7.34
C THR A 111 -12.20 -10.71 6.57
N LEU A 112 -11.15 -11.04 7.29
CA LEU A 112 -9.83 -11.33 6.71
C LEU A 112 -9.84 -12.49 5.74
N GLU A 113 -10.67 -13.48 6.00
CA GLU A 113 -10.78 -14.63 5.11
C GLU A 113 -11.65 -14.30 3.90
N HIS A 114 -12.51 -13.28 4.09
CA HIS A 114 -13.57 -12.91 3.14
C HIS A 114 -14.40 -14.15 2.83
N HIS A 115 -15.30 -14.45 3.72
CA HIS A 115 -16.06 -15.66 3.62
C HIS A 115 -17.06 -15.53 2.49
N HIS A 116 -16.88 -16.32 1.48
CA HIS A 116 -17.69 -16.23 0.28
C HIS A 116 -19.03 -16.92 0.48
N HIS A 117 -20.07 -16.13 0.53
CA HIS A 117 -21.42 -16.65 0.63
C HIS A 117 -21.86 -17.03 -0.74
N HIS A 118 -22.08 -18.30 -0.96
CA HIS A 118 -22.43 -18.81 -2.27
C HIS A 118 -23.89 -18.60 -2.54
N HIS A 119 -24.15 -17.82 -3.55
CA HIS A 119 -25.48 -17.49 -3.98
C HIS A 119 -25.41 -17.30 -5.49
N MET A 1 18.35 3.17 11.34
CA MET A 1 18.32 4.61 11.23
C MET A 1 18.99 5.01 9.94
N ALA A 2 18.24 4.93 8.87
CA ALA A 2 18.68 5.27 7.53
C ALA A 2 17.47 5.30 6.61
N SER A 3 16.53 4.41 6.85
CA SER A 3 15.37 4.33 6.02
C SER A 3 14.19 5.12 6.62
N ALA A 4 13.90 6.25 5.99
CA ALA A 4 12.77 7.08 6.30
C ALA A 4 12.34 7.78 5.03
N VAL A 5 11.10 7.59 4.67
CA VAL A 5 10.57 8.11 3.43
C VAL A 5 9.49 9.14 3.74
N LYS A 6 9.41 10.19 2.94
CA LYS A 6 8.39 11.22 3.12
C LYS A 6 7.33 11.05 2.07
N SER A 7 7.78 10.99 0.86
CA SER A 7 6.93 11.04 -0.28
C SER A 7 7.23 9.92 -1.27
N LEU A 8 6.30 9.68 -2.18
CA LEU A 8 6.42 8.62 -3.18
C LEU A 8 7.50 8.90 -4.19
N THR A 9 7.96 10.12 -4.21
CA THR A 9 9.02 10.53 -5.09
C THR A 9 10.35 9.87 -4.62
N GLU A 10 10.39 9.43 -3.36
CA GLU A 10 11.59 8.84 -2.78
C GLU A 10 11.40 7.33 -2.68
N THR A 11 10.29 6.85 -3.13
CA THR A 11 9.94 5.48 -2.95
C THR A 11 10.37 4.59 -4.13
N GLU A 12 10.97 3.46 -3.79
CA GLU A 12 11.43 2.46 -4.74
C GLU A 12 10.25 1.66 -5.33
N LEU A 13 10.43 1.17 -6.53
CA LEU A 13 9.38 0.45 -7.23
C LEU A 13 9.74 -1.03 -7.31
N LEU A 14 8.82 -1.86 -6.93
CA LEU A 14 8.97 -3.29 -6.95
C LEU A 14 7.91 -3.92 -7.83
N PRO A 15 8.28 -4.87 -8.66
CA PRO A 15 7.32 -5.64 -9.43
C PRO A 15 6.51 -6.57 -8.51
N ILE A 16 5.20 -6.70 -8.75
CA ILE A 16 4.34 -7.47 -7.83
C ILE A 16 4.51 -8.96 -8.04
N THR A 17 5.16 -9.33 -9.13
CA THR A 17 5.40 -10.70 -9.43
C THR A 17 6.50 -11.27 -8.52
N GLU A 18 7.31 -10.37 -7.97
CA GLU A 18 8.31 -10.79 -7.05
C GLU A 18 7.89 -10.41 -5.64
N ALA A 19 6.68 -10.84 -5.29
CA ALA A 19 6.09 -10.61 -3.97
C ALA A 19 7.00 -11.15 -2.85
N ASP A 20 7.77 -12.17 -3.20
CA ASP A 20 8.77 -12.78 -2.31
C ASP A 20 9.92 -11.80 -2.00
N SER A 21 10.14 -10.86 -2.91
CA SER A 21 11.24 -9.93 -2.84
C SER A 21 10.80 -8.64 -2.12
N ILE A 22 9.52 -8.56 -1.78
CA ILE A 22 8.99 -7.41 -1.09
C ILE A 22 9.49 -7.44 0.36
N PRO A 23 10.04 -6.32 0.85
CA PRO A 23 10.52 -6.20 2.24
C PRO A 23 9.47 -6.63 3.29
N SER A 24 9.90 -7.45 4.21
CA SER A 24 9.04 -7.98 5.24
C SER A 24 9.06 -7.10 6.49
N ALA A 25 9.31 -5.83 6.29
CA ALA A 25 9.41 -4.87 7.36
C ALA A 25 8.09 -4.12 7.49
N SER A 26 8.05 -3.17 8.39
CA SER A 26 6.88 -2.38 8.61
C SER A 26 7.03 -1.08 7.82
N GLY A 27 5.95 -0.46 7.46
CA GLY A 27 6.03 0.78 6.76
C GLY A 27 4.82 1.04 5.91
N VAL A 28 5.03 1.81 4.90
CA VAL A 28 3.99 2.23 3.98
C VAL A 28 4.23 1.61 2.61
N TYR A 29 3.18 1.41 1.88
CA TYR A 29 3.31 0.91 0.53
C TYR A 29 2.25 1.53 -0.37
N ALA A 30 2.52 1.60 -1.64
CA ALA A 30 1.63 2.16 -2.62
C ALA A 30 1.49 1.22 -3.77
N VAL A 31 0.28 0.88 -4.10
CA VAL A 31 0.01 -0.06 -5.14
C VAL A 31 -0.44 0.65 -6.41
N TYR A 32 0.25 0.36 -7.48
CA TYR A 32 -0.01 0.89 -8.78
C TYR A 32 -0.49 -0.26 -9.66
N ASP A 33 -1.55 -0.05 -10.40
CA ASP A 33 -2.08 -1.13 -11.25
C ASP A 33 -1.24 -1.23 -12.52
N LYS A 34 -1.71 -2.02 -13.50
CA LYS A 34 -1.01 -2.21 -14.76
C LYS A 34 -0.77 -0.85 -15.44
N SER A 35 -1.75 0.03 -15.32
CA SER A 35 -1.73 1.35 -15.95
C SER A 35 -0.79 2.32 -15.21
N ASP A 36 -0.16 1.85 -14.13
CA ASP A 36 0.80 2.64 -13.32
C ASP A 36 0.06 3.80 -12.61
N GLU A 37 -1.22 3.58 -12.36
CA GLU A 37 -1.99 4.55 -11.64
C GLU A 37 -2.10 4.13 -10.19
N LEU A 38 -1.94 5.08 -9.31
CA LEU A 38 -2.03 4.84 -7.90
C LEU A 38 -3.49 4.67 -7.54
N GLN A 39 -3.78 3.57 -6.94
CA GLN A 39 -5.12 3.27 -6.53
C GLN A 39 -5.22 2.86 -5.08
N PHE A 40 -4.11 2.49 -4.47
CA PHE A 40 -4.18 2.14 -3.07
C PHE A 40 -2.86 2.34 -2.37
N VAL A 41 -2.88 3.08 -1.29
CA VAL A 41 -1.73 3.20 -0.43
C VAL A 41 -2.10 2.59 0.90
N GLY A 42 -1.18 1.98 1.55
CA GLY A 42 -1.50 1.34 2.79
C GLY A 42 -0.33 1.26 3.71
N ILE A 43 -0.61 0.89 4.93
CA ILE A 43 0.39 0.72 5.93
C ILE A 43 0.33 -0.70 6.41
N SER A 44 1.44 -1.23 6.80
CA SER A 44 1.46 -2.58 7.24
C SER A 44 2.57 -2.76 8.26
N ARG A 45 2.41 -3.75 9.10
CA ARG A 45 3.41 -4.07 10.10
C ARG A 45 4.41 -5.02 9.43
N ASN A 46 3.94 -5.69 8.40
CA ASN A 46 4.75 -6.55 7.58
C ASN A 46 4.26 -6.35 6.15
N ILE A 47 4.95 -5.51 5.41
CA ILE A 47 4.55 -5.13 4.05
C ILE A 47 4.34 -6.34 3.13
N ALA A 48 5.39 -7.13 2.94
CA ALA A 48 5.35 -8.33 2.07
C ALA A 48 4.14 -9.24 2.31
N ALA A 49 3.87 -9.54 3.58
CA ALA A 49 2.78 -10.44 3.96
C ALA A 49 1.41 -9.95 3.49
N SER A 50 1.12 -8.69 3.68
CA SER A 50 -0.18 -8.17 3.31
C SER A 50 -0.27 -7.90 1.82
N VAL A 51 0.80 -7.32 1.24
CA VAL A 51 0.84 -6.99 -0.19
C VAL A 51 0.59 -8.25 -1.02
N SER A 52 1.37 -9.28 -0.77
CA SER A 52 1.27 -10.53 -1.49
C SER A 52 -0.14 -11.11 -1.35
N ALA A 53 -0.65 -11.11 -0.13
CA ALA A 53 -1.96 -11.68 0.17
C ALA A 53 -3.06 -11.03 -0.66
N HIS A 54 -3.18 -9.70 -0.61
CA HIS A 54 -4.27 -9.04 -1.34
C HIS A 54 -4.09 -9.05 -2.83
N LEU A 55 -2.87 -9.11 -3.30
CA LEU A 55 -2.67 -9.13 -4.75
C LEU A 55 -2.94 -10.51 -5.32
N LYS A 56 -2.76 -11.54 -4.52
CA LYS A 56 -3.07 -12.89 -4.96
C LYS A 56 -4.56 -13.20 -4.76
N SER A 57 -5.24 -12.29 -4.07
CA SER A 57 -6.66 -12.41 -3.83
C SER A 57 -7.40 -11.63 -4.93
N VAL A 58 -6.99 -10.39 -5.13
CA VAL A 58 -7.58 -9.56 -6.13
C VAL A 58 -6.49 -8.90 -7.01
N PRO A 59 -6.17 -9.54 -8.16
CA PRO A 59 -5.12 -9.07 -9.10
C PRO A 59 -5.47 -7.80 -9.89
N GLU A 60 -6.44 -7.05 -9.40
CA GLU A 60 -6.89 -5.84 -10.06
C GLU A 60 -5.75 -4.84 -10.14
N LEU A 61 -5.04 -4.72 -9.06
CA LEU A 61 -3.98 -3.75 -8.94
C LEU A 61 -2.61 -4.38 -9.16
N CYS A 62 -2.57 -5.54 -9.78
CA CYS A 62 -1.31 -6.17 -10.05
C CYS A 62 -0.60 -5.52 -11.24
N GLY A 63 0.14 -4.48 -10.94
CA GLY A 63 0.95 -3.81 -11.90
C GLY A 63 2.34 -3.60 -11.36
N SER A 64 2.44 -2.82 -10.30
CA SER A 64 3.70 -2.57 -9.62
C SER A 64 3.41 -1.97 -8.25
N VAL A 65 4.33 -2.09 -7.34
CA VAL A 65 4.11 -1.61 -6.00
C VAL A 65 5.35 -0.87 -5.49
N LYS A 66 5.13 0.21 -4.81
CA LYS A 66 6.18 0.94 -4.20
C LYS A 66 6.14 0.73 -2.71
N VAL A 67 7.27 0.52 -2.11
CA VAL A 67 7.32 0.28 -0.68
C VAL A 67 8.22 1.28 0.01
N GLY A 68 7.74 1.84 1.07
CA GLY A 68 8.49 2.82 1.81
C GLY A 68 8.77 2.34 3.19
N ILE A 69 9.96 1.83 3.38
CA ILE A 69 10.36 1.33 4.65
C ILE A 69 10.84 2.46 5.53
N VAL A 70 10.14 2.64 6.60
CA VAL A 70 10.51 3.58 7.59
C VAL A 70 10.81 2.79 8.84
N GLU A 71 11.93 3.06 9.46
CA GLU A 71 12.35 2.27 10.61
C GLU A 71 11.67 2.67 11.90
N GLU A 72 10.69 3.52 11.81
CA GLU A 72 9.90 3.87 12.93
C GLU A 72 8.53 3.25 12.75
N PRO A 73 8.20 2.20 13.52
CA PRO A 73 6.90 1.53 13.44
C PRO A 73 5.86 2.27 14.28
N ASP A 74 6.08 3.55 14.45
CA ASP A 74 5.21 4.40 15.21
C ASP A 74 3.95 4.60 14.39
N LYS A 75 2.82 4.36 14.98
CA LYS A 75 1.56 4.37 14.25
C LYS A 75 1.26 5.76 13.66
N ALA A 76 1.75 6.80 14.31
CA ALA A 76 1.48 8.15 13.85
C ALA A 76 2.34 8.49 12.67
N VAL A 77 3.55 7.95 12.63
CA VAL A 77 4.44 8.23 11.53
C VAL A 77 4.04 7.41 10.31
N LEU A 78 3.51 6.20 10.56
CA LEU A 78 3.00 5.35 9.50
C LEU A 78 1.81 6.03 8.84
N THR A 79 0.91 6.53 9.66
CA THR A 79 -0.26 7.22 9.18
C THR A 79 0.14 8.55 8.49
N GLN A 80 1.19 9.18 8.99
CA GLN A 80 1.68 10.43 8.42
C GLN A 80 2.19 10.22 7.00
N ALA A 81 3.05 9.23 6.84
CA ALA A 81 3.62 8.91 5.53
C ALA A 81 2.52 8.50 4.56
N TRP A 82 1.58 7.71 5.07
CA TRP A 82 0.40 7.28 4.30
C TRP A 82 -0.35 8.50 3.78
N LYS A 83 -0.55 9.44 4.68
CA LYS A 83 -1.25 10.68 4.42
C LYS A 83 -0.56 11.49 3.33
N LEU A 84 0.76 11.55 3.41
CA LEU A 84 1.56 12.29 2.45
C LEU A 84 1.43 11.65 1.06
N TRP A 85 1.57 10.33 1.03
CA TRP A 85 1.51 9.54 -0.18
C TRP A 85 0.15 9.60 -0.87
N ILE A 86 -0.92 9.47 -0.11
CA ILE A 86 -2.23 9.52 -0.70
C ILE A 86 -2.52 10.92 -1.24
N GLU A 87 -2.25 11.94 -0.44
CA GLU A 87 -2.57 13.29 -0.81
C GLU A 87 -1.76 13.81 -1.98
N GLU A 88 -0.52 13.33 -2.16
CA GLU A 88 0.24 13.76 -3.33
C GLU A 88 -0.44 13.27 -4.60
N HIS A 89 -0.88 12.01 -4.61
CA HIS A 89 -1.61 11.48 -5.77
C HIS A 89 -2.99 12.08 -5.91
N ILE A 90 -3.55 12.56 -4.84
CA ILE A 90 -4.80 13.31 -4.91
C ILE A 90 -4.58 14.63 -5.65
N LYS A 91 -3.49 15.30 -5.34
CA LYS A 91 -3.19 16.57 -5.96
C LYS A 91 -2.79 16.41 -7.44
N VAL A 92 -1.84 15.53 -7.70
CA VAL A 92 -1.34 15.37 -9.07
C VAL A 92 -2.25 14.53 -9.98
N THR A 93 -2.80 13.44 -9.47
CA THR A 93 -3.57 12.55 -10.32
C THR A 93 -5.05 12.45 -9.92
N GLY A 94 -5.42 13.10 -8.82
CA GLY A 94 -6.79 13.07 -8.32
C GLY A 94 -7.25 11.69 -7.91
N LYS A 95 -6.34 10.91 -7.37
CA LYS A 95 -6.66 9.53 -7.04
C LYS A 95 -7.11 9.36 -5.61
N VAL A 96 -8.39 9.06 -5.45
CA VAL A 96 -8.99 8.73 -4.16
C VAL A 96 -10.00 7.60 -4.42
N PRO A 97 -9.55 6.37 -4.55
CA PRO A 97 -10.41 5.23 -4.82
C PRO A 97 -11.07 4.67 -3.55
N PRO A 98 -12.18 3.90 -3.72
CA PRO A 98 -12.92 3.25 -2.62
C PRO A 98 -12.06 2.33 -1.75
N GLY A 99 -10.90 1.94 -2.26
CA GLY A 99 -9.97 1.11 -1.51
C GLY A 99 -9.36 1.83 -0.33
N ASN A 100 -9.05 3.13 -0.49
CA ASN A 100 -8.48 3.90 0.63
C ASN A 100 -9.55 4.51 1.47
N LYS A 101 -10.69 4.63 0.88
CA LYS A 101 -11.85 5.09 1.56
C LYS A 101 -12.45 3.89 2.25
N SER A 102 -13.25 4.08 3.23
CA SER A 102 -13.87 2.94 3.80
C SER A 102 -15.14 2.60 3.04
N GLY A 103 -14.93 1.94 1.92
CA GLY A 103 -15.98 1.51 1.06
C GLY A 103 -15.64 0.16 0.53
N ASN A 104 -14.45 0.02 0.00
CA ASN A 104 -13.96 -1.26 -0.46
C ASN A 104 -12.77 -1.66 0.38
N ASN A 105 -12.94 -2.66 1.20
CA ASN A 105 -11.90 -3.05 2.13
C ASN A 105 -11.37 -4.44 1.79
N THR A 106 -11.74 -4.94 0.60
CA THR A 106 -11.32 -6.27 0.14
C THR A 106 -9.76 -6.43 0.12
N PHE A 107 -9.06 -5.31 0.02
CA PHE A 107 -7.61 -5.32 0.01
C PHE A 107 -7.05 -5.62 1.41
N VAL A 108 -7.83 -5.36 2.42
CA VAL A 108 -7.41 -5.60 3.79
C VAL A 108 -8.06 -6.88 4.31
N LYS A 109 -9.28 -7.13 3.85
CA LYS A 109 -10.07 -8.30 4.26
C LYS A 109 -9.52 -9.62 3.77
N VAL A 110 -8.43 -9.59 3.07
CA VAL A 110 -7.78 -10.80 2.60
C VAL A 110 -7.26 -11.64 3.79
N THR A 111 -6.86 -10.97 4.86
CA THR A 111 -6.36 -11.65 6.01
C THR A 111 -7.51 -11.91 7.02
N LEU A 112 -8.66 -11.30 6.75
CA LEU A 112 -9.81 -11.40 7.63
C LEU A 112 -10.64 -12.64 7.40
N GLU A 113 -10.04 -13.74 7.71
CA GLU A 113 -10.68 -15.02 7.68
C GLU A 113 -10.93 -15.33 9.13
N HIS A 114 -12.15 -15.09 9.59
CA HIS A 114 -12.47 -15.24 11.00
C HIS A 114 -12.42 -16.70 11.37
N HIS A 115 -13.03 -17.50 10.57
CA HIS A 115 -12.95 -18.90 10.74
C HIS A 115 -11.95 -19.42 9.76
N HIS A 116 -10.69 -19.47 10.20
CA HIS A 116 -9.65 -19.95 9.34
C HIS A 116 -9.82 -21.44 9.13
N HIS A 117 -10.05 -21.80 7.89
CA HIS A 117 -10.44 -23.15 7.55
C HIS A 117 -9.34 -24.17 7.82
N HIS A 118 -9.72 -25.19 8.56
CA HIS A 118 -8.86 -26.29 8.97
C HIS A 118 -9.73 -27.20 9.79
N HIS A 119 -10.58 -26.58 10.57
CA HIS A 119 -11.61 -27.18 11.39
C HIS A 119 -12.41 -26.02 11.87
N MET A 1 20.16 8.89 9.38
CA MET A 1 20.13 8.23 10.69
C MET A 1 19.21 7.02 10.61
N ALA A 2 17.99 7.25 10.19
CA ALA A 2 17.02 6.19 10.06
C ALA A 2 16.26 6.42 8.77
N SER A 3 15.86 5.36 8.13
CA SER A 3 15.09 5.48 6.93
C SER A 3 13.67 5.92 7.26
N ALA A 4 13.40 7.18 7.06
CA ALA A 4 12.07 7.71 7.15
C ALA A 4 11.75 8.29 5.82
N VAL A 5 11.09 7.49 5.03
CA VAL A 5 10.79 7.81 3.65
C VAL A 5 9.93 9.06 3.54
N LYS A 6 10.23 9.84 2.52
CA LYS A 6 9.52 11.05 2.23
C LYS A 6 8.22 10.70 1.50
N SER A 7 7.73 11.60 0.69
CA SER A 7 6.50 11.38 0.03
C SER A 7 6.65 10.39 -1.15
N LEU A 8 5.50 9.89 -1.58
CA LEU A 8 5.34 8.85 -2.60
C LEU A 8 6.20 9.06 -3.86
N THR A 9 6.31 10.28 -4.31
CA THR A 9 7.09 10.61 -5.50
C THR A 9 8.57 10.14 -5.37
N GLU A 10 9.09 10.15 -4.18
CA GLU A 10 10.47 9.81 -3.94
C GLU A 10 10.63 8.40 -3.39
N THR A 11 9.56 7.66 -3.39
CA THR A 11 9.61 6.30 -2.90
C THR A 11 10.06 5.32 -4.01
N GLU A 12 10.76 4.25 -3.62
CA GLU A 12 11.27 3.24 -4.53
C GLU A 12 10.12 2.37 -5.09
N LEU A 13 10.30 1.90 -6.31
CA LEU A 13 9.29 1.13 -7.01
C LEU A 13 9.73 -0.34 -7.13
N LEU A 14 8.82 -1.24 -6.83
CA LEU A 14 9.04 -2.68 -7.01
C LEU A 14 7.87 -3.25 -7.82
N PRO A 15 8.13 -4.19 -8.73
CA PRO A 15 7.06 -4.87 -9.45
C PRO A 15 6.43 -5.97 -8.59
N ILE A 16 5.13 -6.16 -8.74
CA ILE A 16 4.40 -7.17 -7.94
C ILE A 16 4.60 -8.58 -8.52
N THR A 17 5.13 -8.61 -9.73
CA THR A 17 5.38 -9.83 -10.46
C THR A 17 6.53 -10.62 -9.84
N GLU A 18 7.21 -9.99 -8.94
CA GLU A 18 8.25 -10.59 -8.17
C GLU A 18 7.95 -10.31 -6.71
N ALA A 19 6.73 -10.67 -6.31
CA ALA A 19 6.17 -10.43 -4.96
C ALA A 19 7.03 -10.97 -3.82
N ASP A 20 7.91 -11.89 -4.13
CA ASP A 20 8.80 -12.46 -3.13
C ASP A 20 9.96 -11.49 -2.83
N SER A 21 10.20 -10.59 -3.74
CA SER A 21 11.27 -9.62 -3.62
C SER A 21 10.78 -8.34 -2.93
N ILE A 22 9.54 -8.37 -2.46
CA ILE A 22 8.97 -7.24 -1.76
C ILE A 22 9.44 -7.27 -0.29
N PRO A 23 9.95 -6.15 0.24
CA PRO A 23 10.39 -6.04 1.64
C PRO A 23 9.31 -6.45 2.65
N SER A 24 9.72 -7.18 3.64
CA SER A 24 8.85 -7.72 4.65
C SER A 24 8.91 -6.89 5.94
N ALA A 25 9.25 -5.65 5.78
CA ALA A 25 9.48 -4.75 6.89
C ALA A 25 8.23 -3.92 7.18
N SER A 26 8.33 -3.02 8.11
CA SER A 26 7.22 -2.19 8.51
C SER A 26 7.27 -0.87 7.77
N GLY A 27 6.13 -0.39 7.38
CA GLY A 27 6.08 0.86 6.73
C GLY A 27 4.83 1.04 5.93
N VAL A 28 4.94 1.85 4.93
CA VAL A 28 3.87 2.23 4.04
C VAL A 28 4.08 1.61 2.68
N TYR A 29 3.00 1.32 1.98
CA TYR A 29 3.10 0.80 0.64
C TYR A 29 2.00 1.39 -0.24
N ALA A 30 2.29 1.54 -1.50
CA ALA A 30 1.36 2.09 -2.47
C ALA A 30 1.28 1.17 -3.68
N VAL A 31 0.11 0.62 -3.95
CA VAL A 31 -0.06 -0.30 -5.05
C VAL A 31 -0.62 0.39 -6.31
N TYR A 32 0.09 0.18 -7.39
CA TYR A 32 -0.23 0.71 -8.70
C TYR A 32 -0.74 -0.41 -9.58
N ASP A 33 -1.64 -0.10 -10.46
CA ASP A 33 -2.17 -1.08 -11.41
C ASP A 33 -1.38 -0.93 -12.73
N LYS A 34 -1.81 -1.63 -13.78
CA LYS A 34 -1.11 -1.56 -15.08
C LYS A 34 -1.17 -0.18 -15.72
N SER A 35 -2.18 0.62 -15.36
CA SER A 35 -2.29 1.99 -15.88
C SER A 35 -1.28 2.91 -15.15
N ASP A 36 -0.59 2.31 -14.18
CA ASP A 36 0.44 2.93 -13.36
C ASP A 36 -0.17 4.02 -12.49
N GLU A 37 -1.41 3.80 -12.17
CA GLU A 37 -2.12 4.64 -11.30
C GLU A 37 -2.12 4.02 -9.94
N LEU A 38 -2.04 4.84 -8.95
CA LEU A 38 -2.09 4.39 -7.59
C LEU A 38 -3.54 4.29 -7.19
N GLN A 39 -3.91 3.14 -6.73
CA GLN A 39 -5.26 2.91 -6.28
C GLN A 39 -5.36 2.59 -4.81
N PHE A 40 -4.31 2.10 -4.20
CA PHE A 40 -4.43 1.77 -2.81
C PHE A 40 -3.14 1.92 -2.06
N VAL A 41 -3.17 2.77 -1.07
CA VAL A 41 -2.07 2.90 -0.15
C VAL A 41 -2.46 2.23 1.16
N GLY A 42 -1.50 1.64 1.81
CA GLY A 42 -1.76 0.97 3.05
C GLY A 42 -0.56 0.97 3.93
N ILE A 43 -0.77 0.62 5.18
CA ILE A 43 0.29 0.56 6.16
C ILE A 43 0.35 -0.82 6.76
N SER A 44 1.53 -1.27 7.06
CA SER A 44 1.71 -2.58 7.64
C SER A 44 2.96 -2.64 8.49
N ARG A 45 2.97 -3.60 9.40
CA ARG A 45 4.13 -3.90 10.19
C ARG A 45 4.98 -4.89 9.37
N ASN A 46 4.31 -5.56 8.48
CA ASN A 46 4.92 -6.53 7.60
C ASN A 46 4.34 -6.32 6.19
N ILE A 47 5.03 -5.49 5.41
CA ILE A 47 4.57 -5.03 4.07
C ILE A 47 4.28 -6.18 3.08
N ALA A 48 5.31 -6.97 2.75
CA ALA A 48 5.21 -8.06 1.75
C ALA A 48 3.98 -8.96 1.93
N ALA A 49 3.70 -9.32 3.17
CA ALA A 49 2.56 -10.17 3.46
C ALA A 49 1.25 -9.49 3.07
N SER A 50 1.07 -8.25 3.48
CA SER A 50 -0.14 -7.51 3.20
C SER A 50 -0.31 -7.27 1.69
N VAL A 51 0.80 -6.93 1.02
CA VAL A 51 0.79 -6.69 -0.40
C VAL A 51 0.37 -7.94 -1.14
N SER A 52 1.11 -9.03 -0.92
CA SER A 52 0.86 -10.27 -1.62
C SER A 52 -0.55 -10.81 -1.34
N ALA A 53 -1.04 -10.61 -0.11
CA ALA A 53 -2.36 -11.06 0.30
C ALA A 53 -3.44 -10.56 -0.65
N HIS A 54 -3.59 -9.26 -0.77
CA HIS A 54 -4.63 -8.72 -1.62
C HIS A 54 -4.28 -8.74 -3.09
N LEU A 55 -3.00 -8.79 -3.40
CA LEU A 55 -2.57 -8.81 -4.80
C LEU A 55 -2.87 -10.18 -5.41
N LYS A 56 -2.63 -11.24 -4.65
CA LYS A 56 -2.92 -12.58 -5.13
C LYS A 56 -4.42 -12.87 -5.04
N SER A 57 -5.14 -12.05 -4.29
CA SER A 57 -6.56 -12.18 -4.23
C SER A 57 -7.17 -11.50 -5.45
N VAL A 58 -6.91 -10.21 -5.61
CA VAL A 58 -7.44 -9.47 -6.70
C VAL A 58 -6.29 -8.84 -7.54
N PRO A 59 -5.87 -9.53 -8.62
CA PRO A 59 -4.79 -9.07 -9.51
C PRO A 59 -5.20 -7.90 -10.43
N GLU A 60 -6.23 -7.20 -10.04
CA GLU A 60 -6.71 -6.02 -10.74
C GLU A 60 -5.68 -4.91 -10.58
N LEU A 61 -5.03 -4.91 -9.43
CA LEU A 61 -4.02 -3.94 -9.10
C LEU A 61 -2.63 -4.45 -9.43
N CYS A 62 -2.56 -5.42 -10.31
CA CYS A 62 -1.30 -5.93 -10.76
C CYS A 62 -0.64 -4.85 -11.58
N GLY A 63 0.38 -4.26 -11.04
CA GLY A 63 1.13 -3.28 -11.75
C GLY A 63 2.48 -3.12 -11.13
N SER A 64 2.49 -2.50 -9.99
CA SER A 64 3.71 -2.29 -9.24
C SER A 64 3.36 -1.77 -7.85
N VAL A 65 4.34 -1.66 -7.01
CA VAL A 65 4.13 -1.18 -5.68
C VAL A 65 5.34 -0.35 -5.23
N LYS A 66 5.07 0.72 -4.56
CA LYS A 66 6.11 1.50 -3.96
C LYS A 66 6.08 1.25 -2.48
N VAL A 67 7.20 0.95 -1.90
CA VAL A 67 7.25 0.60 -0.50
C VAL A 67 8.19 1.50 0.28
N GLY A 68 7.75 1.94 1.41
CA GLY A 68 8.52 2.80 2.22
C GLY A 68 8.86 2.14 3.52
N ILE A 69 10.03 1.57 3.59
CA ILE A 69 10.49 0.91 4.79
C ILE A 69 10.96 1.96 5.74
N VAL A 70 10.28 2.08 6.82
CA VAL A 70 10.61 3.04 7.79
C VAL A 70 11.28 2.33 8.97
N GLU A 71 12.48 2.76 9.30
CA GLU A 71 13.23 2.14 10.39
C GLU A 71 12.73 2.63 11.73
N GLU A 72 11.82 3.58 11.66
CA GLU A 72 11.08 4.10 12.77
C GLU A 72 9.63 3.65 12.58
N PRO A 73 9.28 2.43 13.02
CA PRO A 73 7.95 1.81 12.77
C PRO A 73 6.85 2.39 13.68
N ASP A 74 6.91 3.67 13.90
CA ASP A 74 6.00 4.34 14.79
C ASP A 74 4.63 4.53 14.15
N LYS A 75 3.59 4.31 14.93
CA LYS A 75 2.20 4.42 14.53
C LYS A 75 1.84 5.76 13.89
N ALA A 76 2.42 6.83 14.42
CA ALA A 76 2.11 8.15 13.92
C ALA A 76 2.79 8.34 12.59
N VAL A 77 4.04 7.92 12.53
CA VAL A 77 4.86 8.03 11.32
C VAL A 77 4.24 7.23 10.17
N LEU A 78 3.78 6.02 10.48
CA LEU A 78 3.13 5.16 9.48
C LEU A 78 1.92 5.86 8.87
N THR A 79 1.04 6.34 9.72
CA THR A 79 -0.18 6.98 9.28
C THR A 79 0.10 8.34 8.61
N GLN A 80 1.12 9.03 9.09
CA GLN A 80 1.52 10.32 8.57
C GLN A 80 2.06 10.16 7.16
N ALA A 81 2.92 9.17 6.96
CA ALA A 81 3.48 8.89 5.65
C ALA A 81 2.38 8.45 4.69
N TRP A 82 1.43 7.67 5.21
CA TRP A 82 0.26 7.22 4.45
C TRP A 82 -0.47 8.43 3.88
N LYS A 83 -0.72 9.40 4.75
CA LYS A 83 -1.38 10.65 4.42
C LYS A 83 -0.61 11.44 3.35
N LEU A 84 0.71 11.41 3.45
CA LEU A 84 1.56 12.07 2.48
C LEU A 84 1.38 11.41 1.12
N TRP A 85 1.62 10.13 1.10
CA TRP A 85 1.61 9.30 -0.09
C TRP A 85 0.33 9.38 -0.89
N ILE A 86 -0.79 9.20 -0.23
CA ILE A 86 -2.07 9.23 -0.93
C ILE A 86 -2.32 10.57 -1.59
N GLU A 87 -2.08 11.65 -0.86
CA GLU A 87 -2.34 12.98 -1.37
C GLU A 87 -1.41 13.36 -2.51
N GLU A 88 -0.22 12.78 -2.55
CA GLU A 88 0.71 12.99 -3.68
C GLU A 88 0.05 12.53 -4.98
N HIS A 89 -0.56 11.33 -4.93
CA HIS A 89 -1.14 10.80 -6.14
C HIS A 89 -2.52 11.39 -6.39
N ILE A 90 -3.15 11.91 -5.34
CA ILE A 90 -4.41 12.62 -5.48
C ILE A 90 -4.17 13.91 -6.26
N LYS A 91 -3.24 14.71 -5.80
CA LYS A 91 -2.98 16.02 -6.40
C LYS A 91 -2.50 15.95 -7.84
N VAL A 92 -1.86 14.85 -8.23
CA VAL A 92 -1.34 14.76 -9.58
C VAL A 92 -2.40 14.31 -10.63
N THR A 93 -3.31 13.41 -10.25
CA THR A 93 -4.24 12.86 -11.25
C THR A 93 -5.71 12.73 -10.73
N GLY A 94 -5.93 13.07 -9.46
CA GLY A 94 -7.27 13.00 -8.90
C GLY A 94 -7.67 11.58 -8.51
N LYS A 95 -6.70 10.79 -8.17
CA LYS A 95 -6.95 9.40 -7.80
C LYS A 95 -7.16 9.21 -6.33
N VAL A 96 -8.38 8.91 -5.98
CA VAL A 96 -8.77 8.57 -4.63
C VAL A 96 -9.83 7.49 -4.80
N PRO A 97 -9.45 6.23 -4.83
CA PRO A 97 -10.39 5.12 -5.02
C PRO A 97 -11.11 4.72 -3.72
N PRO A 98 -12.29 4.02 -3.85
CA PRO A 98 -13.15 3.61 -2.72
C PRO A 98 -12.43 3.04 -1.49
N GLY A 99 -11.40 2.22 -1.73
CA GLY A 99 -10.67 1.56 -0.64
C GLY A 99 -9.92 2.49 0.30
N ASN A 100 -9.60 3.67 -0.19
CA ASN A 100 -8.91 4.66 0.63
C ASN A 100 -9.86 5.75 1.10
N LYS A 101 -10.96 5.86 0.42
CA LYS A 101 -12.02 6.81 0.76
C LYS A 101 -12.86 6.27 1.91
N SER A 102 -13.54 5.20 1.63
CA SER A 102 -14.41 4.57 2.56
C SER A 102 -13.71 3.34 3.13
N GLY A 103 -14.47 2.36 3.54
CA GLY A 103 -13.89 1.16 4.07
C GLY A 103 -13.33 0.30 2.97
N ASN A 104 -12.23 -0.33 3.25
CA ASN A 104 -11.59 -1.22 2.33
C ASN A 104 -12.40 -2.51 2.22
N ASN A 105 -12.82 -2.83 1.03
CA ASN A 105 -13.63 -4.00 0.82
C ASN A 105 -12.83 -5.13 0.22
N THR A 106 -12.61 -5.08 -1.07
CA THR A 106 -12.04 -6.17 -1.83
C THR A 106 -10.63 -6.56 -1.37
N PHE A 107 -9.86 -5.59 -0.90
CA PHE A 107 -8.49 -5.86 -0.56
C PHE A 107 -8.36 -6.61 0.77
N VAL A 108 -9.48 -6.78 1.47
CA VAL A 108 -9.54 -7.59 2.67
C VAL A 108 -10.81 -8.47 2.62
N LYS A 109 -11.41 -8.58 1.44
CA LYS A 109 -12.63 -9.35 1.29
C LYS A 109 -12.27 -10.83 1.07
N VAL A 110 -10.99 -11.02 0.73
CA VAL A 110 -10.29 -12.33 0.60
C VAL A 110 -10.97 -13.35 -0.33
N THR A 111 -11.99 -14.01 0.18
CA THR A 111 -12.65 -15.08 -0.53
C THR A 111 -13.89 -14.58 -1.27
N LEU A 112 -14.68 -13.77 -0.58
CA LEU A 112 -15.97 -13.33 -1.11
C LEU A 112 -15.79 -12.47 -2.35
N GLU A 113 -14.82 -11.61 -2.32
CA GLU A 113 -14.49 -10.84 -3.47
C GLU A 113 -13.03 -11.02 -3.77
N HIS A 114 -12.74 -12.19 -4.23
CA HIS A 114 -11.43 -12.54 -4.69
C HIS A 114 -11.41 -12.11 -6.15
N HIS A 115 -12.42 -12.53 -6.84
CA HIS A 115 -12.67 -12.08 -8.18
C HIS A 115 -13.76 -11.04 -8.09
N HIS A 116 -13.43 -9.81 -8.46
CA HIS A 116 -14.40 -8.72 -8.46
C HIS A 116 -15.44 -9.06 -9.52
N HIS A 117 -16.59 -9.43 -9.07
CA HIS A 117 -17.57 -10.02 -9.95
C HIS A 117 -18.75 -9.12 -10.24
N HIS A 118 -19.25 -9.26 -11.42
CA HIS A 118 -20.47 -8.62 -11.87
C HIS A 118 -21.58 -9.66 -11.78
N HIS A 119 -22.69 -9.46 -12.45
CA HIS A 119 -23.73 -10.46 -12.45
C HIS A 119 -23.82 -11.10 -13.82
N MET A 1 15.82 8.22 13.53
CA MET A 1 16.81 8.93 12.68
C MET A 1 16.12 9.40 11.42
N ALA A 2 15.68 8.47 10.61
CA ALA A 2 14.90 8.78 9.44
C ALA A 2 13.47 8.40 9.72
N SER A 3 12.82 9.23 10.48
CA SER A 3 11.47 8.97 10.94
C SER A 3 10.45 9.72 10.09
N ALA A 4 10.80 9.98 8.85
CA ALA A 4 9.93 10.67 7.94
C ALA A 4 10.21 10.23 6.53
N VAL A 5 9.32 9.44 5.99
CA VAL A 5 9.41 8.95 4.64
C VAL A 5 8.83 10.01 3.72
N LYS A 6 9.43 10.22 2.57
CA LYS A 6 8.93 11.23 1.66
C LYS A 6 7.87 10.64 0.75
N SER A 7 7.36 11.45 -0.16
CA SER A 7 6.28 11.06 -1.03
C SER A 7 6.71 10.05 -2.12
N LEU A 8 5.73 9.61 -2.91
CA LEU A 8 5.85 8.54 -3.90
C LEU A 8 7.00 8.68 -4.90
N THR A 9 7.43 9.88 -5.16
CA THR A 9 8.52 10.11 -6.07
C THR A 9 9.85 9.58 -5.48
N GLU A 10 9.97 9.60 -4.16
CA GLU A 10 11.18 9.17 -3.47
C GLU A 10 11.14 7.68 -3.19
N THR A 11 9.96 7.15 -3.21
CA THR A 11 9.74 5.78 -2.90
C THR A 11 10.18 4.86 -4.05
N GLU A 12 10.91 3.80 -3.73
CA GLU A 12 11.37 2.84 -4.71
C GLU A 12 10.22 2.00 -5.23
N LEU A 13 10.39 1.50 -6.43
CA LEU A 13 9.38 0.75 -7.12
C LEU A 13 9.80 -0.73 -7.19
N LEU A 14 8.94 -1.57 -6.71
CA LEU A 14 9.10 -3.01 -6.78
C LEU A 14 8.02 -3.60 -7.70
N PRO A 15 8.39 -4.45 -8.65
CA PRO A 15 7.42 -5.16 -9.50
C PRO A 15 6.68 -6.23 -8.66
N ILE A 16 5.37 -6.37 -8.87
CA ILE A 16 4.59 -7.31 -8.04
C ILE A 16 4.82 -8.77 -8.46
N THR A 17 5.43 -8.93 -9.62
CA THR A 17 5.71 -10.24 -10.14
C THR A 17 6.82 -10.93 -9.30
N GLU A 18 7.65 -10.13 -8.67
CA GLU A 18 8.73 -10.62 -7.84
C GLU A 18 8.43 -10.34 -6.38
N ALA A 19 7.26 -10.81 -5.98
CA ALA A 19 6.70 -10.63 -4.64
C ALA A 19 7.62 -11.15 -3.53
N ASP A 20 8.55 -12.03 -3.86
CA ASP A 20 9.50 -12.57 -2.88
C ASP A 20 10.56 -11.51 -2.51
N SER A 21 10.70 -10.51 -3.35
CA SER A 21 11.68 -9.45 -3.15
C SER A 21 11.05 -8.25 -2.41
N ILE A 22 9.78 -8.37 -2.03
CA ILE A 22 9.09 -7.32 -1.32
C ILE A 22 9.54 -7.33 0.14
N PRO A 23 10.01 -6.18 0.68
CA PRO A 23 10.47 -6.10 2.06
C PRO A 23 9.42 -6.57 3.07
N SER A 24 9.85 -7.42 3.96
CA SER A 24 9.02 -7.96 5.01
C SER A 24 9.18 -7.12 6.29
N ALA A 25 9.43 -5.86 6.06
CA ALA A 25 9.64 -4.91 7.12
C ALA A 25 8.35 -4.14 7.36
N SER A 26 8.39 -3.23 8.29
CA SER A 26 7.25 -2.44 8.63
C SER A 26 7.31 -1.14 7.84
N GLY A 27 6.19 -0.71 7.33
CA GLY A 27 6.18 0.50 6.59
C GLY A 27 4.91 0.71 5.82
N VAL A 28 5.03 1.48 4.78
CA VAL A 28 3.92 1.87 3.96
C VAL A 28 4.15 1.29 2.57
N TYR A 29 3.12 1.01 1.85
CA TYR A 29 3.25 0.55 0.51
C TYR A 29 2.18 1.17 -0.38
N ALA A 30 2.52 1.38 -1.61
CA ALA A 30 1.67 2.00 -2.57
C ALA A 30 1.50 1.10 -3.77
N VAL A 31 0.30 0.69 -4.02
CA VAL A 31 -0.01 -0.21 -5.09
C VAL A 31 -0.35 0.57 -6.37
N TYR A 32 0.49 0.42 -7.37
CA TYR A 32 0.31 1.03 -8.67
C TYR A 32 -0.26 0.00 -9.61
N ASP A 33 -1.21 0.39 -10.38
CA ASP A 33 -1.89 -0.54 -11.28
C ASP A 33 -1.14 -0.67 -12.60
N LYS A 34 -1.80 -1.29 -13.57
CA LYS A 34 -1.27 -1.54 -14.89
C LYS A 34 -1.02 -0.23 -15.65
N SER A 35 -1.82 0.79 -15.36
CA SER A 35 -1.70 2.11 -16.01
C SER A 35 -0.57 2.90 -15.34
N ASP A 36 0.02 2.28 -14.33
CA ASP A 36 1.22 2.73 -13.63
C ASP A 36 0.94 3.90 -12.71
N GLU A 37 -0.27 4.02 -12.20
CA GLU A 37 -0.48 5.03 -11.22
C GLU A 37 -0.95 4.44 -9.92
N LEU A 38 -0.90 5.23 -8.90
CA LEU A 38 -1.27 4.81 -7.60
C LEU A 38 -2.77 4.82 -7.43
N GLN A 39 -3.27 3.72 -6.94
CA GLN A 39 -4.64 3.63 -6.54
C GLN A 39 -4.76 3.34 -5.05
N PHE A 40 -4.02 2.40 -4.54
CA PHE A 40 -4.22 2.00 -3.16
C PHE A 40 -2.94 2.10 -2.36
N VAL A 41 -3.01 2.82 -1.27
CA VAL A 41 -1.91 2.95 -0.34
C VAL A 41 -2.30 2.31 0.96
N GLY A 42 -1.38 1.65 1.57
CA GLY A 42 -1.66 0.98 2.80
C GLY A 42 -0.44 0.89 3.65
N ILE A 43 -0.64 0.63 4.90
CA ILE A 43 0.45 0.48 5.84
C ILE A 43 0.35 -0.84 6.54
N SER A 44 1.46 -1.37 6.94
CA SER A 44 1.47 -2.63 7.62
C SER A 44 2.76 -2.76 8.40
N ARG A 45 2.74 -3.64 9.38
CA ARG A 45 3.90 -3.94 10.16
C ARG A 45 4.73 -4.97 9.36
N ASN A 46 4.09 -5.57 8.38
CA ASN A 46 4.78 -6.48 7.49
C ASN A 46 4.26 -6.24 6.09
N ILE A 47 4.98 -5.46 5.35
CA ILE A 47 4.60 -5.08 4.00
C ILE A 47 4.36 -6.31 3.10
N ALA A 48 5.34 -7.20 3.05
CA ALA A 48 5.29 -8.41 2.22
C ALA A 48 4.00 -9.22 2.43
N ALA A 49 3.62 -9.43 3.69
CA ALA A 49 2.44 -10.21 4.04
C ALA A 49 1.17 -9.58 3.49
N SER A 50 1.02 -8.30 3.71
CA SER A 50 -0.16 -7.58 3.26
C SER A 50 -0.20 -7.50 1.73
N VAL A 51 0.95 -7.18 1.13
CA VAL A 51 1.06 -7.04 -0.33
C VAL A 51 0.66 -8.34 -1.04
N SER A 52 1.35 -9.42 -0.72
CA SER A 52 1.11 -10.70 -1.39
C SER A 52 -0.31 -11.23 -1.14
N ALA A 53 -0.87 -10.95 0.03
CA ALA A 53 -2.21 -11.41 0.38
C ALA A 53 -3.27 -10.80 -0.51
N HIS A 54 -3.40 -9.49 -0.47
CA HIS A 54 -4.49 -8.86 -1.23
C HIS A 54 -4.23 -8.77 -2.71
N LEU A 55 -2.98 -8.83 -3.12
CA LEU A 55 -2.69 -8.77 -4.55
C LEU A 55 -3.01 -10.09 -5.25
N LYS A 56 -3.00 -11.18 -4.50
CA LYS A 56 -3.37 -12.45 -5.08
C LYS A 56 -4.86 -12.69 -4.96
N SER A 57 -5.47 -12.16 -3.91
CA SER A 57 -6.90 -12.29 -3.74
C SER A 57 -7.66 -11.38 -4.69
N VAL A 58 -7.03 -10.27 -5.07
CA VAL A 58 -7.57 -9.38 -6.07
C VAL A 58 -6.43 -8.69 -6.87
N PRO A 59 -6.11 -9.23 -8.07
CA PRO A 59 -5.01 -8.73 -8.91
C PRO A 59 -5.40 -7.51 -9.76
N GLU A 60 -6.42 -6.81 -9.32
CA GLU A 60 -6.98 -5.67 -10.02
C GLU A 60 -5.97 -4.52 -10.14
N LEU A 61 -5.27 -4.25 -9.06
CA LEU A 61 -4.34 -3.13 -9.04
C LEU A 61 -2.92 -3.62 -9.13
N CYS A 62 -2.75 -4.83 -9.56
CA CYS A 62 -1.44 -5.41 -9.65
C CYS A 62 -0.71 -4.93 -10.89
N GLY A 63 0.17 -3.99 -10.69
CA GLY A 63 1.00 -3.49 -11.76
C GLY A 63 2.40 -3.29 -11.24
N SER A 64 2.50 -2.61 -10.11
CA SER A 64 3.76 -2.44 -9.38
C SER A 64 3.46 -1.94 -7.97
N VAL A 65 4.43 -1.95 -7.09
CA VAL A 65 4.22 -1.49 -5.74
C VAL A 65 5.44 -0.72 -5.24
N LYS A 66 5.21 0.37 -4.58
CA LYS A 66 6.26 1.15 -3.99
C LYS A 66 6.22 0.95 -2.50
N VAL A 67 7.35 0.79 -1.88
CA VAL A 67 7.40 0.51 -0.45
C VAL A 67 8.24 1.53 0.32
N GLY A 68 7.70 2.04 1.39
CA GLY A 68 8.40 2.99 2.21
C GLY A 68 8.58 2.45 3.58
N ILE A 69 9.76 1.98 3.86
CA ILE A 69 10.05 1.36 5.14
C ILE A 69 10.64 2.37 6.10
N VAL A 70 10.17 2.34 7.31
CA VAL A 70 10.69 3.17 8.36
C VAL A 70 11.10 2.25 9.50
N GLU A 71 12.20 2.57 10.17
CA GLU A 71 12.70 1.73 11.25
C GLU A 71 11.72 1.63 12.41
N GLU A 72 11.17 2.75 12.82
CA GLU A 72 10.23 2.73 13.91
C GLU A 72 8.81 2.52 13.37
N PRO A 73 8.18 1.39 13.75
CA PRO A 73 6.85 0.99 13.24
C PRO A 73 5.70 1.76 13.92
N ASP A 74 5.94 3.02 14.15
CA ASP A 74 5.01 3.90 14.81
C ASP A 74 3.85 4.24 13.91
N LYS A 75 2.66 4.06 14.42
CA LYS A 75 1.44 4.31 13.67
C LYS A 75 1.25 5.74 13.20
N ALA A 76 1.80 6.72 13.91
CA ALA A 76 1.65 8.10 13.46
C ALA A 76 2.52 8.29 12.27
N VAL A 77 3.75 7.81 12.36
CA VAL A 77 4.72 7.91 11.27
C VAL A 77 4.20 7.15 10.03
N LEU A 78 3.62 5.97 10.27
CA LEU A 78 3.05 5.18 9.20
C LEU A 78 1.89 5.92 8.54
N THR A 79 0.96 6.41 9.36
CA THR A 79 -0.19 7.18 8.85
C THR A 79 0.29 8.49 8.17
N GLN A 80 1.35 9.05 8.70
CA GLN A 80 1.96 10.27 8.22
C GLN A 80 2.45 10.10 6.79
N ALA A 81 3.28 9.10 6.58
CA ALA A 81 3.81 8.81 5.26
C ALA A 81 2.68 8.40 4.32
N TRP A 82 1.72 7.62 4.84
CA TRP A 82 0.52 7.20 4.11
C TRP A 82 -0.21 8.43 3.59
N LYS A 83 -0.36 9.41 4.46
CA LYS A 83 -1.03 10.67 4.17
C LYS A 83 -0.31 11.41 3.05
N LEU A 84 1.00 11.49 3.14
CA LEU A 84 1.81 12.15 2.11
C LEU A 84 1.64 11.48 0.74
N TRP A 85 1.56 10.16 0.75
CA TRP A 85 1.41 9.39 -0.46
C TRP A 85 0.01 9.50 -1.04
N ILE A 86 -1.01 9.36 -0.21
CA ILE A 86 -2.38 9.45 -0.71
C ILE A 86 -2.67 10.85 -1.22
N GLU A 87 -2.20 11.86 -0.49
CA GLU A 87 -2.46 13.21 -0.86
C GLU A 87 -1.75 13.59 -2.12
N GLU A 88 -0.53 13.09 -2.35
CA GLU A 88 0.18 13.47 -3.57
C GLU A 88 -0.62 13.04 -4.77
N HIS A 89 -1.22 11.86 -4.68
CA HIS A 89 -1.91 11.30 -5.79
C HIS A 89 -3.29 11.91 -5.97
N ILE A 90 -3.91 12.31 -4.88
CA ILE A 90 -5.21 13.00 -4.94
C ILE A 90 -5.02 14.41 -5.52
N LYS A 91 -3.88 15.00 -5.24
CA LYS A 91 -3.60 16.35 -5.70
C LYS A 91 -3.03 16.37 -7.12
N VAL A 92 -2.25 15.36 -7.50
CA VAL A 92 -1.70 15.32 -8.85
C VAL A 92 -2.69 14.74 -9.88
N THR A 93 -3.27 13.56 -9.62
CA THR A 93 -4.16 12.99 -10.60
C THR A 93 -5.61 13.04 -10.11
N GLY A 94 -5.79 12.87 -8.82
CA GLY A 94 -7.11 12.99 -8.23
C GLY A 94 -7.79 11.66 -7.98
N LYS A 95 -7.02 10.62 -7.76
CA LYS A 95 -7.59 9.30 -7.54
C LYS A 95 -7.63 8.90 -6.07
N VAL A 96 -8.81 8.55 -5.62
CA VAL A 96 -9.03 8.05 -4.28
C VAL A 96 -10.08 6.90 -4.30
N PRO A 97 -9.61 5.66 -4.51
CA PRO A 97 -10.45 4.45 -4.60
C PRO A 97 -11.07 4.03 -3.24
N PRO A 98 -12.17 3.20 -3.30
CA PRO A 98 -12.91 2.71 -2.12
C PRO A 98 -12.04 2.18 -0.96
N GLY A 99 -10.92 1.54 -1.29
CA GLY A 99 -10.03 1.00 -0.26
C GLY A 99 -9.29 2.08 0.53
N ASN A 100 -9.11 3.23 -0.11
CA ASN A 100 -8.46 4.37 0.53
C ASN A 100 -9.50 5.14 1.31
N LYS A 101 -10.71 4.98 0.85
CA LYS A 101 -11.89 5.55 1.46
C LYS A 101 -12.36 4.62 2.57
N SER A 102 -13.47 4.94 3.19
CA SER A 102 -14.02 4.06 4.17
C SER A 102 -14.89 3.00 3.50
N GLY A 103 -14.27 1.95 3.03
CA GLY A 103 -14.97 0.89 2.39
C GLY A 103 -14.24 -0.41 2.54
N ASN A 104 -14.94 -1.42 3.02
CA ASN A 104 -14.34 -2.71 3.18
C ASN A 104 -14.31 -3.40 1.83
N ASN A 105 -13.14 -3.55 1.32
CA ASN A 105 -12.92 -4.12 0.00
C ASN A 105 -11.83 -5.15 0.12
N THR A 106 -11.72 -6.04 -0.86
CA THR A 106 -10.77 -7.15 -0.84
C THR A 106 -9.30 -6.67 -0.63
N PHE A 107 -9.00 -5.44 -1.06
CA PHE A 107 -7.68 -4.86 -0.86
C PHE A 107 -7.38 -4.58 0.62
N VAL A 108 -8.43 -4.50 1.40
CA VAL A 108 -8.32 -4.23 2.83
C VAL A 108 -8.61 -5.54 3.59
N LYS A 109 -9.07 -6.56 2.84
CA LYS A 109 -9.49 -7.87 3.37
C LYS A 109 -10.72 -7.67 4.27
N VAL A 110 -11.06 -8.66 5.06
CA VAL A 110 -12.14 -8.50 5.99
C VAL A 110 -11.56 -7.98 7.29
N THR A 111 -10.55 -8.70 7.79
CA THR A 111 -9.77 -8.40 9.02
C THR A 111 -10.58 -8.45 10.34
N LEU A 112 -11.73 -7.80 10.34
CA LEU A 112 -12.59 -7.66 11.51
C LEU A 112 -12.96 -8.97 12.18
N GLU A 113 -13.46 -9.92 11.42
CA GLU A 113 -13.94 -11.15 12.01
C GLU A 113 -13.98 -12.20 10.88
N HIS A 114 -14.27 -13.43 11.22
CA HIS A 114 -14.41 -14.50 10.23
C HIS A 114 -15.82 -14.49 9.64
N HIS A 115 -16.80 -14.20 10.47
CA HIS A 115 -18.17 -14.21 10.01
C HIS A 115 -18.49 -12.91 9.28
N HIS A 116 -18.28 -12.94 8.00
CA HIS A 116 -18.52 -11.82 7.11
C HIS A 116 -19.99 -11.83 6.72
N HIS A 117 -20.71 -10.80 7.08
CA HIS A 117 -22.14 -10.72 6.79
C HIS A 117 -22.50 -9.25 6.52
N HIS A 118 -22.28 -8.43 7.51
CA HIS A 118 -22.48 -7.00 7.35
C HIS A 118 -21.13 -6.37 7.05
N HIS A 119 -20.13 -6.93 7.70
CA HIS A 119 -18.70 -6.64 7.56
C HIS A 119 -18.03 -7.81 8.24
N MET A 1 15.53 0.51 -0.25
CA MET A 1 16.25 1.71 -0.68
C MET A 1 15.71 2.93 0.05
N ALA A 2 14.39 2.99 0.20
CA ALA A 2 13.74 4.08 0.88
C ALA A 2 13.72 3.82 2.37
N SER A 3 14.62 4.45 3.07
CA SER A 3 14.72 4.32 4.49
C SER A 3 14.03 5.52 5.15
N ALA A 4 14.17 6.67 4.51
CA ALA A 4 13.52 7.88 4.95
C ALA A 4 12.30 8.10 4.08
N VAL A 5 11.15 8.06 4.69
CA VAL A 5 9.91 8.15 3.98
C VAL A 5 9.30 9.53 4.14
N LYS A 6 9.11 10.20 3.03
CA LYS A 6 8.46 11.49 3.01
C LYS A 6 7.33 11.48 1.99
N SER A 7 7.70 11.48 0.74
CA SER A 7 6.77 11.50 -0.35
C SER A 7 7.01 10.27 -1.25
N LEU A 8 6.21 10.11 -2.30
CA LEU A 8 6.33 8.96 -3.21
C LEU A 8 7.54 9.06 -4.10
N THR A 9 8.08 10.26 -4.20
CA THR A 9 9.27 10.51 -4.96
C THR A 9 10.49 9.93 -4.23
N GLU A 10 10.33 9.71 -2.93
CA GLU A 10 11.41 9.16 -2.09
C GLU A 10 11.30 7.65 -2.04
N THR A 11 10.27 7.12 -2.65
CA THR A 11 9.95 5.75 -2.54
C THR A 11 10.47 4.94 -3.75
N GLU A 12 10.77 3.67 -3.51
CA GLU A 12 11.28 2.75 -4.52
C GLU A 12 10.10 2.02 -5.18
N LEU A 13 10.29 1.55 -6.40
CA LEU A 13 9.24 0.92 -7.17
C LEU A 13 9.63 -0.53 -7.49
N LEU A 14 8.77 -1.46 -7.13
CA LEU A 14 8.98 -2.87 -7.41
C LEU A 14 7.80 -3.43 -8.20
N PRO A 15 8.04 -4.30 -9.18
CA PRO A 15 6.97 -5.04 -9.86
C PRO A 15 6.39 -6.08 -8.91
N ILE A 16 5.08 -6.18 -8.84
CA ILE A 16 4.41 -7.02 -7.83
C ILE A 16 4.58 -8.52 -8.07
N THR A 17 4.90 -8.89 -9.30
CA THR A 17 5.02 -10.28 -9.67
C THR A 17 6.30 -10.88 -9.07
N GLU A 18 7.30 -10.05 -8.86
CA GLU A 18 8.54 -10.49 -8.26
C GLU A 18 8.49 -10.25 -6.76
N ALA A 19 7.47 -10.82 -6.13
CA ALA A 19 7.17 -10.68 -4.71
C ALA A 19 8.38 -10.91 -3.78
N ASP A 20 9.39 -11.61 -4.26
CA ASP A 20 10.63 -11.81 -3.49
C ASP A 20 11.36 -10.49 -3.26
N SER A 21 11.15 -9.55 -4.16
CA SER A 21 11.76 -8.25 -4.08
C SER A 21 10.96 -7.33 -3.15
N ILE A 22 9.89 -7.83 -2.56
CA ILE A 22 9.07 -7.05 -1.67
C ILE A 22 9.60 -7.22 -0.25
N PRO A 23 10.14 -6.14 0.34
CA PRO A 23 10.67 -6.12 1.71
C PRO A 23 9.64 -6.61 2.73
N SER A 24 10.08 -7.45 3.64
CA SER A 24 9.22 -8.03 4.64
C SER A 24 9.36 -7.27 5.97
N ALA A 25 9.57 -6.00 5.87
CA ALA A 25 9.71 -5.12 7.01
C ALA A 25 8.41 -4.36 7.22
N SER A 26 8.38 -3.48 8.18
CA SER A 26 7.23 -2.69 8.47
C SER A 26 7.34 -1.35 7.76
N GLY A 27 6.23 -0.83 7.33
CA GLY A 27 6.24 0.44 6.68
C GLY A 27 4.96 0.68 5.95
N VAL A 28 5.05 1.41 4.90
CA VAL A 28 3.92 1.80 4.11
C VAL A 28 4.16 1.40 2.66
N TYR A 29 3.10 1.10 1.95
CA TYR A 29 3.22 0.70 0.57
C TYR A 29 2.12 1.37 -0.27
N ALA A 30 2.44 1.61 -1.51
CA ALA A 30 1.55 2.21 -2.46
C ALA A 30 1.34 1.26 -3.63
N VAL A 31 0.12 0.83 -3.81
CA VAL A 31 -0.22 -0.12 -4.85
C VAL A 31 -0.65 0.61 -6.13
N TYR A 32 0.13 0.40 -7.17
CA TYR A 32 -0.10 0.96 -8.48
C TYR A 32 -0.61 -0.09 -9.41
N ASP A 33 -1.62 0.23 -10.16
CA ASP A 33 -2.18 -0.72 -11.11
C ASP A 33 -1.30 -0.75 -12.36
N LYS A 34 -1.77 -1.42 -13.40
CA LYS A 34 -1.06 -1.58 -14.65
C LYS A 34 -0.75 -0.20 -15.28
N SER A 35 -1.63 0.76 -15.04
CA SER A 35 -1.53 2.10 -15.61
C SER A 35 -0.57 3.01 -14.83
N ASP A 36 0.07 2.45 -13.77
CA ASP A 36 1.03 3.20 -12.89
C ASP A 36 0.26 4.24 -12.06
N GLU A 37 -0.99 3.96 -11.83
CA GLU A 37 -1.82 4.81 -11.01
C GLU A 37 -1.99 4.23 -9.64
N LEU A 38 -1.96 5.09 -8.67
CA LEU A 38 -2.06 4.72 -7.29
C LEU A 38 -3.50 4.71 -6.88
N GLN A 39 -3.99 3.54 -6.64
CA GLN A 39 -5.34 3.38 -6.17
C GLN A 39 -5.39 3.03 -4.70
N PHE A 40 -4.35 2.43 -4.16
CA PHE A 40 -4.41 2.03 -2.77
C PHE A 40 -3.08 2.18 -2.05
N VAL A 41 -3.10 2.98 -1.01
CA VAL A 41 -1.98 3.05 -0.09
C VAL A 41 -2.39 2.40 1.22
N GLY A 42 -1.46 1.73 1.84
CA GLY A 42 -1.74 1.07 3.09
C GLY A 42 -0.50 0.91 3.92
N ILE A 43 -0.68 0.74 5.19
CA ILE A 43 0.41 0.57 6.12
C ILE A 43 0.32 -0.81 6.74
N SER A 44 1.44 -1.43 6.99
CA SER A 44 1.44 -2.76 7.54
C SER A 44 2.70 -3.00 8.38
N ARG A 45 2.64 -3.99 9.25
CA ARG A 45 3.76 -4.34 10.10
C ARG A 45 4.70 -5.28 9.31
N ASN A 46 4.14 -5.92 8.31
CA ASN A 46 4.92 -6.71 7.37
C ASN A 46 4.40 -6.38 5.99
N ILE A 47 5.16 -5.61 5.25
CA ILE A 47 4.77 -5.19 3.92
C ILE A 47 4.51 -6.39 2.98
N ALA A 48 5.52 -7.23 2.81
CA ALA A 48 5.47 -8.39 1.91
C ALA A 48 4.22 -9.26 2.06
N ALA A 49 3.95 -9.72 3.27
CA ALA A 49 2.81 -10.60 3.53
C ALA A 49 1.50 -9.91 3.21
N SER A 50 1.39 -8.66 3.61
CA SER A 50 0.20 -7.87 3.40
C SER A 50 0.00 -7.63 1.90
N VAL A 51 1.04 -7.15 1.23
CA VAL A 51 1.02 -6.86 -0.19
C VAL A 51 0.63 -8.09 -0.99
N SER A 52 1.34 -9.18 -0.78
CA SER A 52 1.08 -10.41 -1.50
C SER A 52 -0.34 -10.92 -1.26
N ALA A 53 -0.80 -10.89 0.01
CA ALA A 53 -2.12 -11.42 0.38
C ALA A 53 -3.24 -10.83 -0.47
N HIS A 54 -3.30 -9.51 -0.50
CA HIS A 54 -4.37 -8.86 -1.24
C HIS A 54 -4.13 -8.79 -2.74
N LEU A 55 -2.89 -8.80 -3.16
CA LEU A 55 -2.61 -8.73 -4.60
C LEU A 55 -2.82 -10.08 -5.27
N LYS A 56 -2.68 -11.15 -4.53
CA LYS A 56 -2.99 -12.47 -5.07
C LYS A 56 -4.49 -12.68 -5.07
N SER A 57 -5.15 -11.99 -4.17
CA SER A 57 -6.59 -12.06 -4.05
C SER A 57 -7.23 -11.28 -5.20
N VAL A 58 -6.83 -10.04 -5.36
CA VAL A 58 -7.38 -9.18 -6.37
C VAL A 58 -6.26 -8.53 -7.20
N PRO A 59 -5.98 -9.10 -8.39
CA PRO A 59 -4.91 -8.63 -9.28
C PRO A 59 -5.29 -7.40 -10.10
N GLU A 60 -6.40 -6.79 -9.74
CA GLU A 60 -6.93 -5.60 -10.39
C GLU A 60 -5.89 -4.47 -10.32
N LEU A 61 -5.26 -4.34 -9.17
CA LEU A 61 -4.31 -3.27 -8.96
C LEU A 61 -2.89 -3.79 -9.01
N CYS A 62 -2.71 -4.94 -9.62
CA CYS A 62 -1.40 -5.52 -9.71
C CYS A 62 -0.64 -5.00 -10.91
N GLY A 63 0.12 -3.97 -10.68
CA GLY A 63 1.00 -3.46 -11.70
C GLY A 63 2.36 -3.26 -11.12
N SER A 64 2.44 -2.41 -10.12
CA SER A 64 3.67 -2.14 -9.45
C SER A 64 3.39 -1.64 -8.05
N VAL A 65 4.35 -1.69 -7.19
CA VAL A 65 4.15 -1.26 -5.83
C VAL A 65 5.35 -0.46 -5.35
N LYS A 66 5.10 0.59 -4.63
CA LYS A 66 6.13 1.37 -4.02
C LYS A 66 6.13 1.09 -2.55
N VAL A 67 7.27 0.75 -2.02
CA VAL A 67 7.36 0.43 -0.61
C VAL A 67 8.29 1.38 0.11
N GLY A 68 7.87 1.80 1.27
CA GLY A 68 8.67 2.68 2.07
C GLY A 68 8.85 2.11 3.42
N ILE A 69 10.05 1.69 3.72
CA ILE A 69 10.35 1.09 4.99
C ILE A 69 10.85 2.15 5.92
N VAL A 70 10.03 2.55 6.81
CA VAL A 70 10.36 3.59 7.73
C VAL A 70 11.03 2.99 8.95
N GLU A 71 12.12 3.60 9.37
CA GLU A 71 12.87 3.15 10.52
C GLU A 71 12.08 3.24 11.81
N GLU A 72 11.18 4.21 11.88
CA GLU A 72 10.29 4.31 13.01
C GLU A 72 8.86 3.94 12.58
N PRO A 73 8.41 2.71 12.88
CA PRO A 73 7.10 2.21 12.48
C PRO A 73 5.99 2.67 13.44
N ASP A 74 6.10 3.88 13.92
CA ASP A 74 5.14 4.46 14.84
C ASP A 74 3.82 4.71 14.12
N LYS A 75 2.71 4.51 14.84
CA LYS A 75 1.37 4.64 14.28
C LYS A 75 1.15 5.98 13.57
N ALA A 76 1.59 7.07 14.18
CA ALA A 76 1.39 8.39 13.61
C ALA A 76 2.29 8.58 12.41
N VAL A 77 3.51 8.08 12.50
CA VAL A 77 4.47 8.19 11.41
C VAL A 77 3.99 7.38 10.21
N LEU A 78 3.47 6.19 10.47
CA LEU A 78 2.88 5.34 9.43
C LEU A 78 1.74 6.08 8.74
N THR A 79 0.88 6.67 9.55
CA THR A 79 -0.27 7.39 9.06
C THR A 79 0.17 8.65 8.29
N GLN A 80 1.20 9.31 8.79
CA GLN A 80 1.74 10.50 8.14
C GLN A 80 2.27 10.16 6.76
N ALA A 81 3.01 9.06 6.69
CA ALA A 81 3.55 8.58 5.42
C ALA A 81 2.41 8.25 4.48
N TRP A 82 1.45 7.49 4.97
CA TRP A 82 0.24 7.10 4.25
C TRP A 82 -0.47 8.35 3.70
N LYS A 83 -0.63 9.33 4.56
CA LYS A 83 -1.34 10.56 4.27
C LYS A 83 -0.64 11.35 3.16
N LEU A 84 0.66 11.51 3.25
CA LEU A 84 1.39 12.21 2.19
C LEU A 84 1.36 11.45 0.87
N TRP A 85 1.49 10.14 0.96
CA TRP A 85 1.47 9.28 -0.22
C TRP A 85 0.13 9.34 -0.97
N ILE A 86 -0.96 9.28 -0.22
CA ILE A 86 -2.26 9.40 -0.85
C ILE A 86 -2.41 10.78 -1.45
N GLU A 87 -1.92 11.82 -0.72
CA GLU A 87 -1.94 13.18 -1.24
C GLU A 87 -1.20 13.30 -2.54
N GLU A 88 -0.05 12.64 -2.66
CA GLU A 88 0.74 12.64 -3.89
C GLU A 88 -0.15 12.37 -5.09
N HIS A 89 -0.93 11.31 -5.00
CA HIS A 89 -1.83 11.00 -6.11
C HIS A 89 -3.09 11.82 -6.15
N ILE A 90 -3.55 12.29 -5.02
CA ILE A 90 -4.68 13.24 -4.98
C ILE A 90 -4.28 14.53 -5.73
N LYS A 91 -3.11 15.02 -5.41
CA LYS A 91 -2.57 16.24 -5.97
C LYS A 91 -2.24 16.11 -7.46
N VAL A 92 -1.51 15.07 -7.83
CA VAL A 92 -1.06 14.97 -9.22
C VAL A 92 -2.13 14.40 -10.19
N THR A 93 -3.07 13.60 -9.69
CA THR A 93 -4.04 12.99 -10.59
C THR A 93 -5.49 13.00 -10.02
N GLY A 94 -5.63 13.03 -8.71
CA GLY A 94 -6.94 13.10 -8.10
C GLY A 94 -7.47 11.75 -7.70
N LYS A 95 -6.58 10.81 -7.49
CA LYS A 95 -6.97 9.47 -7.13
C LYS A 95 -7.34 9.31 -5.67
N VAL A 96 -8.61 9.03 -5.47
CA VAL A 96 -9.21 8.64 -4.20
C VAL A 96 -10.25 7.60 -4.59
N PRO A 97 -9.80 6.40 -4.95
CA PRO A 97 -10.64 5.37 -5.50
C PRO A 97 -11.25 4.42 -4.47
N PRO A 98 -12.25 3.57 -4.89
CA PRO A 98 -12.93 2.58 -4.02
C PRO A 98 -11.97 1.60 -3.33
N GLY A 99 -10.76 1.50 -3.85
CA GLY A 99 -9.75 0.65 -3.25
C GLY A 99 -9.31 1.17 -1.91
N ASN A 100 -9.20 2.48 -1.81
CA ASN A 100 -8.77 3.13 -0.58
C ASN A 100 -9.99 3.52 0.24
N LYS A 101 -11.05 3.88 -0.45
CA LYS A 101 -12.33 4.20 0.17
C LYS A 101 -13.01 2.93 0.61
N SER A 102 -14.13 3.06 1.24
CA SER A 102 -14.90 1.91 1.56
C SER A 102 -15.73 1.55 0.33
N GLY A 103 -15.13 0.75 -0.52
CA GLY A 103 -15.77 0.33 -1.74
C GLY A 103 -15.35 -1.07 -2.11
N ASN A 104 -14.06 -1.30 -2.19
CA ASN A 104 -13.56 -2.63 -2.45
C ASN A 104 -13.23 -3.25 -1.12
N ASN A 105 -14.02 -4.22 -0.74
CA ASN A 105 -13.97 -4.82 0.59
C ASN A 105 -12.74 -5.68 0.83
N THR A 106 -11.96 -5.93 -0.19
CA THR A 106 -10.80 -6.76 -0.07
C THR A 106 -9.71 -6.02 0.70
N PHE A 107 -9.49 -4.76 0.33
CA PHE A 107 -8.41 -3.97 0.91
C PHE A 107 -8.81 -3.38 2.25
N VAL A 108 -10.01 -2.84 2.30
CA VAL A 108 -10.46 -2.10 3.46
C VAL A 108 -11.10 -2.97 4.55
N LYS A 109 -10.92 -4.27 4.47
CA LYS A 109 -11.43 -5.10 5.54
C LYS A 109 -10.48 -5.02 6.73
N VAL A 110 -11.03 -4.85 7.88
CA VAL A 110 -10.24 -4.78 9.09
C VAL A 110 -10.18 -6.20 9.67
N THR A 111 -9.16 -6.50 10.47
CA THR A 111 -9.02 -7.81 11.09
C THR A 111 -10.31 -8.15 11.90
N LEU A 112 -10.81 -7.17 12.63
CA LEU A 112 -12.07 -7.28 13.34
C LEU A 112 -12.96 -6.16 12.86
N GLU A 113 -14.08 -6.49 12.27
CA GLU A 113 -14.93 -5.45 11.75
C GLU A 113 -16.08 -5.14 12.68
N HIS A 114 -16.53 -3.93 12.64
CA HIS A 114 -17.71 -3.53 13.34
C HIS A 114 -18.59 -2.92 12.32
N HIS A 115 -19.63 -3.61 12.00
CA HIS A 115 -20.45 -3.18 10.92
C HIS A 115 -21.48 -2.18 11.39
N HIS A 116 -21.12 -0.92 11.29
CA HIS A 116 -21.96 0.16 11.68
C HIS A 116 -23.09 0.34 10.69
N HIS A 117 -24.24 -0.21 11.01
CA HIS A 117 -25.41 -0.03 10.17
C HIS A 117 -26.68 -0.19 11.02
N HIS A 118 -26.53 0.03 12.31
CA HIS A 118 -27.68 0.04 13.22
C HIS A 118 -28.14 1.48 13.34
N HIS A 119 -27.28 2.34 12.87
CA HIS A 119 -27.45 3.75 12.77
C HIS A 119 -26.84 4.10 11.47
N MET A 1 15.97 -0.72 -0.60
CA MET A 1 15.87 -0.08 0.70
C MET A 1 15.65 1.41 0.57
N ALA A 2 14.45 1.81 0.80
CA ALA A 2 14.10 3.19 0.92
C ALA A 2 13.78 3.40 2.38
N SER A 3 14.70 3.99 3.11
CA SER A 3 14.55 4.16 4.53
C SER A 3 13.97 5.54 4.87
N ALA A 4 14.50 6.56 4.22
CA ALA A 4 14.02 7.90 4.42
C ALA A 4 12.98 8.19 3.38
N VAL A 5 11.75 8.09 3.75
CA VAL A 5 10.66 8.25 2.82
C VAL A 5 9.69 9.29 3.32
N LYS A 6 9.43 10.29 2.52
CA LYS A 6 8.42 11.29 2.82
C LYS A 6 7.35 11.22 1.74
N SER A 7 7.77 11.33 0.51
CA SER A 7 6.87 11.32 -0.63
C SER A 7 7.00 10.03 -1.47
N LEU A 8 6.10 9.85 -2.45
CA LEU A 8 6.12 8.69 -3.38
C LEU A 8 7.41 8.67 -4.19
N THR A 9 7.97 9.85 -4.39
CA THR A 9 9.18 10.02 -5.16
C THR A 9 10.35 9.28 -4.51
N GLU A 10 10.31 9.20 -3.19
CA GLU A 10 11.40 8.64 -2.40
C GLU A 10 11.17 7.18 -2.10
N THR A 11 10.10 6.66 -2.64
CA THR A 11 9.72 5.32 -2.39
C THR A 11 10.34 4.38 -3.46
N GLU A 12 10.71 3.16 -3.07
CA GLU A 12 11.32 2.22 -4.00
C GLU A 12 10.24 1.39 -4.70
N LEU A 13 10.51 0.96 -5.92
CA LEU A 13 9.51 0.31 -6.74
C LEU A 13 9.87 -1.15 -6.98
N LEU A 14 8.90 -2.01 -6.76
CA LEU A 14 9.03 -3.44 -7.03
C LEU A 14 7.84 -3.87 -7.88
N PRO A 15 8.06 -4.54 -9.02
CA PRO A 15 6.97 -5.12 -9.82
C PRO A 15 6.27 -6.22 -8.99
N ILE A 16 4.93 -6.27 -9.05
CA ILE A 16 4.19 -7.20 -8.16
C ILE A 16 4.37 -8.67 -8.54
N THR A 17 4.89 -8.89 -9.75
CA THR A 17 5.12 -10.24 -10.24
C THR A 17 6.20 -10.93 -9.39
N GLU A 18 7.13 -10.15 -8.86
CA GLU A 18 8.17 -10.67 -8.04
C GLU A 18 7.85 -10.39 -6.58
N ALA A 19 6.64 -10.83 -6.21
CA ALA A 19 6.06 -10.68 -4.87
C ALA A 19 6.97 -11.30 -3.81
N ASP A 20 7.78 -12.25 -4.21
CA ASP A 20 8.72 -12.90 -3.32
C ASP A 20 9.75 -11.89 -2.78
N SER A 21 10.07 -10.90 -3.56
CA SER A 21 11.08 -9.94 -3.20
C SER A 21 10.50 -8.72 -2.48
N ILE A 22 9.20 -8.74 -2.22
CA ILE A 22 8.57 -7.64 -1.50
C ILE A 22 9.06 -7.65 -0.06
N PRO A 23 9.61 -6.54 0.43
CA PRO A 23 10.14 -6.45 1.80
C PRO A 23 9.15 -6.87 2.86
N SER A 24 9.60 -7.72 3.73
CA SER A 24 8.81 -8.27 4.80
C SER A 24 9.03 -7.48 6.10
N ALA A 25 9.27 -6.22 5.94
CA ALA A 25 9.49 -5.32 7.04
C ALA A 25 8.25 -4.47 7.24
N SER A 26 8.31 -3.56 8.18
CA SER A 26 7.22 -2.70 8.48
C SER A 26 7.34 -1.40 7.71
N GLY A 27 6.23 -0.82 7.38
CA GLY A 27 6.26 0.43 6.68
C GLY A 27 5.00 0.68 5.92
N VAL A 28 5.15 1.46 4.89
CA VAL A 28 4.04 1.89 4.08
C VAL A 28 4.21 1.28 2.70
N TYR A 29 3.15 1.04 2.00
CA TYR A 29 3.25 0.58 0.64
C TYR A 29 2.18 1.25 -0.22
N ALA A 30 2.49 1.40 -1.47
CA ALA A 30 1.62 2.04 -2.43
C ALA A 30 1.48 1.15 -3.65
N VAL A 31 0.26 0.77 -3.95
CA VAL A 31 -0.03 -0.10 -5.05
C VAL A 31 -0.35 0.72 -6.31
N TYR A 32 0.37 0.41 -7.38
CA TYR A 32 0.20 1.06 -8.68
C TYR A 32 -0.33 0.05 -9.65
N ASP A 33 -1.34 0.46 -10.39
CA ASP A 33 -2.00 -0.41 -11.36
C ASP A 33 -1.16 -0.53 -12.64
N LYS A 34 -1.72 -1.19 -13.66
CA LYS A 34 -1.07 -1.36 -14.96
C LYS A 34 -0.64 -0.01 -15.59
N SER A 35 -1.39 1.05 -15.33
CA SER A 35 -1.09 2.35 -15.90
C SER A 35 -0.24 3.20 -14.93
N ASP A 36 0.26 2.55 -13.88
CA ASP A 36 1.14 3.17 -12.89
C ASP A 36 0.52 4.28 -12.11
N GLU A 37 -0.75 4.21 -11.85
CA GLU A 37 -1.32 5.17 -10.98
C GLU A 37 -1.56 4.62 -9.63
N LEU A 38 -1.01 5.33 -8.66
CA LEU A 38 -1.21 5.04 -7.27
C LEU A 38 -2.69 5.16 -6.96
N GLN A 39 -3.27 4.05 -6.66
CA GLN A 39 -4.66 3.99 -6.38
C GLN A 39 -4.95 3.37 -5.01
N PHE A 40 -3.97 2.72 -4.43
CA PHE A 40 -4.18 2.18 -3.10
C PHE A 40 -2.92 2.27 -2.27
N VAL A 41 -3.03 2.87 -1.13
CA VAL A 41 -1.93 2.92 -0.17
C VAL A 41 -2.35 2.20 1.07
N GLY A 42 -1.41 1.64 1.78
CA GLY A 42 -1.71 0.96 2.98
C GLY A 42 -0.48 0.83 3.83
N ILE A 43 -0.68 0.58 5.10
CA ILE A 43 0.40 0.40 6.03
C ILE A 43 0.21 -0.92 6.73
N SER A 44 1.30 -1.57 7.07
CA SER A 44 1.24 -2.85 7.72
C SER A 44 2.53 -3.08 8.47
N ARG A 45 2.51 -4.06 9.36
CA ARG A 45 3.69 -4.43 10.11
C ARG A 45 4.53 -5.31 9.20
N ASN A 46 3.89 -6.00 8.29
CA ASN A 46 4.59 -6.84 7.36
C ASN A 46 4.08 -6.53 5.97
N ILE A 47 4.83 -5.73 5.26
CA ILE A 47 4.46 -5.30 3.92
C ILE A 47 4.28 -6.51 2.99
N ALA A 48 5.27 -7.38 2.95
CA ALA A 48 5.28 -8.57 2.08
C ALA A 48 4.03 -9.40 2.18
N ALA A 49 3.65 -9.77 3.39
CA ALA A 49 2.48 -10.58 3.63
C ALA A 49 1.23 -9.90 3.13
N SER A 50 1.08 -8.64 3.49
CA SER A 50 -0.08 -7.87 3.12
C SER A 50 -0.18 -7.75 1.59
N VAL A 51 0.91 -7.33 0.97
CA VAL A 51 0.98 -7.15 -0.47
C VAL A 51 0.69 -8.47 -1.19
N SER A 52 1.42 -9.51 -0.82
CA SER A 52 1.27 -10.81 -1.46
C SER A 52 -0.13 -11.40 -1.25
N ALA A 53 -0.72 -11.16 -0.09
CA ALA A 53 -2.05 -11.67 0.19
C ALA A 53 -3.10 -10.99 -0.68
N HIS A 54 -3.24 -9.66 -0.55
CA HIS A 54 -4.32 -9.00 -1.27
C HIS A 54 -4.09 -8.86 -2.76
N LEU A 55 -2.85 -8.84 -3.22
CA LEU A 55 -2.62 -8.74 -4.66
C LEU A 55 -2.87 -10.07 -5.36
N LYS A 56 -2.74 -11.16 -4.63
CA LYS A 56 -3.08 -12.46 -5.20
C LYS A 56 -4.56 -12.75 -5.01
N SER A 57 -5.22 -11.91 -4.23
CA SER A 57 -6.63 -12.03 -4.02
C SER A 57 -7.37 -11.15 -5.06
N VAL A 58 -6.97 -9.89 -5.13
CA VAL A 58 -7.57 -8.97 -6.06
C VAL A 58 -6.49 -8.32 -6.98
N PRO A 59 -6.29 -8.88 -8.18
CA PRO A 59 -5.30 -8.38 -9.16
C PRO A 59 -5.80 -7.15 -9.94
N GLU A 60 -6.60 -6.34 -9.28
CA GLU A 60 -7.23 -5.17 -9.88
C GLU A 60 -6.18 -4.09 -10.17
N LEU A 61 -5.31 -3.88 -9.22
CA LEU A 61 -4.32 -2.80 -9.28
C LEU A 61 -2.92 -3.36 -9.39
N CYS A 62 -2.81 -4.56 -9.84
CA CYS A 62 -1.54 -5.22 -9.95
C CYS A 62 -0.69 -4.74 -11.13
N GLY A 63 0.15 -3.78 -10.88
CA GLY A 63 1.11 -3.33 -11.86
C GLY A 63 2.49 -3.36 -11.26
N SER A 64 2.67 -2.57 -10.23
CA SER A 64 3.90 -2.51 -9.46
C SER A 64 3.56 -1.92 -8.09
N VAL A 65 4.46 -2.01 -7.17
CA VAL A 65 4.23 -1.51 -5.85
C VAL A 65 5.43 -0.69 -5.37
N LYS A 66 5.16 0.35 -4.67
CA LYS A 66 6.15 1.19 -4.08
C LYS A 66 6.13 0.89 -2.60
N VAL A 67 7.25 0.62 -2.01
CA VAL A 67 7.29 0.31 -0.59
C VAL A 67 8.23 1.25 0.15
N GLY A 68 7.80 1.72 1.30
CA GLY A 68 8.59 2.58 2.09
C GLY A 68 8.85 1.96 3.43
N ILE A 69 10.01 1.38 3.58
CA ILE A 69 10.38 0.73 4.80
C ILE A 69 11.00 1.75 5.71
N VAL A 70 10.23 2.18 6.63
CA VAL A 70 10.61 3.22 7.50
C VAL A 70 11.05 2.62 8.85
N GLU A 71 12.17 3.09 9.38
CA GLU A 71 12.74 2.56 10.62
C GLU A 71 11.87 2.84 11.84
N GLU A 72 11.21 3.97 11.86
CA GLU A 72 10.31 4.25 12.93
C GLU A 72 8.92 3.62 12.66
N PRO A 73 8.49 2.67 13.52
CA PRO A 73 7.19 2.00 13.37
C PRO A 73 6.09 2.73 14.12
N ASP A 74 6.34 3.99 14.40
CA ASP A 74 5.42 4.83 15.12
C ASP A 74 4.18 5.08 14.30
N LYS A 75 3.04 4.88 14.92
CA LYS A 75 1.76 4.97 14.26
C LYS A 75 1.51 6.33 13.62
N ALA A 76 2.01 7.38 14.24
CA ALA A 76 1.79 8.72 13.72
C ALA A 76 2.58 8.90 12.43
N VAL A 77 3.83 8.46 12.45
CA VAL A 77 4.70 8.53 11.27
C VAL A 77 4.11 7.70 10.12
N LEU A 78 3.66 6.49 10.46
CA LEU A 78 3.06 5.60 9.47
C LEU A 78 1.83 6.23 8.84
N THR A 79 0.97 6.83 9.67
CA THR A 79 -0.25 7.45 9.19
C THR A 79 0.07 8.72 8.38
N GLN A 80 1.07 9.46 8.84
CA GLN A 80 1.51 10.67 8.18
C GLN A 80 2.02 10.37 6.78
N ALA A 81 2.92 9.39 6.69
CA ALA A 81 3.51 8.98 5.41
C ALA A 81 2.42 8.46 4.49
N TRP A 82 1.49 7.70 5.06
CA TRP A 82 0.33 7.15 4.34
C TRP A 82 -0.39 8.29 3.60
N LYS A 83 -0.60 9.40 4.32
CA LYS A 83 -1.27 10.57 3.76
C LYS A 83 -0.43 11.23 2.70
N LEU A 84 0.83 11.50 3.02
CA LEU A 84 1.76 12.20 2.13
C LEU A 84 1.80 11.57 0.76
N TRP A 85 1.81 10.26 0.74
CA TRP A 85 1.85 9.49 -0.49
C TRP A 85 0.53 9.60 -1.25
N ILE A 86 -0.56 9.23 -0.60
CA ILE A 86 -1.82 9.20 -1.29
C ILE A 86 -2.28 10.60 -1.67
N GLU A 87 -2.13 11.55 -0.76
CA GLU A 87 -2.64 12.88 -0.97
C GLU A 87 -1.93 13.63 -2.07
N GLU A 88 -0.65 13.32 -2.32
CA GLU A 88 0.01 13.95 -3.43
C GLU A 88 -0.62 13.45 -4.74
N HIS A 89 -0.99 12.16 -4.77
CA HIS A 89 -1.63 11.61 -5.96
C HIS A 89 -3.10 12.08 -6.03
N ILE A 90 -3.71 12.32 -4.87
CA ILE A 90 -5.09 12.84 -4.79
C ILE A 90 -5.17 14.19 -5.50
N LYS A 91 -4.19 15.02 -5.26
CA LYS A 91 -4.20 16.37 -5.77
C LYS A 91 -3.75 16.49 -7.23
N VAL A 92 -2.77 15.71 -7.66
CA VAL A 92 -2.27 15.88 -9.03
C VAL A 92 -2.89 14.89 -10.04
N THR A 93 -3.36 13.76 -9.59
CA THR A 93 -3.91 12.76 -10.50
C THR A 93 -5.34 12.33 -10.13
N GLY A 94 -5.82 12.89 -9.03
CA GLY A 94 -7.22 12.77 -8.59
C GLY A 94 -7.78 11.36 -8.39
N LYS A 95 -6.96 10.42 -7.95
CA LYS A 95 -7.45 9.07 -7.73
C LYS A 95 -7.74 8.82 -6.29
N VAL A 96 -9.01 8.73 -5.95
CA VAL A 96 -9.43 8.37 -4.60
C VAL A 96 -10.39 7.18 -4.74
N PRO A 97 -9.87 5.97 -4.95
CA PRO A 97 -10.67 4.79 -5.19
C PRO A 97 -11.29 4.21 -3.92
N PRO A 98 -12.42 3.48 -4.07
CA PRO A 98 -13.12 2.82 -2.95
C PRO A 98 -12.20 1.84 -2.21
N GLY A 99 -11.15 1.38 -2.89
CA GLY A 99 -10.14 0.50 -2.32
C GLY A 99 -9.49 1.09 -1.10
N ASN A 100 -9.26 2.37 -1.13
CA ASN A 100 -8.62 3.00 -0.02
C ASN A 100 -9.62 3.71 0.87
N LYS A 101 -10.73 4.12 0.31
CA LYS A 101 -11.78 4.78 1.07
C LYS A 101 -12.57 3.77 1.91
N SER A 102 -13.51 3.12 1.26
CA SER A 102 -14.39 2.14 1.84
C SER A 102 -15.28 1.68 0.70
N GLY A 103 -15.95 0.58 0.87
CA GLY A 103 -16.79 0.08 -0.19
C GLY A 103 -16.29 -1.23 -0.72
N ASN A 104 -15.03 -1.47 -0.50
CA ASN A 104 -14.40 -2.67 -0.97
C ASN A 104 -14.28 -3.64 0.19
N ASN A 105 -14.06 -4.88 -0.12
CA ASN A 105 -13.75 -5.86 0.89
C ASN A 105 -12.52 -6.63 0.43
N THR A 106 -12.29 -6.60 -0.86
CA THR A 106 -11.24 -7.35 -1.54
C THR A 106 -9.81 -7.05 -1.03
N PHE A 107 -9.62 -5.91 -0.40
CA PHE A 107 -8.31 -5.58 0.09
C PHE A 107 -8.02 -6.21 1.44
N VAL A 108 -9.04 -6.70 2.11
CA VAL A 108 -8.81 -7.44 3.32
C VAL A 108 -8.92 -8.94 3.04
N LYS A 109 -9.83 -9.30 2.12
CA LYS A 109 -10.06 -10.68 1.61
C LYS A 109 -10.96 -10.60 0.40
N VAL A 110 -10.76 -11.48 -0.56
CA VAL A 110 -11.50 -11.45 -1.82
C VAL A 110 -13.03 -11.53 -1.62
N THR A 111 -13.50 -12.53 -0.89
CA THR A 111 -14.92 -12.66 -0.66
C THR A 111 -15.22 -12.72 0.85
N LEU A 112 -14.22 -13.05 1.63
CA LEU A 112 -14.39 -13.18 3.07
C LEU A 112 -14.58 -11.82 3.70
N GLU A 113 -15.79 -11.56 4.07
CA GLU A 113 -16.14 -10.30 4.66
C GLU A 113 -15.79 -10.29 6.13
N HIS A 114 -15.19 -9.22 6.57
CA HIS A 114 -14.80 -9.09 7.96
C HIS A 114 -15.43 -7.87 8.59
N HIS A 115 -14.98 -6.69 8.23
CA HIS A 115 -15.64 -5.49 8.72
C HIS A 115 -16.80 -5.14 7.81
N HIS A 116 -17.91 -5.76 8.10
CA HIS A 116 -19.13 -5.63 7.32
C HIS A 116 -19.80 -4.28 7.56
N HIS A 117 -20.27 -3.71 6.50
CA HIS A 117 -21.01 -2.45 6.52
C HIS A 117 -22.34 -2.72 5.84
N HIS A 118 -23.36 -1.99 6.19
CA HIS A 118 -24.66 -2.22 5.60
C HIS A 118 -25.34 -0.91 5.32
N HIS A 119 -26.03 -0.85 4.22
CA HIS A 119 -26.73 0.30 3.81
C HIS A 119 -28.06 -0.15 3.27
N MET A 1 19.92 5.55 0.86
CA MET A 1 20.13 7.00 0.87
C MET A 1 19.58 7.60 2.15
N ALA A 2 18.29 7.49 2.35
CA ALA A 2 17.65 8.00 3.51
C ALA A 2 16.58 7.05 3.96
N SER A 3 16.56 6.75 5.23
CA SER A 3 15.58 5.88 5.81
C SER A 3 14.25 6.63 6.05
N ALA A 4 14.33 7.94 6.01
CA ALA A 4 13.17 8.77 6.16
C ALA A 4 12.47 8.96 4.82
N VAL A 5 11.67 8.00 4.44
CA VAL A 5 10.87 8.10 3.25
C VAL A 5 9.63 8.93 3.58
N LYS A 6 9.39 9.94 2.81
CA LYS A 6 8.31 10.86 3.10
C LYS A 6 7.26 10.74 2.04
N SER A 7 7.68 10.87 0.80
CA SER A 7 6.76 10.87 -0.30
C SER A 7 7.14 9.81 -1.34
N LEU A 8 6.20 9.52 -2.23
CA LEU A 8 6.31 8.51 -3.29
C LEU A 8 7.49 8.72 -4.22
N THR A 9 7.90 9.95 -4.35
CA THR A 9 8.99 10.31 -5.22
C THR A 9 10.33 9.71 -4.70
N GLU A 10 10.36 9.37 -3.42
CA GLU A 10 11.57 8.82 -2.80
C GLU A 10 11.47 7.31 -2.70
N THR A 11 10.31 6.79 -2.97
CA THR A 11 10.04 5.40 -2.75
C THR A 11 10.53 4.51 -3.94
N GLU A 12 11.15 3.37 -3.61
CA GLU A 12 11.62 2.43 -4.65
C GLU A 12 10.46 1.57 -5.17
N LEU A 13 10.58 1.10 -6.40
CA LEU A 13 9.52 0.41 -7.11
C LEU A 13 9.83 -1.08 -7.23
N LEU A 14 8.89 -1.90 -6.84
CA LEU A 14 9.00 -3.34 -6.95
C LEU A 14 7.85 -3.87 -7.78
N PRO A 15 8.13 -4.72 -8.77
CA PRO A 15 7.10 -5.43 -9.51
C PRO A 15 6.40 -6.42 -8.57
N ILE A 16 5.08 -6.52 -8.67
CA ILE A 16 4.29 -7.36 -7.75
C ILE A 16 4.48 -8.85 -7.99
N THR A 17 5.09 -9.15 -9.11
CA THR A 17 5.36 -10.49 -9.53
C THR A 17 6.54 -11.07 -8.74
N GLU A 18 7.40 -10.21 -8.26
CA GLU A 18 8.51 -10.62 -7.46
C GLU A 18 8.22 -10.34 -6.00
N ALA A 19 7.07 -10.85 -5.56
CA ALA A 19 6.54 -10.68 -4.21
C ALA A 19 7.50 -11.20 -3.13
N ASP A 20 8.38 -12.12 -3.53
CA ASP A 20 9.38 -12.69 -2.62
C ASP A 20 10.40 -11.61 -2.24
N SER A 21 10.52 -10.62 -3.11
CA SER A 21 11.48 -9.57 -2.93
C SER A 21 10.86 -8.36 -2.21
N ILE A 22 9.62 -8.49 -1.77
CA ILE A 22 8.98 -7.41 -1.04
C ILE A 22 9.44 -7.47 0.41
N PRO A 23 9.98 -6.36 0.94
CA PRO A 23 10.43 -6.27 2.33
C PRO A 23 9.35 -6.70 3.34
N SER A 24 9.75 -7.49 4.28
CA SER A 24 8.87 -8.04 5.28
C SER A 24 8.91 -7.21 6.55
N ALA A 25 9.18 -5.96 6.37
CA ALA A 25 9.30 -5.01 7.46
C ALA A 25 8.00 -4.24 7.62
N SER A 26 7.98 -3.31 8.53
CA SER A 26 6.80 -2.53 8.78
C SER A 26 6.97 -1.19 8.10
N GLY A 27 5.89 -0.69 7.56
CA GLY A 27 5.95 0.55 6.89
C GLY A 27 4.71 0.76 6.08
N VAL A 28 4.87 1.45 5.00
CA VAL A 28 3.79 1.81 4.14
C VAL A 28 4.10 1.35 2.73
N TYR A 29 3.09 1.01 1.98
CA TYR A 29 3.28 0.59 0.63
C TYR A 29 2.23 1.24 -0.28
N ALA A 30 2.62 1.48 -1.50
CA ALA A 30 1.78 2.09 -2.48
C ALA A 30 1.56 1.14 -3.63
N VAL A 31 0.33 0.83 -3.88
CA VAL A 31 0.00 -0.08 -4.92
C VAL A 31 -0.37 0.68 -6.19
N TYR A 32 0.45 0.49 -7.19
CA TYR A 32 0.29 1.07 -8.48
C TYR A 32 -0.25 0.05 -9.43
N ASP A 33 -1.23 0.41 -10.20
CA ASP A 33 -1.79 -0.52 -11.15
C ASP A 33 -0.91 -0.56 -12.40
N LYS A 34 -1.37 -1.24 -13.41
CA LYS A 34 -0.62 -1.40 -14.66
C LYS A 34 -0.47 -0.07 -15.42
N SER A 35 -1.27 0.91 -15.07
CA SER A 35 -1.20 2.22 -15.70
C SER A 35 -0.20 3.12 -14.95
N ASP A 36 0.44 2.56 -13.91
CA ASP A 36 1.44 3.26 -13.05
C ASP A 36 0.76 4.35 -12.24
N GLU A 37 -0.51 4.13 -11.97
CA GLU A 37 -1.27 5.03 -11.14
C GLU A 37 -1.46 4.43 -9.78
N LEU A 38 -1.61 5.30 -8.82
CA LEU A 38 -1.69 4.91 -7.44
C LEU A 38 -3.12 4.96 -7.00
N GLN A 39 -3.66 3.81 -6.75
CA GLN A 39 -5.02 3.71 -6.28
C GLN A 39 -5.09 3.31 -4.82
N PHE A 40 -4.15 2.52 -4.35
CA PHE A 40 -4.25 2.03 -2.99
C PHE A 40 -2.95 2.20 -2.24
N VAL A 41 -3.07 2.68 -1.04
CA VAL A 41 -1.94 2.83 -0.14
C VAL A 41 -2.30 2.22 1.18
N GLY A 42 -1.36 1.58 1.82
CA GLY A 42 -1.66 0.96 3.06
C GLY A 42 -0.45 0.83 3.93
N ILE A 43 -0.67 0.78 5.21
CA ILE A 43 0.36 0.61 6.18
C ILE A 43 0.22 -0.74 6.84
N SER A 44 1.32 -1.40 7.10
CA SER A 44 1.28 -2.73 7.64
C SER A 44 2.51 -3.02 8.53
N ARG A 45 2.41 -4.08 9.33
CA ARG A 45 3.51 -4.53 10.18
C ARG A 45 4.43 -5.38 9.37
N ASN A 46 3.87 -6.06 8.41
CA ASN A 46 4.63 -6.85 7.49
C ASN A 46 4.17 -6.49 6.11
N ILE A 47 4.97 -5.73 5.39
CA ILE A 47 4.61 -5.28 4.06
C ILE A 47 4.39 -6.47 3.10
N ALA A 48 5.39 -7.35 3.02
CA ALA A 48 5.37 -8.52 2.10
C ALA A 48 4.08 -9.32 2.17
N ALA A 49 3.73 -9.82 3.34
CA ALA A 49 2.54 -10.64 3.51
C ALA A 49 1.29 -9.90 3.10
N SER A 50 1.18 -8.66 3.54
CA SER A 50 0.03 -7.84 3.26
C SER A 50 -0.12 -7.57 1.75
N VAL A 51 0.97 -7.14 1.11
CA VAL A 51 1.00 -6.86 -0.32
C VAL A 51 0.60 -8.11 -1.10
N SER A 52 1.31 -9.19 -0.83
CA SER A 52 1.11 -10.46 -1.50
C SER A 52 -0.33 -10.98 -1.31
N ALA A 53 -0.84 -10.89 -0.08
CA ALA A 53 -2.19 -11.38 0.24
C ALA A 53 -3.25 -10.76 -0.65
N HIS A 54 -3.37 -9.44 -0.62
CA HIS A 54 -4.43 -8.80 -1.38
C HIS A 54 -4.16 -8.71 -2.87
N LEU A 55 -2.92 -8.59 -3.30
CA LEU A 55 -2.64 -8.44 -4.73
C LEU A 55 -2.76 -9.74 -5.49
N LYS A 56 -2.52 -10.84 -4.82
CA LYS A 56 -2.72 -12.13 -5.45
C LYS A 56 -4.20 -12.50 -5.42
N SER A 57 -4.94 -11.87 -4.52
CA SER A 57 -6.38 -12.07 -4.43
C SER A 57 -7.10 -11.21 -5.49
N VAL A 58 -6.87 -9.90 -5.42
CA VAL A 58 -7.49 -8.96 -6.31
C VAL A 58 -6.42 -8.27 -7.17
N PRO A 59 -6.22 -8.78 -8.38
CA PRO A 59 -5.18 -8.31 -9.28
C PRO A 59 -5.60 -7.08 -10.11
N GLU A 60 -6.58 -6.34 -9.61
CA GLU A 60 -7.10 -5.14 -10.27
C GLU A 60 -5.99 -4.07 -10.33
N LEU A 61 -5.15 -4.08 -9.31
CA LEU A 61 -4.07 -3.12 -9.20
C LEU A 61 -2.73 -3.83 -9.32
N CYS A 62 -2.75 -5.00 -9.93
CA CYS A 62 -1.57 -5.82 -10.10
C CYS A 62 -0.67 -5.24 -11.20
N GLY A 63 0.08 -4.22 -10.86
CA GLY A 63 1.00 -3.61 -11.79
C GLY A 63 2.38 -3.44 -11.17
N SER A 64 2.44 -2.74 -10.06
CA SER A 64 3.67 -2.50 -9.35
C SER A 64 3.38 -1.99 -7.94
N VAL A 65 4.36 -2.04 -7.08
CA VAL A 65 4.19 -1.58 -5.73
C VAL A 65 5.45 -0.83 -5.28
N LYS A 66 5.25 0.27 -4.62
CA LYS A 66 6.35 0.99 -4.03
C LYS A 66 6.30 0.77 -2.53
N VAL A 67 7.41 0.41 -1.94
CA VAL A 67 7.43 0.12 -0.52
C VAL A 67 8.29 1.13 0.22
N GLY A 68 7.78 1.62 1.31
CA GLY A 68 8.48 2.58 2.10
C GLY A 68 8.64 2.10 3.51
N ILE A 69 9.84 1.69 3.83
CA ILE A 69 10.15 1.24 5.16
C ILE A 69 10.67 2.43 5.91
N VAL A 70 9.92 2.87 6.87
CA VAL A 70 10.25 4.05 7.59
C VAL A 70 10.92 3.66 8.92
N GLU A 71 11.57 4.60 9.56
CA GLU A 71 12.31 4.32 10.79
C GLU A 71 11.39 4.02 11.96
N GLU A 72 10.33 4.76 12.07
CA GLU A 72 9.39 4.53 13.14
C GLU A 72 8.20 3.75 12.66
N PRO A 73 7.97 2.54 13.18
CA PRO A 73 6.76 1.76 12.88
C PRO A 73 5.59 2.26 13.76
N ASP A 74 5.67 3.51 14.13
CA ASP A 74 4.74 4.15 15.01
C ASP A 74 3.57 4.67 14.20
N LYS A 75 2.39 4.64 14.80
CA LYS A 75 1.15 5.02 14.13
C LYS A 75 1.21 6.41 13.50
N ALA A 76 1.78 7.37 14.22
CA ALA A 76 1.83 8.74 13.72
C ALA A 76 2.65 8.87 12.47
N VAL A 77 3.72 8.11 12.43
CA VAL A 77 4.64 8.16 11.32
C VAL A 77 4.11 7.36 10.15
N LEU A 78 3.52 6.22 10.44
CA LEU A 78 2.91 5.37 9.42
C LEU A 78 1.79 6.13 8.72
N THR A 79 0.93 6.75 9.52
CA THR A 79 -0.18 7.51 9.00
C THR A 79 0.32 8.75 8.23
N GLN A 80 1.41 9.33 8.70
CA GLN A 80 2.01 10.49 8.06
C GLN A 80 2.52 10.13 6.67
N ALA A 81 3.26 9.03 6.60
CA ALA A 81 3.80 8.55 5.33
C ALA A 81 2.66 8.17 4.40
N TRP A 82 1.65 7.48 4.95
CA TRP A 82 0.44 7.09 4.22
C TRP A 82 -0.20 8.34 3.63
N LYS A 83 -0.25 9.40 4.44
CA LYS A 83 -0.79 10.67 4.04
C LYS A 83 -0.07 11.29 2.87
N LEU A 84 1.23 11.54 3.00
CA LEU A 84 1.96 12.20 1.93
C LEU A 84 1.85 11.46 0.61
N TRP A 85 1.84 10.16 0.67
CA TRP A 85 1.69 9.31 -0.48
C TRP A 85 0.29 9.47 -1.13
N ILE A 86 -0.78 9.32 -0.31
CA ILE A 86 -2.13 9.43 -0.84
C ILE A 86 -2.38 10.84 -1.39
N GLU A 87 -1.99 11.85 -0.61
CA GLU A 87 -2.19 13.22 -0.96
C GLU A 87 -1.51 13.61 -2.26
N GLU A 88 -0.37 12.95 -2.57
CA GLU A 88 0.29 13.17 -3.87
C GLU A 88 -0.69 12.88 -4.99
N HIS A 89 -1.21 11.68 -4.99
CA HIS A 89 -2.11 11.29 -6.06
C HIS A 89 -3.47 11.95 -5.96
N ILE A 90 -3.94 12.22 -4.76
CA ILE A 90 -5.19 12.96 -4.56
C ILE A 90 -5.15 14.32 -5.25
N LYS A 91 -4.04 15.01 -5.13
CA LYS A 91 -3.91 16.33 -5.72
C LYS A 91 -3.78 16.32 -7.24
N VAL A 92 -2.78 15.64 -7.74
CA VAL A 92 -2.44 15.75 -9.15
C VAL A 92 -3.28 14.84 -10.09
N THR A 93 -3.85 13.77 -9.57
CA THR A 93 -4.59 12.87 -10.44
C THR A 93 -6.01 12.56 -9.88
N GLY A 94 -6.18 12.68 -8.57
CA GLY A 94 -7.48 12.49 -7.97
C GLY A 94 -7.86 11.03 -7.87
N LYS A 95 -6.89 10.17 -7.63
CA LYS A 95 -7.17 8.75 -7.52
C LYS A 95 -7.48 8.36 -6.10
N VAL A 96 -8.70 7.91 -5.89
CA VAL A 96 -9.14 7.40 -4.61
C VAL A 96 -10.38 6.49 -4.80
N PRO A 97 -10.12 5.20 -5.06
CA PRO A 97 -11.17 4.24 -5.29
C PRO A 97 -11.60 3.53 -3.98
N PRO A 98 -12.73 2.75 -4.01
CA PRO A 98 -13.30 2.04 -2.84
C PRO A 98 -12.29 1.15 -2.07
N GLY A 99 -11.19 0.84 -2.70
CA GLY A 99 -10.13 0.05 -2.08
C GLY A 99 -9.43 0.81 -0.98
N ASN A 100 -9.17 2.08 -1.23
CA ASN A 100 -8.42 2.92 -0.27
C ASN A 100 -9.41 3.63 0.65
N LYS A 101 -10.64 3.26 0.49
CA LYS A 101 -11.75 3.68 1.28
C LYS A 101 -12.23 2.42 1.97
N SER A 102 -13.36 2.48 2.62
CA SER A 102 -13.95 1.30 3.14
C SER A 102 -15.07 0.91 2.19
N GLY A 103 -14.73 0.11 1.20
CA GLY A 103 -15.68 -0.30 0.21
C GLY A 103 -15.31 -1.63 -0.38
N ASN A 104 -14.13 -1.70 -0.95
CA ASN A 104 -13.65 -2.96 -1.48
C ASN A 104 -12.85 -3.60 -0.38
N ASN A 105 -13.38 -4.65 0.17
CA ASN A 105 -12.80 -5.26 1.34
C ASN A 105 -11.64 -6.15 1.00
N THR A 106 -11.62 -6.68 -0.22
CA THR A 106 -10.56 -7.59 -0.65
C THR A 106 -9.15 -6.97 -0.52
N PHE A 107 -9.06 -5.64 -0.57
CA PHE A 107 -7.80 -4.96 -0.46
C PHE A 107 -7.29 -4.89 0.98
N VAL A 108 -8.20 -4.95 1.93
CA VAL A 108 -7.83 -4.84 3.35
C VAL A 108 -7.98 -6.21 4.03
N LYS A 109 -8.83 -7.03 3.44
CA LYS A 109 -9.20 -8.36 3.92
C LYS A 109 -10.12 -8.30 5.13
N VAL A 110 -9.57 -7.90 6.25
CA VAL A 110 -10.29 -7.87 7.52
C VAL A 110 -10.81 -9.27 7.85
N THR A 111 -9.92 -10.10 8.30
CA THR A 111 -10.26 -11.45 8.68
C THR A 111 -10.93 -11.41 10.05
N LEU A 112 -10.53 -10.43 10.84
CA LEU A 112 -11.11 -10.25 12.15
C LEU A 112 -12.36 -9.38 12.06
N GLU A 113 -13.48 -10.03 11.84
CA GLU A 113 -14.76 -9.35 11.84
C GLU A 113 -15.44 -9.55 13.19
N HIS A 114 -15.15 -10.70 13.77
CA HIS A 114 -15.71 -11.09 15.03
C HIS A 114 -14.62 -11.75 15.83
N HIS A 115 -14.87 -12.04 17.08
CA HIS A 115 -13.90 -12.73 17.88
C HIS A 115 -14.31 -14.18 17.94
N HIS A 116 -13.33 -15.06 17.91
CA HIS A 116 -13.60 -16.49 17.89
C HIS A 116 -14.12 -16.99 19.24
N HIS A 117 -15.42 -17.03 19.37
CA HIS A 117 -16.05 -17.55 20.59
C HIS A 117 -16.61 -18.93 20.35
N HIS A 118 -16.71 -19.32 19.10
CA HIS A 118 -17.10 -20.67 18.72
C HIS A 118 -16.69 -20.91 17.29
N HIS A 119 -17.03 -20.00 16.42
CA HIS A 119 -16.60 -20.07 15.04
C HIS A 119 -15.90 -18.79 14.68
N MET A 1 18.17 1.83 8.97
CA MET A 1 18.36 3.17 9.46
C MET A 1 17.04 3.89 9.33
N ALA A 2 16.49 4.33 10.46
CA ALA A 2 15.22 5.04 10.48
C ALA A 2 15.35 6.36 9.75
N SER A 3 14.90 6.36 8.54
CA SER A 3 15.01 7.48 7.67
C SER A 3 13.67 8.19 7.57
N ALA A 4 13.66 9.31 6.90
CA ALA A 4 12.49 10.09 6.73
C ALA A 4 11.81 9.71 5.42
N VAL A 5 10.74 8.95 5.53
CA VAL A 5 9.96 8.59 4.39
C VAL A 5 8.97 9.70 4.17
N LYS A 6 9.07 10.36 3.06
CA LYS A 6 8.22 11.50 2.79
C LYS A 6 7.14 11.13 1.80
N SER A 7 7.45 11.24 0.56
CA SER A 7 6.52 10.98 -0.48
C SER A 7 6.94 9.76 -1.27
N LEU A 8 6.21 9.50 -2.33
CA LEU A 8 6.49 8.43 -3.26
C LEU A 8 7.84 8.63 -3.94
N THR A 9 8.24 9.89 -4.03
CA THR A 9 9.49 10.29 -4.63
C THR A 9 10.70 9.70 -3.86
N GLU A 10 10.51 9.49 -2.55
CA GLU A 10 11.55 8.96 -1.67
C GLU A 10 11.52 7.43 -1.69
N THR A 11 10.61 6.89 -2.42
CA THR A 11 10.36 5.51 -2.37
C THR A 11 10.70 4.79 -3.70
N GLU A 12 11.18 3.55 -3.58
CA GLU A 12 11.53 2.72 -4.73
C GLU A 12 10.31 1.88 -5.18
N LEU A 13 10.32 1.47 -6.43
CA LEU A 13 9.20 0.79 -7.08
C LEU A 13 9.59 -0.65 -7.46
N LEU A 14 8.70 -1.58 -7.17
CA LEU A 14 8.85 -2.99 -7.53
C LEU A 14 7.56 -3.46 -8.19
N PRO A 15 7.62 -4.10 -9.36
CA PRO A 15 6.43 -4.72 -9.98
C PRO A 15 5.90 -5.85 -9.08
N ILE A 16 4.59 -6.07 -9.08
CA ILE A 16 3.96 -7.02 -8.12
C ILE A 16 4.25 -8.49 -8.44
N THR A 17 4.92 -8.72 -9.54
CA THR A 17 5.24 -10.05 -9.97
C THR A 17 6.29 -10.69 -9.06
N GLU A 18 7.09 -9.85 -8.43
CA GLU A 18 8.14 -10.31 -7.56
C GLU A 18 7.78 -10.05 -6.09
N ALA A 19 6.58 -10.52 -5.70
CA ALA A 19 6.05 -10.35 -4.35
C ALA A 19 6.97 -11.02 -3.31
N ASP A 20 7.68 -12.02 -3.75
CA ASP A 20 8.66 -12.74 -2.95
C ASP A 20 9.87 -11.85 -2.61
N SER A 21 10.12 -10.85 -3.43
CA SER A 21 11.26 -9.97 -3.27
C SER A 21 10.89 -8.72 -2.44
N ILE A 22 9.65 -8.68 -1.99
CA ILE A 22 9.15 -7.56 -1.21
C ILE A 22 9.62 -7.69 0.25
N PRO A 23 10.19 -6.60 0.82
CA PRO A 23 10.63 -6.51 2.23
C PRO A 23 9.53 -6.91 3.24
N SER A 24 9.92 -7.61 4.26
CA SER A 24 9.02 -8.12 5.27
C SER A 24 9.00 -7.21 6.51
N ALA A 25 9.26 -5.95 6.29
CA ALA A 25 9.34 -4.97 7.36
C ALA A 25 8.03 -4.23 7.51
N SER A 26 7.99 -3.27 8.40
CA SER A 26 6.79 -2.50 8.64
C SER A 26 6.95 -1.17 7.91
N GLY A 27 5.84 -0.59 7.52
CA GLY A 27 5.89 0.67 6.90
C GLY A 27 4.72 0.90 6.01
N VAL A 28 4.99 1.56 4.93
CA VAL A 28 3.99 1.99 3.99
C VAL A 28 4.24 1.36 2.64
N TYR A 29 3.20 1.13 1.90
CA TYR A 29 3.33 0.60 0.57
C TYR A 29 2.27 1.21 -0.35
N ALA A 30 2.64 1.42 -1.59
CA ALA A 30 1.77 2.02 -2.57
C ALA A 30 1.50 1.06 -3.69
N VAL A 31 0.25 0.85 -3.99
CA VAL A 31 -0.16 -0.11 -4.99
C VAL A 31 -0.62 0.60 -6.27
N TYR A 32 0.07 0.32 -7.34
CA TYR A 32 -0.20 0.87 -8.64
C TYR A 32 -0.77 -0.25 -9.50
N ASP A 33 -1.75 0.05 -10.33
CA ASP A 33 -2.36 -0.98 -11.20
C ASP A 33 -1.47 -1.19 -12.45
N LYS A 34 -1.95 -1.93 -13.45
CA LYS A 34 -1.16 -2.20 -14.67
C LYS A 34 -0.90 -0.96 -15.51
N SER A 35 -1.63 0.10 -15.26
CA SER A 35 -1.40 1.35 -15.93
C SER A 35 -0.39 2.15 -15.13
N ASP A 36 0.01 1.58 -13.99
CA ASP A 36 0.95 2.18 -13.05
C ASP A 36 0.41 3.43 -12.42
N GLU A 37 -0.88 3.45 -12.18
CA GLU A 37 -1.48 4.56 -11.49
C GLU A 37 -1.70 4.19 -10.05
N LEU A 38 -1.56 5.16 -9.20
CA LEU A 38 -1.63 4.93 -7.78
C LEU A 38 -3.05 5.12 -7.31
N GLN A 39 -3.66 4.03 -6.95
CA GLN A 39 -5.01 4.02 -6.42
C GLN A 39 -5.00 3.77 -4.93
N PHE A 40 -4.18 2.85 -4.49
CA PHE A 40 -4.22 2.41 -3.13
C PHE A 40 -2.89 2.53 -2.45
N VAL A 41 -2.93 2.96 -1.23
CA VAL A 41 -1.78 3.00 -0.35
C VAL A 41 -2.18 2.40 0.96
N GLY A 42 -1.28 1.73 1.59
CA GLY A 42 -1.60 1.12 2.83
C GLY A 42 -0.41 1.00 3.72
N ILE A 43 -0.67 0.73 4.95
CA ILE A 43 0.35 0.53 5.94
C ILE A 43 0.27 -0.87 6.44
N SER A 44 1.35 -1.39 6.92
CA SER A 44 1.37 -2.72 7.45
C SER A 44 2.54 -2.89 8.39
N ARG A 45 2.43 -3.89 9.23
CA ARG A 45 3.48 -4.26 10.14
C ARG A 45 4.43 -5.19 9.40
N ASN A 46 3.92 -5.81 8.36
CA ASN A 46 4.69 -6.72 7.55
C ASN A 46 4.25 -6.51 6.11
N ILE A 47 4.94 -5.62 5.42
CA ILE A 47 4.61 -5.21 4.06
C ILE A 47 4.41 -6.40 3.12
N ALA A 48 5.46 -7.21 2.97
CA ALA A 48 5.45 -8.40 2.10
C ALA A 48 4.22 -9.28 2.28
N ALA A 49 3.87 -9.55 3.54
CA ALA A 49 2.73 -10.38 3.88
C ALA A 49 1.45 -9.83 3.29
N SER A 50 1.16 -8.57 3.60
CA SER A 50 -0.03 -7.92 3.11
C SER A 50 -0.02 -7.84 1.58
N VAL A 51 1.12 -7.43 1.02
CA VAL A 51 1.29 -7.31 -0.42
C VAL A 51 0.99 -8.62 -1.14
N SER A 52 1.66 -9.68 -0.73
CA SER A 52 1.49 -10.97 -1.36
C SER A 52 0.05 -11.46 -1.21
N ALA A 53 -0.50 -11.34 -0.01
CA ALA A 53 -1.83 -11.83 0.29
C ALA A 53 -2.91 -11.11 -0.53
N HIS A 54 -3.03 -9.80 -0.38
CA HIS A 54 -4.15 -9.12 -1.01
C HIS A 54 -4.00 -8.95 -2.50
N LEU A 55 -2.80 -9.00 -3.03
CA LEU A 55 -2.63 -8.85 -4.47
C LEU A 55 -2.93 -10.15 -5.19
N LYS A 56 -2.80 -11.26 -4.50
CA LYS A 56 -3.17 -12.52 -5.10
C LYS A 56 -4.65 -12.79 -4.84
N SER A 57 -5.17 -12.19 -3.78
CA SER A 57 -6.57 -12.30 -3.44
C SER A 57 -7.41 -11.39 -4.36
N VAL A 58 -6.92 -10.20 -4.62
CA VAL A 58 -7.59 -9.28 -5.51
C VAL A 58 -6.56 -8.58 -6.43
N PRO A 59 -6.30 -9.18 -7.61
CA PRO A 59 -5.33 -8.65 -8.57
C PRO A 59 -5.83 -7.42 -9.35
N GLU A 60 -6.85 -6.77 -8.82
CA GLU A 60 -7.49 -5.61 -9.42
C GLU A 60 -6.48 -4.48 -9.58
N LEU A 61 -5.68 -4.27 -8.55
CA LEU A 61 -4.72 -3.19 -8.56
C LEU A 61 -3.31 -3.71 -8.74
N CYS A 62 -3.19 -4.89 -9.26
CA CYS A 62 -1.89 -5.45 -9.53
C CYS A 62 -1.23 -4.76 -10.71
N GLY A 63 -0.09 -4.19 -10.44
CA GLY A 63 0.75 -3.61 -11.44
C GLY A 63 2.12 -3.40 -10.87
N SER A 64 2.24 -2.49 -9.98
CA SER A 64 3.50 -2.20 -9.35
C SER A 64 3.24 -1.78 -7.90
N VAL A 65 4.25 -1.89 -7.07
CA VAL A 65 4.12 -1.52 -5.69
C VAL A 65 5.40 -0.78 -5.22
N LYS A 66 5.22 0.24 -4.43
CA LYS A 66 6.32 0.95 -3.81
C LYS A 66 6.34 0.61 -2.36
N VAL A 67 7.53 0.47 -1.80
CA VAL A 67 7.64 0.11 -0.40
C VAL A 67 8.49 1.12 0.39
N GLY A 68 7.93 1.62 1.44
CA GLY A 68 8.61 2.54 2.29
C GLY A 68 8.84 1.94 3.63
N ILE A 69 10.06 1.51 3.86
CA ILE A 69 10.43 0.85 5.09
C ILE A 69 10.77 1.88 6.13
N VAL A 70 10.07 1.82 7.22
CA VAL A 70 10.33 2.66 8.32
C VAL A 70 10.53 1.77 9.55
N GLU A 71 11.59 1.99 10.28
CA GLU A 71 11.88 1.15 11.43
C GLU A 71 11.18 1.65 12.69
N GLU A 72 10.47 2.74 12.52
CA GLU A 72 9.66 3.32 13.56
C GLU A 72 8.25 2.79 13.40
N PRO A 73 7.79 1.95 14.31
CA PRO A 73 6.49 1.31 14.19
C PRO A 73 5.37 2.16 14.84
N ASP A 74 5.52 3.45 14.81
CA ASP A 74 4.56 4.34 15.45
C ASP A 74 3.37 4.56 14.52
N LYS A 75 2.18 4.59 15.08
CA LYS A 75 0.97 4.83 14.29
C LYS A 75 0.99 6.18 13.60
N ALA A 76 1.59 7.16 14.23
CA ALA A 76 1.60 8.50 13.69
C ALA A 76 2.50 8.59 12.48
N VAL A 77 3.67 7.96 12.57
CA VAL A 77 4.63 8.01 11.47
C VAL A 77 4.12 7.19 10.26
N LEU A 78 3.40 6.10 10.54
CA LEU A 78 2.82 5.27 9.49
C LEU A 78 1.73 6.04 8.77
N THR A 79 0.79 6.58 9.53
CA THR A 79 -0.33 7.31 8.98
C THR A 79 0.14 8.62 8.28
N GLN A 80 1.24 9.17 8.78
CA GLN A 80 1.82 10.40 8.23
C GLN A 80 2.24 10.17 6.80
N ALA A 81 3.05 9.15 6.61
CA ALA A 81 3.55 8.80 5.29
C ALA A 81 2.40 8.34 4.41
N TRP A 82 1.45 7.60 5.01
CA TRP A 82 0.27 7.12 4.30
C TRP A 82 -0.47 8.29 3.65
N LYS A 83 -0.68 9.37 4.43
CA LYS A 83 -1.32 10.55 3.91
C LYS A 83 -0.49 11.20 2.84
N LEU A 84 0.79 11.43 3.12
CA LEU A 84 1.70 12.06 2.17
C LEU A 84 1.63 11.40 0.80
N TRP A 85 1.69 10.09 0.78
CA TRP A 85 1.65 9.29 -0.43
C TRP A 85 0.31 9.45 -1.19
N ILE A 86 -0.80 9.22 -0.50
CA ILE A 86 -2.11 9.30 -1.15
C ILE A 86 -2.38 10.73 -1.61
N GLU A 87 -2.03 11.71 -0.79
CA GLU A 87 -2.28 13.10 -1.10
C GLU A 87 -1.47 13.55 -2.30
N GLU A 88 -0.27 12.96 -2.52
CA GLU A 88 0.51 13.26 -3.73
C GLU A 88 -0.36 13.01 -4.94
N HIS A 89 -1.00 11.85 -4.96
CA HIS A 89 -1.85 11.51 -6.08
C HIS A 89 -3.18 12.23 -6.08
N ILE A 90 -3.68 12.56 -4.92
CA ILE A 90 -4.89 13.39 -4.81
C ILE A 90 -4.63 14.77 -5.46
N LYS A 91 -3.47 15.34 -5.17
CA LYS A 91 -3.10 16.65 -5.72
C LYS A 91 -2.89 16.62 -7.23
N VAL A 92 -2.10 15.67 -7.72
CA VAL A 92 -1.76 15.66 -9.14
C VAL A 92 -2.84 15.10 -10.06
N THR A 93 -3.60 14.14 -9.60
CA THR A 93 -4.60 13.52 -10.46
C THR A 93 -5.98 13.39 -9.78
N GLY A 94 -6.00 13.28 -8.47
CA GLY A 94 -7.26 13.18 -7.76
C GLY A 94 -7.61 11.77 -7.41
N LYS A 95 -6.61 10.97 -7.14
CA LYS A 95 -6.84 9.57 -6.79
C LYS A 95 -7.17 9.38 -5.34
N VAL A 96 -8.39 9.00 -5.11
CA VAL A 96 -8.91 8.64 -3.83
C VAL A 96 -10.13 7.71 -4.05
N PRO A 97 -9.85 6.47 -4.50
CA PRO A 97 -10.87 5.51 -4.87
C PRO A 97 -11.33 4.62 -3.70
N PRO A 98 -12.48 3.91 -3.85
CA PRO A 98 -13.05 3.00 -2.82
C PRO A 98 -12.06 1.97 -2.26
N GLY A 99 -11.03 1.66 -3.03
CA GLY A 99 -10.00 0.74 -2.60
C GLY A 99 -9.17 1.28 -1.47
N ASN A 100 -9.16 2.59 -1.31
CA ASN A 100 -8.31 3.22 -0.32
C ASN A 100 -9.17 3.86 0.77
N LYS A 101 -10.47 3.90 0.53
CA LYS A 101 -11.40 4.56 1.42
C LYS A 101 -11.86 3.69 2.60
N SER A 102 -12.76 4.23 3.39
CA SER A 102 -13.27 3.63 4.60
C SER A 102 -14.01 2.30 4.34
N GLY A 103 -14.66 2.20 3.20
CA GLY A 103 -15.40 1.01 2.86
C GLY A 103 -14.54 0.03 2.11
N ASN A 104 -13.39 -0.24 2.64
CA ASN A 104 -12.44 -1.14 2.03
C ASN A 104 -12.24 -2.35 2.91
N ASN A 105 -12.12 -3.49 2.30
CA ASN A 105 -11.87 -4.72 2.98
C ASN A 105 -10.73 -5.45 2.28
N THR A 106 -11.00 -5.89 1.08
CA THR A 106 -10.14 -6.78 0.33
C THR A 106 -8.73 -6.21 0.03
N PHE A 107 -8.60 -4.89 0.01
CA PHE A 107 -7.32 -4.29 -0.30
C PHE A 107 -6.42 -4.16 0.92
N VAL A 108 -7.00 -4.18 2.09
CA VAL A 108 -6.21 -4.15 3.31
C VAL A 108 -6.18 -5.51 3.97
N LYS A 109 -7.23 -6.29 3.70
CA LYS A 109 -7.48 -7.59 4.28
C LYS A 109 -7.81 -7.35 5.75
N VAL A 110 -9.10 -7.11 5.99
CA VAL A 110 -9.63 -6.65 7.28
C VAL A 110 -9.11 -7.44 8.50
N THR A 111 -8.38 -6.74 9.32
CA THR A 111 -7.87 -7.23 10.57
C THR A 111 -7.09 -6.11 11.26
N LEU A 112 -6.26 -5.39 10.51
CA LEU A 112 -5.49 -4.31 11.08
C LEU A 112 -6.18 -2.99 10.88
N GLU A 113 -6.80 -2.51 11.96
CA GLU A 113 -7.46 -1.21 12.07
C GLU A 113 -8.53 -0.91 11.00
N HIS A 114 -9.76 -1.08 11.37
CA HIS A 114 -10.85 -0.62 10.56
C HIS A 114 -11.75 0.17 11.47
N HIS A 115 -12.20 1.31 11.02
CA HIS A 115 -12.98 2.17 11.89
C HIS A 115 -14.41 1.63 12.01
N HIS A 116 -14.66 0.95 13.11
CA HIS A 116 -15.94 0.35 13.36
C HIS A 116 -16.89 1.39 13.92
N HIS A 117 -17.91 1.71 13.16
CA HIS A 117 -18.95 2.71 13.52
C HIS A 117 -18.40 4.13 13.48
N HIS A 118 -18.93 4.93 12.60
CA HIS A 118 -18.51 6.30 12.52
C HIS A 118 -19.44 7.11 13.39
N HIS A 119 -18.88 8.00 14.14
CA HIS A 119 -19.62 8.84 15.04
C HIS A 119 -19.07 10.24 14.95
N MET A 1 18.96 -1.24 4.98
CA MET A 1 18.96 -0.41 3.78
C MET A 1 17.59 0.19 3.58
N ALA A 2 17.51 1.51 3.71
CA ALA A 2 16.29 2.25 3.54
C ALA A 2 16.63 3.73 3.44
N SER A 3 15.73 4.51 2.93
CA SER A 3 15.93 5.92 2.80
C SER A 3 14.82 6.63 3.58
N ALA A 4 14.98 7.92 3.80
CA ALA A 4 13.98 8.70 4.51
C ALA A 4 12.82 9.05 3.59
N VAL A 5 12.07 8.03 3.24
CA VAL A 5 10.95 8.15 2.37
C VAL A 5 9.77 8.84 3.06
N LYS A 6 9.36 9.94 2.50
CA LYS A 6 8.27 10.72 3.04
C LYS A 6 7.19 10.92 2.00
N SER A 7 7.57 10.91 0.76
CA SER A 7 6.65 11.10 -0.34
C SER A 7 6.84 10.01 -1.40
N LEU A 8 5.83 9.82 -2.28
CA LEU A 8 5.88 8.82 -3.37
C LEU A 8 7.03 9.11 -4.32
N THR A 9 7.41 10.38 -4.40
CA THR A 9 8.51 10.84 -5.22
C THR A 9 9.86 10.18 -4.75
N GLU A 10 9.88 9.70 -3.52
CA GLU A 10 11.08 9.13 -2.94
C GLU A 10 10.91 7.63 -2.74
N THR A 11 9.85 7.08 -3.25
CA THR A 11 9.56 5.72 -2.98
C THR A 11 10.05 4.78 -4.11
N GLU A 12 10.65 3.67 -3.69
CA GLU A 12 11.12 2.66 -4.61
C GLU A 12 9.93 1.93 -5.23
N LEU A 13 10.11 1.46 -6.44
CA LEU A 13 9.05 0.87 -7.22
C LEU A 13 9.40 -0.58 -7.52
N LEU A 14 8.55 -1.48 -7.09
CA LEU A 14 8.72 -2.88 -7.35
C LEU A 14 7.55 -3.39 -8.16
N PRO A 15 7.79 -4.02 -9.30
CA PRO A 15 6.74 -4.70 -10.04
C PRO A 15 6.19 -5.85 -9.18
N ILE A 16 4.88 -6.05 -9.18
CA ILE A 16 4.28 -7.07 -8.27
C ILE A 16 4.64 -8.48 -8.72
N THR A 17 5.18 -8.57 -9.92
CA THR A 17 5.62 -9.79 -10.48
C THR A 17 6.85 -10.32 -9.73
N GLU A 18 7.64 -9.41 -9.20
CA GLU A 18 8.79 -9.75 -8.40
C GLU A 18 8.47 -9.67 -6.92
N ALA A 19 7.43 -10.39 -6.52
CA ALA A 19 6.94 -10.44 -5.13
C ALA A 19 8.06 -10.81 -4.13
N ASP A 20 9.11 -11.46 -4.62
CA ASP A 20 10.26 -11.81 -3.79
C ASP A 20 11.08 -10.54 -3.43
N SER A 21 10.96 -9.52 -4.24
CA SER A 21 11.67 -8.27 -4.03
C SER A 21 10.84 -7.30 -3.16
N ILE A 22 9.71 -7.78 -2.64
CA ILE A 22 8.90 -6.96 -1.77
C ILE A 22 9.43 -7.10 -0.35
N PRO A 23 9.92 -6.00 0.24
CA PRO A 23 10.49 -6.00 1.60
C PRO A 23 9.52 -6.52 2.65
N SER A 24 10.02 -7.38 3.47
CA SER A 24 9.27 -8.00 4.54
C SER A 24 9.38 -7.16 5.83
N ALA A 25 9.41 -5.87 5.65
CA ALA A 25 9.54 -4.94 6.74
C ALA A 25 8.18 -4.31 7.04
N SER A 26 8.18 -3.39 7.95
CA SER A 26 6.99 -2.70 8.33
C SER A 26 7.05 -1.30 7.72
N GLY A 27 5.91 -0.75 7.41
CA GLY A 27 5.86 0.56 6.88
C GLY A 27 4.62 0.78 6.08
N VAL A 28 4.75 1.56 5.05
CA VAL A 28 3.65 1.96 4.23
C VAL A 28 3.91 1.51 2.80
N TYR A 29 2.88 1.17 2.07
CA TYR A 29 3.03 0.79 0.69
C TYR A 29 1.92 1.42 -0.14
N ALA A 30 2.23 1.64 -1.39
CA ALA A 30 1.32 2.23 -2.35
C ALA A 30 1.17 1.29 -3.52
N VAL A 31 -0.04 0.93 -3.83
CA VAL A 31 -0.31 -0.03 -4.88
C VAL A 31 -0.76 0.68 -6.16
N TYR A 32 -0.05 0.39 -7.23
CA TYR A 32 -0.31 0.91 -8.55
C TYR A 32 -0.79 -0.26 -9.42
N ASP A 33 -1.86 -0.07 -10.16
CA ASP A 33 -2.42 -1.16 -10.98
C ASP A 33 -1.61 -1.34 -12.28
N LYS A 34 -2.16 -2.11 -13.23
CA LYS A 34 -1.54 -2.36 -14.55
C LYS A 34 -1.30 -1.04 -15.30
N SER A 35 -2.10 -0.03 -15.01
CA SER A 35 -1.96 1.28 -15.63
C SER A 35 -0.94 2.13 -14.87
N ASP A 36 -0.40 1.55 -13.79
CA ASP A 36 0.56 2.19 -12.90
C ASP A 36 -0.09 3.38 -12.21
N GLU A 37 -1.36 3.25 -11.94
CA GLU A 37 -2.08 4.25 -11.22
C GLU A 37 -2.24 3.87 -9.78
N LEU A 38 -1.80 4.76 -8.92
CA LEU A 38 -1.93 4.57 -7.50
C LEU A 38 -3.39 4.65 -7.17
N GLN A 39 -3.88 3.58 -6.65
CA GLN A 39 -5.27 3.44 -6.31
C GLN A 39 -5.49 3.00 -4.87
N PHE A 40 -4.44 2.51 -4.23
CA PHE A 40 -4.57 2.10 -2.85
C PHE A 40 -3.29 2.34 -2.09
N VAL A 41 -3.41 2.91 -0.92
CA VAL A 41 -2.30 3.10 -0.01
C VAL A 41 -2.62 2.46 1.32
N GLY A 42 -1.67 1.80 1.91
CA GLY A 42 -1.92 1.12 3.15
C GLY A 42 -0.67 0.91 3.96
N ILE A 43 -0.85 0.74 5.25
CA ILE A 43 0.24 0.50 6.18
C ILE A 43 0.12 -0.93 6.75
N SER A 44 1.25 -1.58 6.96
CA SER A 44 1.26 -2.94 7.48
C SER A 44 2.53 -3.19 8.30
N ARG A 45 2.50 -4.23 9.13
CA ARG A 45 3.66 -4.58 9.95
C ARG A 45 4.60 -5.47 9.15
N ASN A 46 4.06 -6.15 8.17
CA ASN A 46 4.86 -6.92 7.23
C ASN A 46 4.34 -6.63 5.84
N ILE A 47 5.06 -5.80 5.12
CA ILE A 47 4.66 -5.37 3.79
C ILE A 47 4.56 -6.56 2.82
N ALA A 48 5.59 -7.39 2.77
CA ALA A 48 5.66 -8.54 1.86
C ALA A 48 4.44 -9.45 1.94
N ALA A 49 4.15 -9.95 3.12
CA ALA A 49 3.03 -10.86 3.33
C ALA A 49 1.73 -10.19 2.97
N SER A 50 1.57 -8.96 3.42
CA SER A 50 0.37 -8.19 3.17
C SER A 50 0.16 -8.05 1.65
N VAL A 51 1.12 -7.41 0.99
CA VAL A 51 1.05 -7.13 -0.44
C VAL A 51 0.81 -8.39 -1.25
N SER A 52 1.64 -9.40 -1.04
CA SER A 52 1.57 -10.65 -1.77
C SER A 52 0.20 -11.33 -1.58
N ALA A 53 -0.28 -11.39 -0.34
CA ALA A 53 -1.53 -12.08 -0.04
C ALA A 53 -2.72 -11.43 -0.73
N HIS A 54 -2.83 -10.12 -0.62
CA HIS A 54 -4.00 -9.45 -1.20
C HIS A 54 -3.95 -9.35 -2.71
N LEU A 55 -2.76 -9.31 -3.29
CA LEU A 55 -2.66 -9.20 -4.74
C LEU A 55 -3.01 -10.51 -5.43
N LYS A 56 -2.82 -11.61 -4.73
CA LYS A 56 -3.19 -12.90 -5.28
C LYS A 56 -4.65 -13.19 -5.01
N SER A 57 -5.21 -12.48 -4.06
CA SER A 57 -6.61 -12.62 -3.73
C SER A 57 -7.44 -11.77 -4.69
N VAL A 58 -6.95 -10.58 -4.98
CA VAL A 58 -7.60 -9.68 -5.90
C VAL A 58 -6.54 -8.92 -6.75
N PRO A 59 -6.28 -9.41 -7.98
CA PRO A 59 -5.27 -8.83 -8.90
C PRO A 59 -5.70 -7.51 -9.55
N GLU A 60 -6.75 -6.89 -9.02
CA GLU A 60 -7.30 -5.63 -9.55
C GLU A 60 -6.22 -4.54 -9.60
N LEU A 61 -5.40 -4.51 -8.60
CA LEU A 61 -4.37 -3.49 -8.51
C LEU A 61 -2.98 -4.06 -8.73
N CYS A 62 -2.91 -5.20 -9.36
CA CYS A 62 -1.63 -5.75 -9.72
C CYS A 62 -1.00 -4.94 -10.82
N GLY A 63 0.15 -4.40 -10.56
CA GLY A 63 0.92 -3.72 -11.55
C GLY A 63 2.28 -3.41 -11.02
N SER A 64 2.31 -2.53 -10.09
CA SER A 64 3.51 -2.10 -9.46
C SER A 64 3.21 -1.64 -8.04
N VAL A 65 4.15 -1.75 -7.17
CA VAL A 65 3.94 -1.33 -5.82
C VAL A 65 5.14 -0.54 -5.32
N LYS A 66 4.87 0.52 -4.64
CA LYS A 66 5.91 1.31 -4.04
C LYS A 66 5.88 1.08 -2.56
N VAL A 67 7.02 0.82 -1.99
CA VAL A 67 7.10 0.48 -0.59
C VAL A 67 7.99 1.46 0.17
N GLY A 68 7.54 1.86 1.32
CA GLY A 68 8.28 2.79 2.12
C GLY A 68 8.61 2.18 3.44
N ILE A 69 9.85 1.85 3.62
CA ILE A 69 10.30 1.21 4.81
C ILE A 69 10.75 2.21 5.85
N VAL A 70 9.97 2.32 6.86
CA VAL A 70 10.29 3.12 7.98
C VAL A 70 10.55 2.18 9.14
N GLU A 71 11.68 2.32 9.75
CA GLU A 71 12.10 1.37 10.75
C GLU A 71 11.59 1.75 12.11
N GLU A 72 11.10 2.94 12.23
CA GLU A 72 10.52 3.38 13.46
C GLU A 72 9.02 3.11 13.43
N PRO A 73 8.55 2.19 14.28
CA PRO A 73 7.15 1.77 14.32
C PRO A 73 6.22 2.79 15.02
N ASP A 74 6.39 4.04 14.69
CA ASP A 74 5.59 5.09 15.24
C ASP A 74 4.28 5.16 14.48
N LYS A 75 3.19 4.99 15.18
CA LYS A 75 1.86 4.89 14.58
C LYS A 75 1.42 6.19 13.93
N ALA A 76 1.89 7.31 14.42
CA ALA A 76 1.52 8.57 13.86
C ALA A 76 2.33 8.84 12.63
N VAL A 77 3.62 8.48 12.67
CA VAL A 77 4.49 8.61 11.50
C VAL A 77 3.98 7.75 10.35
N LEU A 78 3.53 6.53 10.67
CA LEU A 78 2.95 5.62 9.66
C LEU A 78 1.76 6.28 8.98
N THR A 79 0.88 6.85 9.79
CA THR A 79 -0.32 7.48 9.28
C THR A 79 0.03 8.79 8.52
N GLN A 80 1.04 9.49 9.01
CA GLN A 80 1.52 10.69 8.38
C GLN A 80 2.11 10.38 7.00
N ALA A 81 2.91 9.33 6.94
CA ALA A 81 3.51 8.88 5.69
C ALA A 81 2.42 8.46 4.72
N TRP A 82 1.45 7.70 5.24
CA TRP A 82 0.29 7.26 4.49
C TRP A 82 -0.42 8.47 3.88
N LYS A 83 -0.56 9.51 4.70
CA LYS A 83 -1.23 10.71 4.32
C LYS A 83 -0.47 11.41 3.19
N LEU A 84 0.82 11.65 3.36
CA LEU A 84 1.62 12.32 2.33
C LEU A 84 1.59 11.56 1.01
N TRP A 85 1.63 10.24 1.08
CA TRP A 85 1.58 9.40 -0.09
C TRP A 85 0.27 9.53 -0.86
N ILE A 86 -0.85 9.48 -0.16
CA ILE A 86 -2.13 9.64 -0.83
C ILE A 86 -2.23 11.03 -1.47
N GLU A 87 -1.83 12.05 -0.71
CA GLU A 87 -1.84 13.44 -1.16
C GLU A 87 -0.99 13.63 -2.42
N GLU A 88 0.14 12.95 -2.49
CA GLU A 88 1.00 12.92 -3.68
C GLU A 88 0.22 12.57 -4.94
N HIS A 89 -0.56 11.50 -4.88
CA HIS A 89 -1.27 11.09 -6.07
C HIS A 89 -2.53 11.94 -6.23
N ILE A 90 -3.00 12.51 -5.14
CA ILE A 90 -4.12 13.46 -5.17
C ILE A 90 -3.74 14.70 -5.97
N LYS A 91 -2.59 15.29 -5.65
CA LYS A 91 -2.13 16.51 -6.32
C LYS A 91 -2.03 16.31 -7.83
N VAL A 92 -1.47 15.20 -8.23
CA VAL A 92 -1.25 14.93 -9.65
C VAL A 92 -2.49 14.41 -10.41
N THR A 93 -3.36 13.62 -9.77
CA THR A 93 -4.48 13.05 -10.49
C THR A 93 -5.82 13.25 -9.77
N GLY A 94 -5.81 13.18 -8.45
CA GLY A 94 -7.04 13.25 -7.70
C GLY A 94 -7.76 11.92 -7.69
N LYS A 95 -7.01 10.84 -7.75
CA LYS A 95 -7.59 9.50 -7.71
C LYS A 95 -7.86 9.10 -6.28
N VAL A 96 -9.11 8.90 -5.97
CA VAL A 96 -9.51 8.38 -4.68
C VAL A 96 -10.49 7.24 -4.98
N PRO A 97 -9.97 6.07 -5.32
CA PRO A 97 -10.80 4.93 -5.71
C PRO A 97 -11.48 4.25 -4.52
N PRO A 98 -12.53 3.43 -4.77
CA PRO A 98 -13.31 2.70 -3.73
C PRO A 98 -12.45 1.81 -2.83
N GLY A 99 -11.27 1.53 -3.30
CA GLY A 99 -10.32 0.72 -2.58
C GLY A 99 -9.64 1.48 -1.47
N ASN A 100 -9.33 2.74 -1.76
CA ASN A 100 -8.65 3.63 -0.82
C ASN A 100 -9.70 4.22 0.13
N LYS A 101 -10.93 4.21 -0.35
CA LYS A 101 -12.11 4.66 0.38
C LYS A 101 -12.58 3.53 1.28
N SER A 102 -13.58 3.80 2.07
CA SER A 102 -14.21 2.76 2.85
C SER A 102 -15.30 2.12 1.98
N GLY A 103 -14.86 1.39 1.00
CA GLY A 103 -15.75 0.71 0.11
C GLY A 103 -15.30 -0.71 -0.06
N ASN A 104 -14.49 -0.95 -1.06
CA ASN A 104 -13.96 -2.27 -1.26
C ASN A 104 -12.60 -2.30 -0.66
N ASN A 105 -12.48 -3.01 0.40
CA ASN A 105 -11.26 -3.02 1.16
C ASN A 105 -10.67 -4.40 1.20
N THR A 106 -10.95 -5.16 0.15
CA THR A 106 -10.46 -6.51 -0.05
C THR A 106 -8.90 -6.53 -0.05
N PHE A 107 -8.33 -5.36 -0.24
CA PHE A 107 -6.90 -5.18 -0.31
C PHE A 107 -6.28 -5.22 1.10
N VAL A 108 -7.08 -5.14 2.13
CA VAL A 108 -6.61 -5.24 3.50
C VAL A 108 -7.51 -6.12 4.34
N LYS A 109 -8.45 -6.79 3.70
CA LYS A 109 -9.38 -7.63 4.40
C LYS A 109 -10.14 -8.51 3.42
N VAL A 110 -9.85 -9.77 3.44
CA VAL A 110 -10.62 -10.72 2.70
C VAL A 110 -11.51 -11.44 3.72
N THR A 111 -12.79 -11.47 3.48
CA THR A 111 -13.72 -12.00 4.43
C THR A 111 -13.86 -13.51 4.25
N LEU A 112 -14.14 -13.92 3.05
CA LEU A 112 -14.31 -15.30 2.74
C LEU A 112 -13.55 -15.64 1.49
N GLU A 113 -12.83 -16.71 1.53
CA GLU A 113 -12.01 -17.11 0.42
C GLU A 113 -12.71 -18.09 -0.48
N HIS A 114 -12.77 -17.73 -1.72
CA HIS A 114 -13.28 -18.57 -2.76
C HIS A 114 -12.33 -18.49 -3.89
N HIS A 115 -12.38 -19.45 -4.77
CA HIS A 115 -11.50 -19.45 -5.89
C HIS A 115 -12.14 -18.66 -7.01
N HIS A 116 -11.97 -17.37 -6.94
CA HIS A 116 -12.54 -16.47 -7.88
C HIS A 116 -11.45 -15.96 -8.78
N HIS A 117 -11.28 -16.61 -9.88
CA HIS A 117 -10.25 -16.26 -10.83
C HIS A 117 -10.84 -16.18 -12.22
N HIS A 118 -11.37 -15.00 -12.53
CA HIS A 118 -12.03 -14.66 -13.80
C HIS A 118 -13.31 -15.50 -13.98
N HIS A 119 -13.74 -16.08 -12.90
CA HIS A 119 -14.93 -16.88 -12.81
C HIS A 119 -15.56 -16.54 -11.52
N MET A 1 18.18 3.04 -0.56
CA MET A 1 17.27 1.91 -0.80
C MET A 1 15.93 2.16 -0.12
N ALA A 2 15.86 2.01 1.20
CA ALA A 2 14.63 2.20 1.94
C ALA A 2 14.31 3.68 2.05
N SER A 3 15.28 4.44 2.57
CA SER A 3 15.20 5.90 2.75
C SER A 3 14.24 6.33 3.86
N ALA A 4 14.55 7.45 4.50
CA ALA A 4 13.66 8.03 5.47
C ALA A 4 12.62 8.81 4.70
N VAL A 5 11.74 8.05 4.14
CA VAL A 5 10.75 8.49 3.22
C VAL A 5 9.59 9.24 3.88
N LYS A 6 9.22 10.35 3.27
CA LYS A 6 8.02 11.05 3.63
C LYS A 6 7.11 11.01 2.42
N SER A 7 7.69 11.24 1.26
CA SER A 7 6.96 11.33 0.04
C SER A 7 7.35 10.21 -0.94
N LEU A 8 6.44 9.89 -1.86
CA LEU A 8 6.64 8.82 -2.87
C LEU A 8 7.77 9.12 -3.84
N THR A 9 8.22 10.34 -3.83
CA THR A 9 9.34 10.78 -4.61
C THR A 9 10.65 10.12 -4.08
N GLU A 10 10.61 9.72 -2.81
CA GLU A 10 11.77 9.12 -2.14
C GLU A 10 11.60 7.60 -2.09
N THR A 11 10.58 7.10 -2.74
CA THR A 11 10.24 5.72 -2.63
C THR A 11 10.66 4.91 -3.87
N GLU A 12 11.21 3.72 -3.65
CA GLU A 12 11.64 2.85 -4.73
C GLU A 12 10.44 2.04 -5.26
N LEU A 13 10.58 1.50 -6.47
CA LEU A 13 9.50 0.81 -7.16
C LEU A 13 9.86 -0.66 -7.41
N LEU A 14 8.97 -1.54 -7.04
CA LEU A 14 9.11 -2.96 -7.27
C LEU A 14 7.89 -3.48 -8.01
N PRO A 15 8.04 -4.07 -9.19
CA PRO A 15 6.92 -4.74 -9.88
C PRO A 15 6.43 -5.91 -9.01
N ILE A 16 5.11 -6.11 -8.96
CA ILE A 16 4.50 -7.08 -8.01
C ILE A 16 4.90 -8.54 -8.27
N THR A 17 5.51 -8.79 -9.42
CA THR A 17 5.94 -10.12 -9.77
C THR A 17 7.08 -10.59 -8.85
N GLU A 18 7.95 -9.66 -8.45
CA GLU A 18 9.07 -9.99 -7.61
C GLU A 18 8.70 -9.84 -6.13
N ALA A 19 7.62 -10.53 -5.77
CA ALA A 19 7.04 -10.51 -4.42
C ALA A 19 8.02 -11.00 -3.34
N ASP A 20 9.03 -11.74 -3.77
CA ASP A 20 10.06 -12.24 -2.86
C ASP A 20 11.04 -11.12 -2.53
N SER A 21 11.09 -10.16 -3.40
CA SER A 21 12.01 -9.06 -3.29
C SER A 21 11.36 -7.89 -2.52
N ILE A 22 10.13 -8.08 -2.10
CA ILE A 22 9.41 -7.09 -1.34
C ILE A 22 9.90 -7.15 0.10
N PRO A 23 10.43 -6.04 0.62
CA PRO A 23 10.96 -5.96 1.99
C PRO A 23 10.00 -6.46 3.07
N SER A 24 10.50 -7.31 3.91
CA SER A 24 9.77 -7.81 5.01
C SER A 24 10.03 -6.90 6.23
N ALA A 25 9.38 -5.75 6.22
CA ALA A 25 9.55 -4.78 7.26
C ALA A 25 8.26 -4.01 7.44
N SER A 26 8.23 -3.13 8.41
CA SER A 26 7.07 -2.33 8.67
C SER A 26 7.22 -1.03 7.89
N GLY A 27 6.12 -0.49 7.46
CA GLY A 27 6.18 0.71 6.72
C GLY A 27 4.94 0.91 5.93
N VAL A 28 5.06 1.64 4.88
CA VAL A 28 3.95 1.99 4.04
C VAL A 28 4.25 1.53 2.62
N TYR A 29 3.24 1.14 1.89
CA TYR A 29 3.40 0.71 0.54
C TYR A 29 2.31 1.29 -0.35
N ALA A 30 2.65 1.49 -1.60
CA ALA A 30 1.75 2.07 -2.55
C ALA A 30 1.55 1.10 -3.71
N VAL A 31 0.31 0.76 -3.98
CA VAL A 31 -0.05 -0.20 -4.99
C VAL A 31 -0.45 0.51 -6.29
N TYR A 32 0.30 0.21 -7.32
CA TYR A 32 0.11 0.73 -8.64
C TYR A 32 -0.29 -0.42 -9.55
N ASP A 33 -1.13 -0.14 -10.51
CA ASP A 33 -1.55 -1.18 -11.45
C ASP A 33 -0.57 -1.17 -12.64
N LYS A 34 -0.91 -1.86 -13.73
CA LYS A 34 -0.01 -1.93 -14.91
C LYS A 34 0.07 -0.58 -15.62
N SER A 35 -0.88 0.29 -15.37
CA SER A 35 -0.86 1.62 -15.93
C SER A 35 -0.01 2.53 -15.03
N ASP A 36 0.49 1.93 -13.95
CA ASP A 36 1.35 2.55 -12.95
C ASP A 36 0.71 3.72 -12.26
N GLU A 37 -0.60 3.64 -12.06
CA GLU A 37 -1.28 4.63 -11.30
C GLU A 37 -1.64 4.11 -9.95
N LEU A 38 -1.78 5.02 -9.02
CA LEU A 38 -1.96 4.69 -7.64
C LEU A 38 -3.42 4.61 -7.29
N GLN A 39 -3.85 3.43 -6.98
CA GLN A 39 -5.21 3.21 -6.55
C GLN A 39 -5.27 2.93 -5.05
N PHE A 40 -4.23 2.34 -4.48
CA PHE A 40 -4.30 1.97 -3.08
C PHE A 40 -2.98 2.16 -2.38
N VAL A 41 -3.02 2.67 -1.17
CA VAL A 41 -1.84 2.76 -0.31
C VAL A 41 -2.20 2.18 1.03
N GLY A 42 -1.24 1.60 1.68
CA GLY A 42 -1.50 1.00 2.95
C GLY A 42 -0.28 0.89 3.79
N ILE A 43 -0.49 0.67 5.05
CA ILE A 43 0.57 0.53 6.03
C ILE A 43 0.48 -0.85 6.65
N SER A 44 1.62 -1.39 7.06
CA SER A 44 1.66 -2.72 7.63
C SER A 44 2.90 -2.88 8.52
N ARG A 45 2.93 -3.99 9.25
CA ARG A 45 4.05 -4.35 10.09
C ARG A 45 5.02 -5.19 9.31
N ASN A 46 4.53 -5.86 8.30
CA ASN A 46 5.38 -6.61 7.40
C ASN A 46 4.82 -6.47 6.00
N ILE A 47 5.31 -5.46 5.31
CA ILE A 47 4.85 -5.03 3.98
C ILE A 47 4.51 -6.19 3.02
N ALA A 48 5.50 -7.04 2.73
CA ALA A 48 5.36 -8.16 1.79
C ALA A 48 4.12 -9.04 2.03
N ALA A 49 3.83 -9.29 3.30
CA ALA A 49 2.74 -10.17 3.68
C ALA A 49 1.39 -9.56 3.30
N SER A 50 1.22 -8.31 3.64
CA SER A 50 -0.01 -7.62 3.34
C SER A 50 -0.14 -7.35 1.84
N VAL A 51 0.97 -6.98 1.20
CA VAL A 51 0.99 -6.72 -0.24
C VAL A 51 0.50 -7.94 -1.01
N SER A 52 1.15 -9.07 -0.81
CA SER A 52 0.82 -10.28 -1.52
C SER A 52 -0.62 -10.72 -1.25
N ALA A 53 -1.03 -10.72 0.03
CA ALA A 53 -2.37 -11.20 0.44
C ALA A 53 -3.50 -10.56 -0.37
N HIS A 54 -3.53 -9.25 -0.42
CA HIS A 54 -4.60 -8.60 -1.16
C HIS A 54 -4.36 -8.53 -2.65
N LEU A 55 -3.12 -8.62 -3.09
CA LEU A 55 -2.86 -8.62 -4.54
C LEU A 55 -3.20 -9.95 -5.17
N LYS A 56 -3.08 -11.02 -4.41
CA LYS A 56 -3.49 -12.32 -4.89
C LYS A 56 -5.02 -12.42 -4.88
N SER A 57 -5.61 -11.62 -4.02
CA SER A 57 -7.05 -11.50 -3.96
C SER A 57 -7.55 -10.63 -5.14
N VAL A 58 -7.00 -9.41 -5.28
CA VAL A 58 -7.32 -8.54 -6.41
C VAL A 58 -6.13 -8.31 -7.34
N PRO A 59 -5.99 -9.17 -8.36
CA PRO A 59 -4.91 -9.07 -9.32
C PRO A 59 -5.11 -7.90 -10.30
N GLU A 60 -6.25 -7.24 -10.18
CA GLU A 60 -6.57 -6.10 -11.02
C GLU A 60 -5.60 -4.94 -10.70
N LEU A 61 -5.14 -4.89 -9.47
CA LEU A 61 -4.20 -3.85 -9.09
C LEU A 61 -2.78 -4.38 -9.09
N CYS A 62 -2.59 -5.55 -9.64
CA CYS A 62 -1.27 -6.08 -9.80
C CYS A 62 -0.53 -5.34 -10.91
N GLY A 63 0.39 -4.50 -10.52
CA GLY A 63 1.23 -3.84 -11.47
C GLY A 63 2.58 -3.57 -10.88
N SER A 64 2.64 -2.63 -10.02
CA SER A 64 3.88 -2.26 -9.39
C SER A 64 3.57 -1.82 -7.97
N VAL A 65 4.53 -1.89 -7.10
CA VAL A 65 4.33 -1.46 -5.75
C VAL A 65 5.55 -0.64 -5.28
N LYS A 66 5.31 0.42 -4.60
CA LYS A 66 6.37 1.20 -4.02
C LYS A 66 6.39 0.96 -2.54
N VAL A 67 7.55 0.73 -1.99
CA VAL A 67 7.67 0.42 -0.58
C VAL A 67 8.51 1.45 0.17
N GLY A 68 7.94 1.98 1.21
CA GLY A 68 8.62 2.93 2.02
C GLY A 68 8.80 2.39 3.41
N ILE A 69 10.01 2.01 3.72
CA ILE A 69 10.30 1.44 5.00
C ILE A 69 10.80 2.51 5.93
N VAL A 70 10.02 2.82 6.91
CA VAL A 70 10.40 3.76 7.91
C VAL A 70 11.05 2.99 9.04
N GLU A 71 12.11 3.50 9.60
CA GLU A 71 12.82 2.78 10.63
C GLU A 71 12.04 2.79 11.94
N GLU A 72 11.54 3.96 12.31
CA GLU A 72 10.66 4.08 13.44
C GLU A 72 9.29 3.53 13.04
N PRO A 73 8.85 2.44 13.64
CA PRO A 73 7.60 1.80 13.29
C PRO A 73 6.42 2.38 14.09
N ASP A 74 6.46 3.67 14.32
CA ASP A 74 5.44 4.33 15.10
C ASP A 74 4.17 4.43 14.27
N LYS A 75 3.04 4.11 14.87
CA LYS A 75 1.77 4.10 14.15
C LYS A 75 1.42 5.49 13.60
N ALA A 76 1.87 6.54 14.27
CA ALA A 76 1.58 7.88 13.84
C ALA A 76 2.40 8.23 12.62
N VAL A 77 3.67 7.83 12.62
CA VAL A 77 4.53 8.13 11.49
C VAL A 77 4.11 7.31 10.27
N LEU A 78 3.58 6.11 10.53
CA LEU A 78 3.04 5.24 9.49
C LEU A 78 1.83 5.91 8.84
N THR A 79 0.92 6.39 9.67
CA THR A 79 -0.30 7.01 9.18
C THR A 79 0.03 8.35 8.49
N GLN A 80 1.04 9.03 9.01
CA GLN A 80 1.50 10.29 8.47
C GLN A 80 2.01 10.08 7.04
N ALA A 81 2.89 9.10 6.88
CA ALA A 81 3.45 8.78 5.56
C ALA A 81 2.35 8.36 4.60
N TRP A 82 1.41 7.57 5.11
CA TRP A 82 0.24 7.12 4.36
C TRP A 82 -0.53 8.33 3.81
N LYS A 83 -0.76 9.30 4.69
CA LYS A 83 -1.48 10.52 4.37
C LYS A 83 -0.75 11.32 3.28
N LEU A 84 0.56 11.42 3.41
CA LEU A 84 1.37 12.14 2.47
C LEU A 84 1.28 11.49 1.08
N TRP A 85 1.52 10.19 1.07
CA TRP A 85 1.49 9.39 -0.15
C TRP A 85 0.17 9.45 -0.89
N ILE A 86 -0.94 9.28 -0.16
CA ILE A 86 -2.26 9.31 -0.80
C ILE A 86 -2.54 10.68 -1.41
N GLU A 87 -2.22 11.74 -0.66
CA GLU A 87 -2.47 13.09 -1.12
C GLU A 87 -1.65 13.48 -2.31
N GLU A 88 -0.47 12.92 -2.46
CA GLU A 88 0.33 13.23 -3.64
C GLU A 88 -0.36 12.74 -4.88
N HIS A 89 -0.93 11.55 -4.81
CA HIS A 89 -1.64 11.03 -5.95
C HIS A 89 -2.99 11.66 -6.12
N ILE A 90 -3.61 12.06 -5.02
CA ILE A 90 -4.85 12.84 -5.09
C ILE A 90 -4.60 14.13 -5.91
N LYS A 91 -3.44 14.71 -5.73
CA LYS A 91 -3.09 15.92 -6.44
C LYS A 91 -2.65 15.67 -7.89
N VAL A 92 -1.73 14.75 -8.10
CA VAL A 92 -1.17 14.55 -9.45
C VAL A 92 -2.08 13.74 -10.40
N THR A 93 -3.00 12.97 -9.86
CA THR A 93 -3.87 12.18 -10.72
C THR A 93 -5.34 12.20 -10.23
N GLY A 94 -5.54 12.30 -8.93
CA GLY A 94 -6.89 12.36 -8.39
C GLY A 94 -7.44 10.99 -8.10
N LYS A 95 -6.57 10.01 -8.15
CA LYS A 95 -6.98 8.65 -7.94
C LYS A 95 -7.06 8.34 -6.47
N VAL A 96 -8.25 8.29 -5.98
CA VAL A 96 -8.52 7.91 -4.63
C VAL A 96 -9.80 7.04 -4.59
N PRO A 97 -9.65 5.77 -5.00
CA PRO A 97 -10.75 4.82 -5.04
C PRO A 97 -11.17 4.33 -3.65
N PRO A 98 -12.41 3.80 -3.52
CA PRO A 98 -12.97 3.30 -2.24
C PRO A 98 -12.07 2.25 -1.54
N GLY A 99 -11.22 1.57 -2.29
CA GLY A 99 -10.30 0.58 -1.72
C GLY A 99 -9.39 1.17 -0.68
N ASN A 100 -8.90 2.34 -0.98
CA ASN A 100 -7.92 3.02 -0.14
C ASN A 100 -8.63 3.60 1.07
N LYS A 101 -9.88 3.97 0.84
CA LYS A 101 -10.73 4.63 1.83
C LYS A 101 -11.45 3.61 2.70
N SER A 102 -11.19 2.33 2.45
CA SER A 102 -11.92 1.22 3.04
C SER A 102 -13.34 1.17 2.41
N GLY A 103 -13.58 0.13 1.67
CA GLY A 103 -14.83 -0.04 1.00
C GLY A 103 -14.82 -1.36 0.31
N ASN A 104 -13.81 -1.54 -0.50
CA ASN A 104 -13.55 -2.81 -1.12
C ASN A 104 -12.87 -3.65 -0.07
N ASN A 105 -13.53 -4.68 0.38
CA ASN A 105 -13.01 -5.48 1.47
C ASN A 105 -12.03 -6.52 1.00
N THR A 106 -11.62 -6.43 -0.21
CA THR A 106 -10.67 -7.34 -0.77
C THR A 106 -9.25 -7.03 -0.25
N PHE A 107 -9.07 -5.80 0.22
CA PHE A 107 -7.79 -5.36 0.74
C PHE A 107 -7.61 -5.78 2.19
N VAL A 108 -8.72 -5.88 2.90
CA VAL A 108 -8.71 -6.27 4.30
C VAL A 108 -9.17 -7.73 4.45
N LYS A 109 -9.56 -8.29 3.30
CA LYS A 109 -9.93 -9.69 3.11
C LYS A 109 -11.33 -9.98 3.63
N VAL A 110 -11.54 -9.80 4.91
CA VAL A 110 -12.83 -10.03 5.51
C VAL A 110 -13.74 -8.82 5.29
N THR A 111 -15.03 -9.04 5.33
CA THR A 111 -15.97 -7.99 5.06
C THR A 111 -16.31 -7.19 6.33
N LEU A 112 -15.63 -6.08 6.53
CA LEU A 112 -15.94 -5.21 7.67
C LEU A 112 -17.12 -4.32 7.31
N GLU A 113 -16.95 -3.53 6.28
CA GLU A 113 -18.00 -2.66 5.79
C GLU A 113 -18.74 -3.36 4.71
N HIS A 114 -20.05 -3.09 4.62
CA HIS A 114 -20.95 -3.72 3.65
C HIS A 114 -21.15 -5.19 4.09
N HIS A 115 -22.18 -5.82 3.65
CA HIS A 115 -22.36 -7.22 4.02
C HIS A 115 -21.93 -8.15 2.92
N HIS A 116 -21.29 -9.25 3.32
CA HIS A 116 -20.86 -10.25 2.36
C HIS A 116 -22.04 -10.99 1.79
N HIS A 117 -22.47 -10.56 0.64
CA HIS A 117 -23.61 -11.11 -0.03
C HIS A 117 -23.20 -12.31 -0.84
N HIS A 118 -23.82 -13.44 -0.56
CA HIS A 118 -23.57 -14.65 -1.30
C HIS A 118 -24.15 -14.47 -2.69
N HIS A 119 -23.33 -14.53 -3.69
CA HIS A 119 -23.81 -14.36 -5.03
C HIS A 119 -24.28 -15.70 -5.57
N MET A 1 20.08 6.53 12.94
CA MET A 1 19.26 7.42 12.11
C MET A 1 18.05 6.66 11.66
N ALA A 2 16.93 7.33 11.62
CA ALA A 2 15.71 6.72 11.21
C ALA A 2 15.28 7.29 9.88
N SER A 3 15.33 6.48 8.87
CA SER A 3 14.89 6.86 7.55
C SER A 3 13.37 7.01 7.53
N ALA A 4 12.93 8.20 7.19
CA ALA A 4 11.54 8.48 7.08
C ALA A 4 11.22 8.90 5.68
N VAL A 5 10.47 8.08 4.99
CA VAL A 5 10.09 8.36 3.63
C VAL A 5 9.04 9.49 3.61
N LYS A 6 9.24 10.43 2.74
CA LYS A 6 8.37 11.57 2.65
C LYS A 6 7.20 11.30 1.73
N SER A 7 7.47 11.21 0.46
CA SER A 7 6.42 11.05 -0.50
C SER A 7 6.76 9.94 -1.51
N LEU A 8 5.82 9.63 -2.40
CA LEU A 8 5.91 8.50 -3.32
C LEU A 8 6.92 8.70 -4.41
N THR A 9 7.21 9.95 -4.68
CA THR A 9 8.23 10.29 -5.64
C THR A 9 9.63 9.92 -5.07
N GLU A 10 9.66 9.69 -3.76
CA GLU A 10 10.88 9.35 -3.06
C GLU A 10 10.87 7.88 -2.67
N THR A 11 9.90 7.16 -3.16
CA THR A 11 9.73 5.79 -2.79
C THR A 11 10.20 4.85 -3.91
N GLU A 12 10.82 3.74 -3.52
CA GLU A 12 11.35 2.77 -4.47
C GLU A 12 10.21 1.94 -5.09
N LEU A 13 10.42 1.51 -6.32
CA LEU A 13 9.43 0.79 -7.09
C LEU A 13 9.82 -0.68 -7.17
N LEU A 14 8.86 -1.53 -6.93
CA LEU A 14 9.02 -2.97 -7.05
C LEU A 14 7.95 -3.50 -7.97
N PRO A 15 8.32 -4.28 -8.99
CA PRO A 15 7.34 -4.98 -9.82
C PRO A 15 6.64 -6.06 -8.98
N ILE A 16 5.35 -6.26 -9.20
CA ILE A 16 4.57 -7.22 -8.39
C ILE A 16 4.98 -8.67 -8.67
N THR A 17 5.75 -8.85 -9.70
CA THR A 17 6.24 -10.15 -10.10
C THR A 17 7.22 -10.68 -9.05
N GLU A 18 8.01 -9.78 -8.49
CA GLU A 18 8.96 -10.15 -7.48
C GLU A 18 8.38 -9.92 -6.08
N ALA A 19 7.18 -10.46 -5.89
CA ALA A 19 6.45 -10.38 -4.62
C ALA A 19 7.25 -11.02 -3.49
N ASP A 20 8.09 -11.97 -3.84
CA ASP A 20 8.93 -12.66 -2.86
C ASP A 20 10.06 -11.74 -2.40
N SER A 21 10.37 -10.74 -3.20
CA SER A 21 11.46 -9.84 -2.93
C SER A 21 10.97 -8.56 -2.23
N ILE A 22 9.70 -8.56 -1.84
CA ILE A 22 9.12 -7.43 -1.13
C ILE A 22 9.57 -7.49 0.34
N PRO A 23 10.07 -6.37 0.89
CA PRO A 23 10.47 -6.27 2.30
C PRO A 23 9.38 -6.69 3.29
N SER A 24 9.76 -7.51 4.21
CA SER A 24 8.88 -8.05 5.22
C SER A 24 8.94 -7.21 6.52
N ALA A 25 9.11 -5.92 6.35
CA ALA A 25 9.21 -4.99 7.45
C ALA A 25 7.88 -4.25 7.65
N SER A 26 7.82 -3.38 8.63
CA SER A 26 6.65 -2.59 8.88
C SER A 26 6.84 -1.24 8.21
N GLY A 27 5.81 -0.73 7.61
CA GLY A 27 5.90 0.53 6.97
C GLY A 27 4.73 0.82 6.11
N VAL A 28 4.95 1.64 5.12
CA VAL A 28 3.94 2.09 4.21
C VAL A 28 4.18 1.44 2.84
N TYR A 29 3.11 1.17 2.14
CA TYR A 29 3.22 0.66 0.80
C TYR A 29 2.15 1.27 -0.09
N ALA A 30 2.42 1.31 -1.36
CA ALA A 30 1.53 1.90 -2.32
C ALA A 30 1.39 1.00 -3.52
N VAL A 31 0.18 0.67 -3.87
CA VAL A 31 -0.08 -0.21 -4.98
C VAL A 31 -0.49 0.60 -6.22
N TYR A 32 0.28 0.42 -7.27
CA TYR A 32 0.07 1.03 -8.56
C TYR A 32 -0.38 -0.04 -9.55
N ASP A 33 -1.34 0.27 -10.37
CA ASP A 33 -1.82 -0.69 -11.35
C ASP A 33 -0.92 -0.67 -12.60
N LYS A 34 -1.36 -1.29 -13.67
CA LYS A 34 -0.61 -1.36 -14.90
C LYS A 34 -0.42 0.02 -15.53
N SER A 35 -1.34 0.93 -15.24
CA SER A 35 -1.30 2.28 -15.78
C SER A 35 -0.42 3.18 -14.91
N ASP A 36 0.17 2.59 -13.86
CA ASP A 36 1.05 3.29 -12.91
C ASP A 36 0.30 4.32 -12.12
N GLU A 37 -0.97 4.08 -11.94
CA GLU A 37 -1.75 4.98 -11.18
C GLU A 37 -1.93 4.43 -9.79
N LEU A 38 -1.54 5.23 -8.82
CA LEU A 38 -1.67 4.88 -7.44
C LEU A 38 -3.13 4.90 -7.07
N GLN A 39 -3.56 3.82 -6.49
CA GLN A 39 -4.91 3.69 -6.07
C GLN A 39 -5.02 3.29 -4.61
N PHE A 40 -4.21 2.36 -4.17
CA PHE A 40 -4.33 1.92 -2.80
C PHE A 40 -3.03 2.01 -2.05
N VAL A 41 -3.03 2.76 -0.98
CA VAL A 41 -1.88 2.86 -0.08
C VAL A 41 -2.24 2.22 1.24
N GLY A 42 -1.28 1.70 1.94
CA GLY A 42 -1.58 1.07 3.17
C GLY A 42 -0.41 1.02 4.09
N ILE A 43 -0.70 0.81 5.35
CA ILE A 43 0.28 0.68 6.38
C ILE A 43 0.14 -0.70 7.00
N SER A 44 1.23 -1.36 7.26
CA SER A 44 1.19 -2.70 7.81
C SER A 44 2.44 -3.01 8.64
N ARG A 45 2.37 -4.09 9.41
CA ARG A 45 3.49 -4.57 10.20
C ARG A 45 4.38 -5.46 9.35
N ASN A 46 3.78 -6.16 8.44
CA ASN A 46 4.52 -6.94 7.47
C ASN A 46 4.03 -6.55 6.10
N ILE A 47 4.83 -5.80 5.38
CA ILE A 47 4.46 -5.33 4.05
C ILE A 47 4.25 -6.52 3.08
N ALA A 48 5.30 -7.32 2.89
CA ALA A 48 5.34 -8.45 1.94
C ALA A 48 4.10 -9.35 1.97
N ALA A 49 3.78 -9.91 3.12
CA ALA A 49 2.66 -10.83 3.25
C ALA A 49 1.36 -10.16 2.89
N SER A 50 1.16 -8.96 3.41
CA SER A 50 -0.05 -8.22 3.19
C SER A 50 -0.21 -7.87 1.71
N VAL A 51 0.86 -7.35 1.10
CA VAL A 51 0.85 -6.96 -0.30
C VAL A 51 0.54 -8.15 -1.21
N SER A 52 1.34 -9.20 -1.06
CA SER A 52 1.21 -10.39 -1.88
C SER A 52 -0.20 -11.01 -1.78
N ALA A 53 -0.72 -11.07 -0.55
CA ALA A 53 -2.04 -11.65 -0.27
C ALA A 53 -3.14 -10.98 -1.10
N HIS A 54 -3.28 -9.67 -0.97
CA HIS A 54 -4.33 -8.98 -1.71
C HIS A 54 -4.07 -8.88 -3.19
N LEU A 55 -2.83 -8.99 -3.62
CA LEU A 55 -2.54 -8.96 -5.06
C LEU A 55 -2.95 -10.26 -5.73
N LYS A 56 -2.96 -11.33 -4.96
CA LYS A 56 -3.39 -12.61 -5.48
C LYS A 56 -4.90 -12.74 -5.30
N SER A 57 -5.47 -11.90 -4.47
CA SER A 57 -6.89 -11.92 -4.24
C SER A 57 -7.61 -11.03 -5.28
N VAL A 58 -7.05 -9.87 -5.56
CA VAL A 58 -7.58 -8.97 -6.55
C VAL A 58 -6.43 -8.41 -7.43
N PRO A 59 -6.13 -9.10 -8.55
CA PRO A 59 -5.02 -8.74 -9.45
C PRO A 59 -5.28 -7.51 -10.33
N GLU A 60 -6.34 -6.77 -10.01
CA GLU A 60 -6.69 -5.57 -10.74
C GLU A 60 -5.54 -4.55 -10.66
N LEU A 61 -4.99 -4.41 -9.48
CA LEU A 61 -3.94 -3.43 -9.24
C LEU A 61 -2.54 -4.03 -9.39
N CYS A 62 -2.44 -5.16 -10.03
CA CYS A 62 -1.14 -5.77 -10.24
C CYS A 62 -0.36 -5.08 -11.36
N GLY A 63 0.35 -4.04 -11.00
CA GLY A 63 1.23 -3.37 -11.93
C GLY A 63 2.59 -3.21 -11.32
N SER A 64 2.62 -2.53 -10.20
CA SER A 64 3.83 -2.33 -9.46
C SER A 64 3.49 -1.83 -8.06
N VAL A 65 4.38 -2.01 -7.15
CA VAL A 65 4.14 -1.61 -5.80
C VAL A 65 5.34 -0.83 -5.28
N LYS A 66 5.08 0.20 -4.54
CA LYS A 66 6.13 0.95 -3.92
C LYS A 66 6.10 0.69 -2.46
N VAL A 67 7.25 0.53 -1.86
CA VAL A 67 7.32 0.25 -0.44
C VAL A 67 8.21 1.25 0.25
N GLY A 68 7.76 1.74 1.36
CA GLY A 68 8.51 2.68 2.13
C GLY A 68 8.78 2.14 3.49
N ILE A 69 9.97 1.64 3.67
CA ILE A 69 10.35 1.11 4.94
C ILE A 69 10.78 2.25 5.81
N VAL A 70 9.97 2.55 6.76
CA VAL A 70 10.23 3.61 7.65
C VAL A 70 10.82 3.04 8.91
N GLU A 71 11.91 3.61 9.37
CA GLU A 71 12.62 3.08 10.52
C GLU A 71 12.00 3.52 11.83
N GLU A 72 10.85 4.15 11.72
CA GLU A 72 10.02 4.50 12.83
C GLU A 72 8.65 3.89 12.54
N PRO A 73 8.39 2.65 13.00
CA PRO A 73 7.13 1.93 12.72
C PRO A 73 5.98 2.40 13.63
N ASP A 74 6.03 3.65 13.98
CA ASP A 74 5.10 4.27 14.89
C ASP A 74 3.89 4.75 14.09
N LYS A 75 2.70 4.62 14.67
CA LYS A 75 1.47 5.03 14.00
C LYS A 75 1.42 6.51 13.60
N ALA A 76 2.15 7.37 14.31
CA ALA A 76 2.18 8.77 13.95
C ALA A 76 2.87 8.92 12.63
N VAL A 77 3.98 8.24 12.49
CA VAL A 77 4.80 8.30 11.31
C VAL A 77 4.15 7.51 10.16
N LEU A 78 3.58 6.36 10.49
CA LEU A 78 2.91 5.52 9.51
C LEU A 78 1.76 6.29 8.85
N THR A 79 0.91 6.86 9.66
CA THR A 79 -0.23 7.62 9.16
C THR A 79 0.25 8.90 8.46
N GLN A 80 1.34 9.46 8.95
CA GLN A 80 1.94 10.65 8.40
C GLN A 80 2.42 10.39 6.98
N ALA A 81 3.29 9.39 6.81
CA ALA A 81 3.82 9.04 5.50
C ALA A 81 2.68 8.65 4.57
N TRP A 82 1.74 7.88 5.10
CA TRP A 82 0.52 7.46 4.38
C TRP A 82 -0.20 8.69 3.82
N LYS A 83 -0.29 9.72 4.64
CA LYS A 83 -0.96 10.96 4.31
C LYS A 83 -0.25 11.68 3.15
N LEU A 84 1.10 11.75 3.18
CA LEU A 84 1.83 12.40 2.08
C LEU A 84 1.64 11.64 0.79
N TRP A 85 1.70 10.33 0.90
CA TRP A 85 1.56 9.42 -0.23
C TRP A 85 0.20 9.53 -0.88
N ILE A 86 -0.84 9.50 -0.09
CA ILE A 86 -2.17 9.54 -0.61
C ILE A 86 -2.48 10.93 -1.20
N GLU A 87 -2.14 12.00 -0.48
CA GLU A 87 -2.49 13.34 -0.92
C GLU A 87 -1.74 13.80 -2.16
N GLU A 88 -0.52 13.33 -2.38
CA GLU A 88 0.16 13.72 -3.60
C GLU A 88 -0.57 13.09 -4.78
N HIS A 89 -0.96 11.84 -4.62
CA HIS A 89 -1.65 11.14 -5.67
C HIS A 89 -3.08 11.55 -5.85
N ILE A 90 -3.69 12.08 -4.82
CA ILE A 90 -5.02 12.66 -4.96
C ILE A 90 -4.93 13.91 -5.86
N LYS A 91 -3.80 14.58 -5.80
CA LYS A 91 -3.59 15.74 -6.62
C LYS A 91 -3.10 15.40 -8.04
N VAL A 92 -2.17 14.45 -8.17
CA VAL A 92 -1.67 14.07 -9.50
C VAL A 92 -2.60 13.08 -10.26
N THR A 93 -2.98 12.00 -9.64
CA THR A 93 -3.78 11.01 -10.33
C THR A 93 -5.27 11.17 -10.03
N GLY A 94 -5.54 11.71 -8.86
CA GLY A 94 -6.90 12.04 -8.42
C GLY A 94 -7.89 10.90 -8.41
N LYS A 95 -7.41 9.70 -8.19
CA LYS A 95 -8.29 8.54 -8.24
C LYS A 95 -8.86 8.24 -6.87
N VAL A 96 -8.00 7.75 -5.96
CA VAL A 96 -8.36 7.37 -4.56
C VAL A 96 -9.71 6.61 -4.42
N PRO A 97 -9.70 5.29 -4.64
CA PRO A 97 -10.90 4.44 -4.56
C PRO A 97 -11.39 4.27 -3.10
N PRO A 98 -12.63 3.70 -2.93
CA PRO A 98 -13.28 3.45 -1.62
C PRO A 98 -12.38 2.81 -0.55
N GLY A 99 -11.36 2.08 -0.98
CA GLY A 99 -10.48 1.34 -0.07
C GLY A 99 -9.81 2.23 0.97
N ASN A 100 -9.26 3.34 0.52
CA ASN A 100 -8.58 4.26 1.42
C ASN A 100 -9.54 5.23 2.04
N LYS A 101 -10.66 5.38 1.41
CA LYS A 101 -11.74 6.21 1.90
C LYS A 101 -12.26 5.64 3.22
N SER A 102 -12.97 4.52 3.12
CA SER A 102 -13.55 3.83 4.27
C SER A 102 -14.31 2.61 3.79
N GLY A 103 -14.41 1.62 4.63
CA GLY A 103 -15.17 0.45 4.29
C GLY A 103 -14.34 -0.79 4.31
N ASN A 104 -14.98 -1.89 4.04
CA ASN A 104 -14.35 -3.18 4.06
C ASN A 104 -14.08 -3.59 2.63
N ASN A 105 -12.83 -3.63 2.24
CA ASN A 105 -12.48 -3.96 0.86
C ASN A 105 -11.65 -5.21 0.74
N THR A 106 -11.64 -5.76 -0.46
CA THR A 106 -10.95 -7.00 -0.81
C THR A 106 -9.43 -6.89 -0.55
N PHE A 107 -8.95 -5.66 -0.44
CA PHE A 107 -7.55 -5.41 -0.18
C PHE A 107 -7.17 -5.77 1.25
N VAL A 108 -8.14 -5.71 2.14
CA VAL A 108 -7.89 -5.99 3.53
C VAL A 108 -8.68 -7.23 4.02
N LYS A 109 -9.84 -7.47 3.39
CA LYS A 109 -10.74 -8.61 3.69
C LYS A 109 -11.35 -8.50 5.09
N VAL A 110 -10.60 -8.95 6.09
CA VAL A 110 -11.02 -8.84 7.47
C VAL A 110 -9.95 -8.12 8.29
N THR A 111 -8.86 -7.73 7.63
CA THR A 111 -7.79 -7.03 8.31
C THR A 111 -8.10 -5.54 8.45
N LEU A 112 -9.02 -5.26 9.30
CA LEU A 112 -9.35 -3.92 9.71
C LEU A 112 -9.03 -3.88 11.15
N GLU A 113 -8.13 -3.02 11.55
CA GLU A 113 -7.74 -2.97 12.92
C GLU A 113 -8.77 -2.33 13.83
N HIS A 114 -9.79 -3.08 14.07
CA HIS A 114 -10.83 -2.79 14.98
C HIS A 114 -11.15 -4.08 15.63
N HIS A 115 -10.47 -4.38 16.70
CA HIS A 115 -10.74 -5.62 17.37
C HIS A 115 -11.96 -5.44 18.24
N HIS A 116 -13.09 -5.65 17.59
CA HIS A 116 -14.43 -5.53 18.15
C HIS A 116 -14.57 -6.27 19.48
N HIS A 117 -14.85 -5.52 20.51
CA HIS A 117 -15.06 -6.07 21.82
C HIS A 117 -16.07 -5.22 22.58
N HIS A 118 -17.33 -5.45 22.29
CA HIS A 118 -18.37 -4.69 22.97
C HIS A 118 -18.75 -5.33 24.29
N HIS A 119 -17.95 -5.04 25.29
CA HIS A 119 -18.12 -5.53 26.64
C HIS A 119 -17.18 -4.75 27.53
N MET A 1 20.48 12.92 4.53
CA MET A 1 20.40 11.70 5.31
C MET A 1 18.99 11.16 5.26
N ALA A 2 18.84 9.92 4.89
CA ALA A 2 17.53 9.31 4.82
C ALA A 2 17.08 8.91 6.21
N SER A 3 16.29 9.74 6.83
CA SER A 3 15.80 9.46 8.16
C SER A 3 14.51 8.66 8.08
N ALA A 4 13.64 9.04 7.15
CA ALA A 4 12.36 8.42 6.96
C ALA A 4 11.77 8.88 5.66
N VAL A 5 11.11 7.96 4.99
CA VAL A 5 10.43 8.25 3.75
C VAL A 5 9.28 9.24 4.00
N LYS A 6 9.29 10.31 3.27
CA LYS A 6 8.33 11.37 3.44
C LYS A 6 7.29 11.23 2.37
N SER A 7 7.72 11.18 1.15
CA SER A 7 6.84 11.10 0.07
C SER A 7 7.33 10.07 -0.95
N LEU A 8 6.50 9.79 -1.94
CA LEU A 8 6.73 8.77 -2.97
C LEU A 8 7.99 9.00 -3.80
N THR A 9 8.51 10.20 -3.73
CA THR A 9 9.74 10.56 -4.39
C THR A 9 10.96 9.78 -3.80
N GLU A 10 10.81 9.26 -2.60
CA GLU A 10 11.88 8.50 -1.95
C GLU A 10 11.55 7.01 -1.97
N THR A 11 10.36 6.70 -2.37
CA THR A 11 9.86 5.36 -2.29
C THR A 11 10.30 4.52 -3.52
N GLU A 12 10.85 3.34 -3.27
CA GLU A 12 11.36 2.48 -4.33
C GLU A 12 10.22 1.68 -4.98
N LEU A 13 10.39 1.36 -6.25
CA LEU A 13 9.37 0.69 -7.04
C LEU A 13 9.74 -0.77 -7.24
N LEU A 14 8.82 -1.65 -6.94
CA LEU A 14 8.98 -3.07 -7.14
C LEU A 14 7.84 -3.58 -8.00
N PRO A 15 8.12 -4.49 -8.93
CA PRO A 15 7.07 -5.15 -9.71
C PRO A 15 6.24 -6.08 -8.81
N ILE A 16 4.93 -6.20 -9.08
CA ILE A 16 4.07 -7.03 -8.20
C ILE A 16 4.29 -8.52 -8.48
N THR A 17 4.95 -8.79 -9.59
CA THR A 17 5.27 -10.13 -9.96
C THR A 17 6.48 -10.61 -9.14
N GLU A 18 7.17 -9.65 -8.52
CA GLU A 18 8.32 -9.89 -7.69
C GLU A 18 7.89 -9.92 -6.24
N ALA A 19 6.82 -10.67 -5.97
CA ALA A 19 6.24 -10.76 -4.64
C ALA A 19 7.25 -11.35 -3.64
N ASP A 20 8.14 -12.17 -4.14
CA ASP A 20 9.21 -12.77 -3.33
C ASP A 20 10.23 -11.71 -2.90
N SER A 21 10.34 -10.66 -3.68
CA SER A 21 11.32 -9.61 -3.43
C SER A 21 10.75 -8.50 -2.54
N ILE A 22 9.46 -8.59 -2.22
CA ILE A 22 8.80 -7.56 -1.41
C ILE A 22 9.31 -7.64 0.03
N PRO A 23 9.81 -6.51 0.58
CA PRO A 23 10.34 -6.46 1.95
C PRO A 23 9.33 -6.93 3.01
N SER A 24 9.81 -7.74 3.91
CA SER A 24 9.01 -8.29 4.98
C SER A 24 9.11 -7.37 6.21
N ALA A 25 9.37 -6.13 5.94
CA ALA A 25 9.65 -5.15 6.94
C ALA A 25 8.39 -4.34 7.24
N SER A 26 8.53 -3.38 8.13
CA SER A 26 7.46 -2.55 8.54
C SER A 26 7.49 -1.28 7.74
N GLY A 27 6.34 -0.82 7.34
CA GLY A 27 6.31 0.43 6.64
C GLY A 27 5.04 0.69 5.91
N VAL A 28 5.17 1.43 4.85
CA VAL A 28 4.05 1.87 4.06
C VAL A 28 4.26 1.34 2.65
N TYR A 29 3.19 1.09 1.95
CA TYR A 29 3.30 0.65 0.58
C TYR A 29 2.23 1.33 -0.27
N ALA A 30 2.55 1.54 -1.52
CA ALA A 30 1.69 2.18 -2.48
C ALA A 30 1.49 1.25 -3.65
N VAL A 31 0.26 0.89 -3.89
CA VAL A 31 -0.09 -0.02 -4.94
C VAL A 31 -0.58 0.72 -6.18
N TYR A 32 0.11 0.49 -7.27
CA TYR A 32 -0.21 1.03 -8.55
C TYR A 32 -0.71 -0.10 -9.42
N ASP A 33 -1.81 0.10 -10.09
CA ASP A 33 -2.35 -0.96 -10.91
C ASP A 33 -1.70 -0.94 -12.30
N LYS A 34 -2.21 -1.74 -13.20
CA LYS A 34 -1.70 -1.83 -14.57
C LYS A 34 -1.91 -0.54 -15.35
N SER A 35 -2.86 0.26 -14.92
CA SER A 35 -3.12 1.56 -15.50
C SER A 35 -2.18 2.61 -14.88
N ASP A 36 -1.32 2.15 -13.96
CA ASP A 36 -0.32 2.97 -13.25
C ASP A 36 -0.98 3.92 -12.28
N GLU A 37 -2.22 3.68 -11.96
CA GLU A 37 -2.93 4.53 -11.05
C GLU A 37 -2.69 4.08 -9.65
N LEU A 38 -2.45 5.05 -8.80
CA LEU A 38 -2.32 4.80 -7.41
C LEU A 38 -3.72 4.71 -6.87
N GLN A 39 -4.07 3.55 -6.47
CA GLN A 39 -5.40 3.30 -5.99
C GLN A 39 -5.43 2.72 -4.60
N PHE A 40 -4.31 2.25 -4.11
CA PHE A 40 -4.31 1.74 -2.77
C PHE A 40 -3.00 2.03 -2.08
N VAL A 41 -3.07 2.70 -0.98
CA VAL A 41 -1.90 2.90 -0.13
C VAL A 41 -2.23 2.39 1.22
N GLY A 42 -1.31 1.77 1.85
CA GLY A 42 -1.61 1.20 3.12
C GLY A 42 -0.38 1.02 3.92
N ILE A 43 -0.56 0.95 5.20
CA ILE A 43 0.52 0.72 6.09
C ILE A 43 0.39 -0.65 6.70
N SER A 44 1.48 -1.33 6.79
CA SER A 44 1.52 -2.65 7.33
C SER A 44 2.88 -2.84 7.96
N ARG A 45 2.92 -3.42 9.13
CA ARG A 45 4.19 -3.64 9.79
C ARG A 45 4.93 -4.82 9.15
N ASN A 46 4.21 -5.55 8.34
CA ASN A 46 4.77 -6.62 7.56
C ASN A 46 4.24 -6.46 6.14
N ILE A 47 4.95 -5.67 5.37
CA ILE A 47 4.56 -5.29 4.02
C ILE A 47 4.32 -6.51 3.10
N ALA A 48 5.31 -7.38 2.99
CA ALA A 48 5.27 -8.56 2.09
C ALA A 48 3.97 -9.35 2.15
N ALA A 49 3.62 -9.88 3.31
CA ALA A 49 2.43 -10.71 3.45
C ALA A 49 1.16 -9.93 3.11
N SER A 50 1.15 -8.67 3.50
CA SER A 50 0.02 -7.79 3.28
C SER A 50 -0.19 -7.60 1.77
N VAL A 51 0.87 -7.15 1.09
CA VAL A 51 0.85 -6.89 -0.34
C VAL A 51 0.47 -8.16 -1.09
N SER A 52 1.17 -9.23 -0.79
CA SER A 52 0.96 -10.51 -1.44
C SER A 52 -0.48 -11.03 -1.25
N ALA A 53 -1.05 -10.83 -0.06
CA ALA A 53 -2.40 -11.31 0.24
C ALA A 53 -3.42 -10.71 -0.71
N HIS A 54 -3.51 -9.40 -0.73
CA HIS A 54 -4.52 -8.76 -1.56
C HIS A 54 -4.19 -8.72 -3.06
N LEU A 55 -2.93 -8.80 -3.42
CA LEU A 55 -2.62 -8.77 -4.86
C LEU A 55 -2.69 -10.13 -5.53
N LYS A 56 -2.51 -11.19 -4.78
CA LYS A 56 -2.61 -12.52 -5.37
C LYS A 56 -4.04 -13.03 -5.34
N SER A 57 -4.87 -12.42 -4.52
CA SER A 57 -6.26 -12.84 -4.40
C SER A 57 -7.17 -12.01 -5.32
N VAL A 58 -6.70 -10.84 -5.73
CA VAL A 58 -7.44 -9.98 -6.62
C VAL A 58 -6.48 -9.09 -7.44
N PRO A 59 -6.12 -9.54 -8.64
CA PRO A 59 -5.14 -8.86 -9.54
C PRO A 59 -5.59 -7.51 -10.17
N GLU A 60 -6.65 -6.90 -9.66
CA GLU A 60 -7.15 -5.64 -10.26
C GLU A 60 -6.13 -4.49 -10.07
N LEU A 61 -5.34 -4.55 -9.03
CA LEU A 61 -4.35 -3.51 -8.79
C LEU A 61 -2.95 -4.00 -9.06
N CYS A 62 -2.85 -5.03 -9.84
CA CYS A 62 -1.57 -5.57 -10.20
C CYS A 62 -0.89 -4.78 -11.31
N GLY A 63 0.02 -3.91 -10.92
CA GLY A 63 0.84 -3.18 -11.86
C GLY A 63 2.23 -3.03 -11.31
N SER A 64 2.36 -2.29 -10.23
CA SER A 64 3.61 -2.11 -9.53
C SER A 64 3.34 -1.65 -8.11
N VAL A 65 4.31 -1.78 -7.25
CA VAL A 65 4.14 -1.40 -5.88
C VAL A 65 5.37 -0.67 -5.35
N LYS A 66 5.14 0.37 -4.62
CA LYS A 66 6.21 1.10 -3.98
C LYS A 66 6.17 0.86 -2.50
N VAL A 67 7.31 0.66 -1.89
CA VAL A 67 7.37 0.38 -0.46
C VAL A 67 8.33 1.35 0.24
N GLY A 68 7.94 1.83 1.40
CA GLY A 68 8.79 2.69 2.15
C GLY A 68 8.99 2.16 3.54
N ILE A 69 10.19 1.75 3.85
CA ILE A 69 10.49 1.20 5.14
C ILE A 69 10.91 2.32 6.07
N VAL A 70 10.06 2.64 6.98
CA VAL A 70 10.31 3.69 7.90
C VAL A 70 10.94 3.13 9.17
N GLU A 71 11.87 3.89 9.75
CA GLU A 71 12.56 3.49 10.97
C GLU A 71 11.60 3.26 12.12
N GLU A 72 10.74 4.21 12.34
CA GLU A 72 9.80 4.12 13.42
C GLU A 72 8.49 3.54 12.93
N PRO A 73 8.06 2.40 13.47
CA PRO A 73 6.78 1.77 13.11
C PRO A 73 5.63 2.40 13.91
N ASP A 74 5.82 3.63 14.29
CA ASP A 74 4.87 4.39 15.06
C ASP A 74 3.64 4.66 14.21
N LYS A 75 2.48 4.45 14.77
CA LYS A 75 1.22 4.56 14.05
C LYS A 75 1.00 5.96 13.47
N ALA A 76 1.46 6.98 14.17
CA ALA A 76 1.30 8.35 13.69
C ALA A 76 2.26 8.60 12.56
N VAL A 77 3.49 8.13 12.71
CA VAL A 77 4.51 8.28 11.67
C VAL A 77 4.09 7.51 10.41
N LEU A 78 3.57 6.31 10.60
CA LEU A 78 3.06 5.48 9.51
C LEU A 78 1.94 6.20 8.77
N THR A 79 0.96 6.71 9.53
CA THR A 79 -0.18 7.37 8.95
C THR A 79 0.22 8.72 8.30
N GLN A 80 1.24 9.36 8.87
CA GLN A 80 1.76 10.61 8.36
C GLN A 80 2.33 10.41 6.96
N ALA A 81 3.18 9.39 6.82
CA ALA A 81 3.78 9.06 5.52
C ALA A 81 2.68 8.64 4.56
N TRP A 82 1.77 7.79 5.05
CA TRP A 82 0.60 7.32 4.30
C TRP A 82 -0.17 8.51 3.71
N LYS A 83 -0.39 9.53 4.54
CA LYS A 83 -1.10 10.73 4.15
C LYS A 83 -0.39 11.45 3.03
N LEU A 84 0.90 11.65 3.18
CA LEU A 84 1.69 12.39 2.20
C LEU A 84 1.68 11.67 0.85
N TRP A 85 1.84 10.36 0.87
CA TRP A 85 1.83 9.53 -0.33
C TRP A 85 0.49 9.63 -1.05
N ILE A 86 -0.61 9.49 -0.29
CA ILE A 86 -1.91 9.55 -0.90
C ILE A 86 -2.20 10.95 -1.42
N GLU A 87 -1.80 11.98 -0.65
CA GLU A 87 -2.01 13.37 -1.07
C GLU A 87 -1.28 13.69 -2.36
N GLU A 88 -0.10 13.10 -2.55
CA GLU A 88 0.62 13.24 -3.82
C GLU A 88 -0.27 12.82 -4.97
N HIS A 89 -0.94 11.70 -4.81
CA HIS A 89 -1.80 11.22 -5.86
C HIS A 89 -3.15 11.86 -5.89
N ILE A 90 -3.62 12.34 -4.77
CA ILE A 90 -4.84 13.14 -4.74
C ILE A 90 -4.64 14.41 -5.59
N LYS A 91 -3.47 15.00 -5.47
CA LYS A 91 -3.14 16.20 -6.22
C LYS A 91 -2.94 15.92 -7.71
N VAL A 92 -2.23 14.85 -8.04
CA VAL A 92 -2.00 14.56 -9.46
C VAL A 92 -3.17 13.82 -10.16
N THR A 93 -3.59 12.68 -9.65
CA THR A 93 -4.61 11.90 -10.31
C THR A 93 -5.98 12.11 -9.69
N GLY A 94 -5.99 12.30 -8.40
CA GLY A 94 -7.24 12.53 -7.71
C GLY A 94 -7.96 11.24 -7.43
N LYS A 95 -7.23 10.20 -7.17
CA LYS A 95 -7.84 8.90 -6.94
C LYS A 95 -7.81 8.47 -5.51
N VAL A 96 -8.97 8.54 -4.89
CA VAL A 96 -9.18 8.03 -3.54
C VAL A 96 -10.30 6.98 -3.64
N PRO A 97 -9.95 5.72 -3.91
CA PRO A 97 -10.91 4.63 -4.10
C PRO A 97 -11.32 3.94 -2.76
N PRO A 98 -12.37 3.05 -2.79
CA PRO A 98 -12.96 2.36 -1.59
C PRO A 98 -11.95 1.76 -0.60
N GLY A 99 -10.79 1.33 -1.08
CA GLY A 99 -9.80 0.74 -0.21
C GLY A 99 -9.19 1.75 0.74
N ASN A 100 -9.13 2.98 0.30
CA ASN A 100 -8.57 4.05 1.12
C ASN A 100 -9.63 4.90 1.74
N LYS A 101 -10.80 4.87 1.17
CA LYS A 101 -11.95 5.53 1.76
C LYS A 101 -12.35 4.79 3.04
N SER A 102 -13.13 5.44 3.87
CA SER A 102 -13.56 4.86 5.10
C SER A 102 -14.54 3.71 4.85
N GLY A 103 -14.02 2.53 5.01
CA GLY A 103 -14.77 1.35 4.81
C GLY A 103 -13.83 0.22 4.49
N ASN A 104 -14.33 -0.80 3.88
CA ASN A 104 -13.53 -1.92 3.51
C ASN A 104 -13.68 -2.18 2.05
N ASN A 105 -12.83 -2.99 1.51
CA ASN A 105 -12.81 -3.30 0.10
C ASN A 105 -12.03 -4.57 -0.07
N THR A 106 -12.22 -5.23 -1.19
CA THR A 106 -11.53 -6.47 -1.54
C THR A 106 -9.97 -6.33 -1.43
N PHE A 107 -9.45 -5.12 -1.57
CA PHE A 107 -8.01 -4.89 -1.41
C PHE A 107 -7.58 -4.71 0.02
N VAL A 108 -8.52 -4.67 0.93
CA VAL A 108 -8.22 -4.60 2.34
C VAL A 108 -8.23 -6.04 2.86
N LYS A 109 -9.11 -6.83 2.27
CA LYS A 109 -9.29 -8.23 2.57
C LYS A 109 -10.33 -8.74 1.60
N VAL A 110 -10.15 -9.93 1.08
CA VAL A 110 -11.10 -10.45 0.13
C VAL A 110 -12.39 -10.91 0.80
N THR A 111 -13.46 -10.25 0.44
CA THR A 111 -14.79 -10.60 0.90
C THR A 111 -15.56 -11.30 -0.24
N LEU A 112 -15.06 -11.12 -1.45
CA LEU A 112 -15.65 -11.72 -2.62
C LEU A 112 -15.06 -13.09 -2.81
N GLU A 113 -15.84 -14.10 -2.54
CA GLU A 113 -15.37 -15.48 -2.67
C GLU A 113 -15.79 -16.01 -4.00
N HIS A 114 -17.03 -15.75 -4.31
CA HIS A 114 -17.71 -16.34 -5.44
C HIS A 114 -17.43 -15.48 -6.64
N HIS A 115 -16.49 -15.94 -7.41
CA HIS A 115 -15.99 -15.21 -8.54
C HIS A 115 -16.97 -15.11 -9.66
N HIS A 116 -16.98 -13.97 -10.29
CA HIS A 116 -17.85 -13.69 -11.41
C HIS A 116 -16.99 -13.85 -12.65
N HIS A 117 -17.25 -14.93 -13.39
CA HIS A 117 -16.41 -15.36 -14.52
C HIS A 117 -15.07 -15.88 -14.07
N HIS A 118 -14.90 -17.16 -14.21
CA HIS A 118 -13.63 -17.82 -13.92
C HIS A 118 -13.20 -18.52 -15.19
N HIS A 119 -13.86 -18.15 -16.25
CA HIS A 119 -13.72 -18.70 -17.54
C HIS A 119 -14.29 -17.68 -18.50
N MET A 1 22.12 9.89 6.88
CA MET A 1 20.88 10.30 7.54
C MET A 1 19.80 10.52 6.51
N ALA A 2 18.55 10.65 6.97
CA ALA A 2 17.37 10.92 6.13
C ALA A 2 17.15 9.87 5.05
N SER A 3 17.60 8.66 5.30
CA SER A 3 17.53 7.59 4.33
C SER A 3 16.28 6.74 4.57
N ALA A 4 15.25 7.38 5.05
CA ALA A 4 13.99 6.75 5.27
C ALA A 4 12.99 7.36 4.33
N VAL A 5 11.96 6.64 4.02
CA VAL A 5 10.94 7.15 3.13
C VAL A 5 9.87 7.88 3.92
N LYS A 6 9.68 9.15 3.61
CA LYS A 6 8.66 9.93 4.23
C LYS A 6 7.52 10.17 3.27
N SER A 7 7.85 10.57 2.07
CA SER A 7 6.84 10.88 1.08
C SER A 7 6.89 9.89 -0.11
N LEU A 8 5.85 9.93 -0.96
CA LEU A 8 5.69 9.03 -2.11
C LEU A 8 6.79 9.28 -3.12
N THR A 9 7.19 10.51 -3.22
CA THR A 9 8.27 10.91 -4.09
C THR A 9 9.58 10.14 -3.76
N GLU A 10 9.74 9.72 -2.53
CA GLU A 10 10.97 9.05 -2.10
C GLU A 10 10.84 7.54 -2.20
N THR A 11 9.67 7.07 -2.55
CA THR A 11 9.41 5.66 -2.52
C THR A 11 10.02 4.90 -3.75
N GLU A 12 10.54 3.70 -3.50
CA GLU A 12 11.12 2.87 -4.55
C GLU A 12 10.03 1.99 -5.17
N LEU A 13 10.18 1.69 -6.44
CA LEU A 13 9.17 0.96 -7.21
C LEU A 13 9.60 -0.49 -7.40
N LEU A 14 8.69 -1.41 -7.17
CA LEU A 14 8.90 -2.82 -7.39
C LEU A 14 7.78 -3.35 -8.28
N PRO A 15 8.11 -4.00 -9.39
CA PRO A 15 7.10 -4.68 -10.21
C PRO A 15 6.53 -5.88 -9.41
N ILE A 16 5.22 -6.14 -9.53
CA ILE A 16 4.56 -7.21 -8.70
C ILE A 16 5.04 -8.64 -9.04
N THR A 17 5.87 -8.76 -10.06
CA THR A 17 6.43 -10.04 -10.41
C THR A 17 7.42 -10.50 -9.31
N GLU A 18 8.05 -9.53 -8.63
CA GLU A 18 8.96 -9.85 -7.57
C GLU A 18 8.27 -9.68 -6.22
N ALA A 19 7.13 -10.34 -6.09
CA ALA A 19 6.32 -10.28 -4.88
C ALA A 19 7.05 -10.93 -3.70
N ASP A 20 7.96 -11.83 -4.00
CA ASP A 20 8.80 -12.48 -2.98
C ASP A 20 9.89 -11.53 -2.51
N SER A 21 10.15 -10.52 -3.30
CA SER A 21 11.22 -9.59 -3.06
C SER A 21 10.73 -8.44 -2.17
N ILE A 22 9.44 -8.42 -1.90
CA ILE A 22 8.84 -7.36 -1.12
C ILE A 22 9.33 -7.43 0.34
N PRO A 23 9.88 -6.31 0.85
CA PRO A 23 10.39 -6.22 2.22
C PRO A 23 9.38 -6.64 3.30
N SER A 24 9.86 -7.39 4.26
CA SER A 24 9.07 -7.86 5.37
C SER A 24 9.22 -6.87 6.55
N ALA A 25 9.32 -5.63 6.20
CA ALA A 25 9.54 -4.57 7.13
C ALA A 25 8.26 -3.83 7.41
N SER A 26 8.32 -2.90 8.31
CA SER A 26 7.20 -2.10 8.66
C SER A 26 7.35 -0.81 7.89
N GLY A 27 6.28 -0.37 7.30
CA GLY A 27 6.34 0.82 6.54
C GLY A 27 5.10 1.01 5.75
N VAL A 28 5.22 1.74 4.70
CA VAL A 28 4.10 2.10 3.86
C VAL A 28 4.30 1.45 2.51
N TYR A 29 3.23 1.24 1.79
CA TYR A 29 3.32 0.73 0.45
C TYR A 29 2.22 1.34 -0.40
N ALA A 30 2.50 1.48 -1.66
CA ALA A 30 1.59 2.06 -2.61
C ALA A 30 1.38 1.10 -3.76
N VAL A 31 0.16 0.72 -3.99
CA VAL A 31 -0.18 -0.22 -5.03
C VAL A 31 -0.58 0.52 -6.29
N TYR A 32 0.18 0.27 -7.33
CA TYR A 32 -0.03 0.83 -8.63
C TYR A 32 -0.51 -0.24 -9.57
N ASP A 33 -1.51 0.05 -10.34
CA ASP A 33 -1.99 -0.92 -11.31
C ASP A 33 -1.06 -0.89 -12.52
N LYS A 34 -1.34 -1.69 -13.52
CA LYS A 34 -0.48 -1.80 -14.69
C LYS A 34 -0.53 -0.63 -15.66
N SER A 35 -1.30 0.35 -15.31
CA SER A 35 -1.31 1.63 -16.02
C SER A 35 -0.34 2.61 -15.35
N ASP A 36 0.32 2.13 -14.28
CA ASP A 36 1.25 2.90 -13.43
C ASP A 36 0.49 4.05 -12.80
N GLU A 37 -0.47 3.67 -12.01
CA GLU A 37 -1.34 4.58 -11.35
C GLU A 37 -1.63 4.11 -9.96
N LEU A 38 -1.79 5.04 -9.06
CA LEU A 38 -1.94 4.74 -7.66
C LEU A 38 -3.39 4.68 -7.27
N GLN A 39 -3.80 3.51 -6.85
CA GLN A 39 -5.15 3.31 -6.39
C GLN A 39 -5.23 3.03 -4.90
N PHE A 40 -4.20 2.46 -4.33
CA PHE A 40 -4.27 2.11 -2.92
C PHE A 40 -2.95 2.26 -2.22
N VAL A 41 -2.97 2.97 -1.13
CA VAL A 41 -1.81 3.07 -0.26
C VAL A 41 -2.16 2.46 1.07
N GLY A 42 -1.22 1.80 1.67
CA GLY A 42 -1.46 1.14 2.92
C GLY A 42 -0.22 1.07 3.73
N ILE A 43 -0.35 0.67 4.95
CA ILE A 43 0.76 0.56 5.88
C ILE A 43 0.69 -0.77 6.58
N SER A 44 1.82 -1.32 6.91
CA SER A 44 1.86 -2.62 7.51
C SER A 44 3.10 -2.75 8.39
N ARG A 45 3.08 -3.73 9.27
CA ARG A 45 4.21 -4.05 10.11
C ARG A 45 5.14 -4.98 9.33
N ASN A 46 4.57 -5.66 8.36
CA ASN A 46 5.31 -6.56 7.51
C ASN A 46 4.72 -6.41 6.12
N ILE A 47 5.23 -5.43 5.38
CA ILE A 47 4.74 -5.02 4.05
C ILE A 47 4.41 -6.21 3.13
N ALA A 48 5.39 -7.11 2.97
CA ALA A 48 5.27 -8.30 2.11
C ALA A 48 3.99 -9.10 2.31
N ALA A 49 3.57 -9.22 3.56
CA ALA A 49 2.43 -10.05 3.90
C ALA A 49 1.15 -9.42 3.38
N SER A 50 0.97 -8.16 3.70
CA SER A 50 -0.20 -7.43 3.29
C SER A 50 -0.26 -7.33 1.75
N VAL A 51 0.88 -6.97 1.15
CA VAL A 51 0.97 -6.83 -0.30
C VAL A 51 0.57 -8.11 -1.02
N SER A 52 1.24 -9.21 -0.70
CA SER A 52 0.99 -10.47 -1.37
C SER A 52 -0.44 -10.96 -1.12
N ALA A 53 -0.93 -10.80 0.13
CA ALA A 53 -2.25 -11.28 0.51
C ALA A 53 -3.35 -10.71 -0.36
N HIS A 54 -3.41 -9.39 -0.47
CA HIS A 54 -4.49 -8.80 -1.26
C HIS A 54 -4.25 -8.85 -2.75
N LEU A 55 -3.00 -8.91 -3.18
CA LEU A 55 -2.72 -8.95 -4.62
C LEU A 55 -3.01 -10.32 -5.21
N LYS A 56 -2.89 -11.37 -4.42
CA LYS A 56 -3.23 -12.68 -4.92
C LYS A 56 -4.71 -12.96 -4.76
N SER A 57 -5.36 -12.27 -3.84
CA SER A 57 -6.79 -12.39 -3.65
C SER A 57 -7.54 -11.71 -4.80
N VAL A 58 -7.09 -10.50 -5.12
CA VAL A 58 -7.64 -9.75 -6.22
C VAL A 58 -6.51 -9.04 -7.00
N PRO A 59 -5.98 -9.70 -8.03
CA PRO A 59 -4.86 -9.20 -8.85
C PRO A 59 -5.26 -8.09 -9.83
N GLU A 60 -6.25 -7.30 -9.48
CA GLU A 60 -6.74 -6.25 -10.35
C GLU A 60 -5.72 -5.12 -10.44
N LEU A 61 -5.16 -4.77 -9.30
CA LEU A 61 -4.20 -3.68 -9.23
C LEU A 61 -2.77 -4.18 -9.43
N CYS A 62 -2.65 -5.33 -10.03
CA CYS A 62 -1.35 -5.87 -10.33
C CYS A 62 -0.65 -5.11 -11.44
N GLY A 63 0.23 -4.24 -11.05
CA GLY A 63 1.06 -3.52 -11.97
C GLY A 63 2.42 -3.31 -11.38
N SER A 64 2.45 -2.64 -10.26
CA SER A 64 3.67 -2.39 -9.54
C SER A 64 3.34 -1.93 -8.13
N VAL A 65 4.26 -2.02 -7.25
CA VAL A 65 4.06 -1.63 -5.90
C VAL A 65 5.27 -0.85 -5.41
N LYS A 66 5.03 0.21 -4.71
CA LYS A 66 6.09 0.99 -4.13
C LYS A 66 6.12 0.73 -2.65
N VAL A 67 7.27 0.53 -2.10
CA VAL A 67 7.39 0.26 -0.67
C VAL A 67 8.25 1.31 -0.01
N GLY A 68 7.78 1.86 1.07
CA GLY A 68 8.53 2.85 1.74
C GLY A 68 8.93 2.42 3.09
N ILE A 69 10.20 2.13 3.23
CA ILE A 69 10.74 1.78 4.49
C ILE A 69 11.03 3.05 5.25
N VAL A 70 10.29 3.25 6.28
CA VAL A 70 10.46 4.39 7.12
C VAL A 70 10.97 3.87 8.46
N GLU A 71 11.83 4.62 9.10
CA GLU A 71 12.50 4.12 10.28
C GLU A 71 11.80 4.53 11.56
N GLU A 72 10.66 5.19 11.42
CA GLU A 72 9.85 5.55 12.55
C GLU A 72 8.81 4.44 12.71
N PRO A 73 8.88 3.66 13.79
CA PRO A 73 8.07 2.45 13.94
C PRO A 73 6.65 2.64 14.49
N ASP A 74 6.20 3.86 14.63
CA ASP A 74 4.91 4.07 15.26
C ASP A 74 3.80 4.25 14.24
N LYS A 75 2.62 3.79 14.61
CA LYS A 75 1.40 3.86 13.80
C LYS A 75 1.09 5.29 13.36
N ALA A 76 1.39 6.25 14.22
CA ALA A 76 1.10 7.65 13.93
C ALA A 76 1.92 8.12 12.77
N VAL A 77 3.18 7.77 12.76
CA VAL A 77 4.07 8.19 11.71
C VAL A 77 3.76 7.44 10.43
N LEU A 78 3.40 6.17 10.59
CA LEU A 78 3.00 5.34 9.45
C LEU A 78 1.76 5.96 8.79
N THR A 79 0.81 6.36 9.60
CA THR A 79 -0.42 6.95 9.11
C THR A 79 -0.16 8.38 8.57
N GLN A 80 0.80 9.07 9.17
CA GLN A 80 1.24 10.37 8.73
C GLN A 80 1.84 10.26 7.33
N ALA A 81 2.70 9.28 7.15
CA ALA A 81 3.32 9.02 5.87
C ALA A 81 2.27 8.60 4.86
N TRP A 82 1.34 7.75 5.30
CA TRP A 82 0.20 7.31 4.49
C TRP A 82 -0.50 8.52 3.87
N LYS A 83 -0.71 9.55 4.70
CA LYS A 83 -1.32 10.80 4.27
C LYS A 83 -0.46 11.49 3.25
N LEU A 84 0.83 11.64 3.56
CA LEU A 84 1.77 12.30 2.67
C LEU A 84 1.74 11.66 1.28
N TRP A 85 1.81 10.35 1.28
CA TRP A 85 1.80 9.55 0.06
C TRP A 85 0.53 9.71 -0.74
N ILE A 86 -0.62 9.49 -0.07
CA ILE A 86 -1.90 9.57 -0.75
C ILE A 86 -2.10 10.96 -1.33
N GLU A 87 -1.74 11.99 -0.55
CA GLU A 87 -1.87 13.36 -0.99
C GLU A 87 -1.13 13.58 -2.29
N GLU A 88 0.11 13.12 -2.36
CA GLU A 88 0.93 13.34 -3.53
C GLU A 88 0.29 12.80 -4.80
N HIS A 89 -0.22 11.59 -4.77
CA HIS A 89 -0.76 11.03 -6.00
C HIS A 89 -2.18 11.49 -6.28
N ILE A 90 -2.95 11.80 -5.25
CA ILE A 90 -4.33 12.21 -5.47
C ILE A 90 -4.43 13.61 -5.96
N LYS A 91 -3.48 14.38 -5.61
CA LYS A 91 -3.43 15.74 -6.08
C LYS A 91 -2.94 15.82 -7.52
N VAL A 92 -2.06 14.88 -7.91
CA VAL A 92 -1.60 14.86 -9.29
C VAL A 92 -2.52 14.06 -10.25
N THR A 93 -2.95 12.85 -9.86
CA THR A 93 -3.79 12.09 -10.76
C THR A 93 -5.29 12.18 -10.39
N GLY A 94 -5.57 12.58 -9.16
CA GLY A 94 -6.96 12.82 -8.72
C GLY A 94 -7.84 11.61 -8.63
N LYS A 95 -7.28 10.49 -8.26
CA LYS A 95 -8.05 9.26 -8.21
C LYS A 95 -8.89 9.19 -6.94
N VAL A 96 -8.24 8.91 -5.82
CA VAL A 96 -8.89 8.69 -4.52
C VAL A 96 -9.96 7.56 -4.68
N PRO A 97 -9.52 6.31 -4.89
CA PRO A 97 -10.43 5.18 -5.10
C PRO A 97 -10.99 4.61 -3.79
N PRO A 98 -12.16 3.92 -3.86
CA PRO A 98 -12.87 3.35 -2.69
C PRO A 98 -11.98 2.52 -1.76
N GLY A 99 -11.03 1.79 -2.35
CA GLY A 99 -10.12 0.94 -1.59
C GLY A 99 -9.22 1.73 -0.68
N ASN A 100 -8.90 2.92 -1.09
CA ASN A 100 -7.99 3.74 -0.35
C ASN A 100 -8.78 4.65 0.59
N LYS A 101 -9.98 4.98 0.18
CA LYS A 101 -10.87 5.84 0.93
C LYS A 101 -11.42 5.16 2.17
N SER A 102 -12.00 4.02 1.96
CA SER A 102 -12.67 3.32 3.01
C SER A 102 -11.93 2.04 3.35
N GLY A 103 -12.09 1.58 4.57
CA GLY A 103 -11.35 0.41 5.03
C GLY A 103 -12.05 -0.90 4.75
N ASN A 104 -13.10 -0.87 3.97
CA ASN A 104 -13.78 -2.09 3.60
C ASN A 104 -13.71 -2.30 2.12
N ASN A 105 -12.95 -3.29 1.74
CA ASN A 105 -12.75 -3.70 0.36
C ASN A 105 -11.81 -4.88 0.43
N THR A 106 -11.77 -5.71 -0.60
CA THR A 106 -10.92 -6.90 -0.63
C THR A 106 -9.43 -6.53 -0.41
N PHE A 107 -9.04 -5.35 -0.89
CA PHE A 107 -7.66 -4.88 -0.71
C PHE A 107 -7.35 -4.49 0.73
N VAL A 108 -8.37 -4.39 1.57
CA VAL A 108 -8.15 -4.00 2.95
C VAL A 108 -8.62 -5.14 3.88
N LYS A 109 -8.96 -6.27 3.29
CA LYS A 109 -9.44 -7.42 4.05
C LYS A 109 -8.31 -8.36 4.43
N VAL A 110 -7.17 -7.82 4.75
CA VAL A 110 -6.05 -8.63 5.11
C VAL A 110 -6.08 -8.95 6.60
N THR A 111 -6.84 -9.95 6.93
CA THR A 111 -6.83 -10.50 8.25
C THR A 111 -5.80 -11.64 8.17
N LEU A 112 -5.17 -12.02 9.27
CA LEU A 112 -4.12 -13.04 9.18
C LEU A 112 -4.70 -14.39 8.80
N GLU A 113 -5.76 -14.76 9.46
CA GLU A 113 -6.45 -15.99 9.14
C GLU A 113 -7.66 -15.71 8.27
N HIS A 114 -7.55 -14.68 7.41
CA HIS A 114 -8.64 -14.37 6.49
C HIS A 114 -8.72 -15.50 5.50
N HIS A 115 -7.54 -15.94 5.06
CA HIS A 115 -7.45 -17.11 4.25
C HIS A 115 -7.55 -18.28 5.21
N HIS A 116 -8.46 -19.15 4.98
CA HIS A 116 -8.58 -20.30 5.83
C HIS A 116 -7.95 -21.46 5.12
N HIS A 117 -6.85 -21.96 5.68
CA HIS A 117 -6.05 -23.02 5.06
C HIS A 117 -6.89 -24.26 4.78
N HIS A 118 -7.82 -24.53 5.65
CA HIS A 118 -8.75 -25.59 5.43
C HIS A 118 -10.00 -24.97 4.85
N HIS A 119 -10.06 -24.89 3.57
CA HIS A 119 -11.22 -24.33 2.93
C HIS A 119 -12.19 -25.46 2.70
#